data_1Q1O
#
_entry.id   1Q1O
#
_entity_poly.entity_id   1
_entity_poly.type   'polypeptide(L)'
_entity_poly.pdbx_seq_one_letter_code
;GPLGSILFRISYNNNSNNTSSSEIFTLLVEKVWNFDDLIMAINSKISNTHNNNISPITKIKYQDEDGDFVVLGSDEDWNV
AKEMLAENNEKFLNIRLY
;
_entity_poly.pdbx_strand_id   A
#
# COMPACT_ATOMS: atom_id res chain seq x y z
N GLY A 1 16.13 -1.08 -10.70
CA GLY A 1 15.10 -1.47 -11.72
C GLY A 1 14.04 -2.37 -11.15
N PRO A 2 13.58 -3.39 -11.92
CA PRO A 2 12.55 -4.33 -11.46
C PRO A 2 13.06 -5.24 -10.35
N LEU A 3 14.38 -5.33 -10.21
CA LEU A 3 14.99 -6.17 -9.19
C LEU A 3 14.96 -5.47 -7.83
N GLY A 4 14.55 -6.21 -6.80
CA GLY A 4 14.48 -5.65 -5.47
C GLY A 4 13.38 -4.62 -5.32
N SER A 5 12.14 -5.04 -5.60
CA SER A 5 10.99 -4.15 -5.49
C SER A 5 9.71 -4.94 -5.28
N ILE A 6 8.66 -4.25 -4.82
CA ILE A 6 7.37 -4.89 -4.58
C ILE A 6 6.23 -4.06 -5.14
N LEU A 7 5.35 -4.69 -5.91
CA LEU A 7 4.22 -4.00 -6.50
C LEU A 7 3.15 -3.72 -5.45
N PHE A 8 2.98 -2.45 -5.10
CA PHE A 8 2.00 -2.05 -4.09
C PHE A 8 0.78 -1.41 -4.75
N ARG A 9 -0.39 -1.90 -4.38
CA ARG A 9 -1.64 -1.38 -4.93
C ARG A 9 -2.43 -0.62 -3.85
N ILE A 10 -2.85 0.60 -4.18
CA ILE A 10 -3.60 1.41 -3.23
C ILE A 10 -4.93 1.87 -3.82
N SER A 11 -6.01 1.24 -3.40
CA SER A 11 -7.34 1.59 -3.89
C SER A 11 -7.86 2.83 -3.18
N TYR A 12 -7.29 3.98 -3.53
CA TYR A 12 -7.69 5.25 -2.93
C TYR A 12 -9.14 5.57 -3.22
N ASN A 13 -9.97 5.56 -2.17
CA ASN A 13 -11.39 5.84 -2.31
C ASN A 13 -11.69 7.32 -2.02
N ASN A 14 -12.77 7.81 -2.58
CA ASN A 14 -13.18 9.20 -2.39
C ASN A 14 -13.93 9.38 -1.08
N ASN A 15 -15.07 8.71 -0.98
CA ASN A 15 -15.90 8.80 0.22
C ASN A 15 -16.56 7.46 0.53
N SER A 16 -16.23 6.45 -0.27
CA SER A 16 -16.79 5.11 -0.10
C SER A 16 -18.30 5.14 -0.16
N ASN A 17 -18.85 5.02 -1.37
CA ASN A 17 -20.30 5.03 -1.56
C ASN A 17 -20.70 4.24 -2.80
N ASN A 18 -21.93 4.43 -3.25
CA ASN A 18 -22.44 3.73 -4.42
C ASN A 18 -21.71 4.19 -5.69
N THR A 19 -21.02 5.33 -5.58
CA THR A 19 -20.28 5.87 -6.71
C THR A 19 -19.17 6.81 -6.24
N SER A 20 -17.94 6.51 -6.64
CA SER A 20 -16.79 7.32 -6.25
C SER A 20 -15.60 7.06 -7.17
N SER A 21 -15.67 5.96 -7.92
CA SER A 21 -14.60 5.59 -8.85
C SER A 21 -13.26 5.49 -8.13
N SER A 22 -13.00 4.32 -7.54
CA SER A 22 -11.76 4.08 -6.83
C SER A 22 -10.57 4.03 -7.78
N GLU A 23 -9.42 4.51 -7.33
CA GLU A 23 -8.20 4.52 -8.13
C GLU A 23 -7.10 3.74 -7.44
N ILE A 24 -6.56 2.74 -8.14
CA ILE A 24 -5.50 1.92 -7.58
C ILE A 24 -4.15 2.25 -8.21
N PHE A 25 -3.25 2.81 -7.41
CA PHE A 25 -1.92 3.18 -7.89
C PHE A 25 -0.94 2.02 -7.71
N THR A 26 0.07 1.98 -8.58
CA THR A 26 1.07 0.91 -8.52
C THR A 26 2.48 1.49 -8.43
N LEU A 27 3.09 1.36 -7.26
CA LEU A 27 4.45 1.87 -7.05
C LEU A 27 5.36 0.75 -6.58
N LEU A 28 6.61 0.79 -7.04
CA LEU A 28 7.60 -0.22 -6.67
C LEU A 28 8.24 0.09 -5.31
N VAL A 29 7.76 -0.58 -4.27
CA VAL A 29 8.29 -0.38 -2.93
C VAL A 29 9.59 -1.15 -2.74
N GLU A 30 10.66 -0.43 -2.46
CA GLU A 30 11.98 -1.04 -2.25
C GLU A 30 12.01 -1.83 -0.94
N LYS A 31 13.00 -2.70 -0.83
CA LYS A 31 13.16 -3.53 0.38
C LYS A 31 14.01 -2.80 1.41
N VAL A 32 14.63 -1.70 0.99
CA VAL A 32 15.49 -0.92 1.88
C VAL A 32 14.70 0.24 2.50
N TRP A 33 13.38 0.15 2.43
CA TRP A 33 12.51 1.19 2.98
C TRP A 33 12.05 0.83 4.39
N ASN A 34 11.19 1.67 4.94
CA ASN A 34 10.65 1.45 6.28
C ASN A 34 9.16 1.73 6.31
N PHE A 35 8.56 1.64 7.49
CA PHE A 35 7.12 1.89 7.64
C PHE A 35 6.80 3.35 7.31
N ASP A 36 7.64 4.26 7.78
CA ASP A 36 7.44 5.68 7.54
C ASP A 36 7.69 6.02 6.07
N ASP A 37 8.76 5.47 5.51
CA ASP A 37 9.10 5.71 4.11
C ASP A 37 8.04 5.13 3.19
N LEU A 38 7.32 4.12 3.68
CA LEU A 38 6.27 3.47 2.89
C LEU A 38 5.03 4.36 2.82
N ILE A 39 4.55 4.78 3.99
CA ILE A 39 3.36 5.63 4.06
C ILE A 39 3.62 6.98 3.38
N MET A 40 4.89 7.37 3.31
CA MET A 40 5.26 8.64 2.69
C MET A 40 5.12 8.55 1.17
N ALA A 41 5.54 7.43 0.60
CA ALA A 41 5.45 7.23 -0.84
C ALA A 41 4.01 7.24 -1.31
N ILE A 42 3.12 6.65 -0.50
CA ILE A 42 1.71 6.60 -0.84
C ILE A 42 1.09 7.99 -0.86
N ASN A 43 1.48 8.83 0.09
CA ASN A 43 0.96 10.19 0.18
C ASN A 43 1.25 10.96 -1.11
N SER A 44 2.49 10.90 -1.56
CA SER A 44 2.89 11.59 -2.79
C SER A 44 2.11 11.07 -3.99
N LYS A 45 1.73 9.79 -3.92
CA LYS A 45 0.99 9.16 -5.00
C LYS A 45 -0.39 9.79 -5.15
N ILE A 46 -0.98 10.19 -4.02
CA ILE A 46 -2.30 10.80 -4.02
C ILE A 46 -2.24 12.23 -4.57
N SER A 47 -1.11 12.90 -4.31
CA SER A 47 -0.92 14.27 -4.78
C SER A 47 -0.34 14.29 -6.19
N ASN A 48 0.13 13.13 -6.64
CA ASN A 48 0.72 12.99 -7.96
C ASN A 48 -0.35 13.07 -9.05
N THR A 49 -1.54 12.56 -8.75
CA THR A 49 -2.64 12.57 -9.70
C THR A 49 -3.68 13.63 -9.33
N HIS A 50 -4.06 13.66 -8.06
CA HIS A 50 -5.04 14.63 -7.58
C HIS A 50 -4.38 15.97 -7.29
N ASN A 51 -4.85 17.02 -7.96
CA ASN A 51 -4.30 18.35 -7.77
C ASN A 51 -4.59 18.87 -6.36
N ASN A 52 -5.70 18.41 -5.79
CA ASN A 52 -6.09 18.83 -4.45
C ASN A 52 -5.18 18.21 -3.40
N ASN A 53 -5.45 18.53 -2.13
CA ASN A 53 -4.66 18.01 -1.03
C ASN A 53 -5.55 17.47 0.08
N ILE A 54 -5.79 16.17 0.07
CA ILE A 54 -6.63 15.54 1.08
C ILE A 54 -5.87 15.35 2.38
N SER A 55 -6.56 14.81 3.38
CA SER A 55 -5.96 14.57 4.69
C SER A 55 -4.82 13.56 4.59
N PRO A 56 -3.72 13.79 5.33
CA PRO A 56 -2.57 12.89 5.32
C PRO A 56 -2.91 11.50 5.86
N ILE A 57 -2.78 10.48 5.02
CA ILE A 57 -3.07 9.11 5.41
C ILE A 57 -1.94 8.54 6.28
N THR A 58 -2.33 7.75 7.28
CA THR A 58 -1.36 7.14 8.18
C THR A 58 -1.80 5.75 8.60
N LYS A 59 -2.81 5.21 7.94
CA LYS A 59 -3.33 3.89 8.26
C LYS A 59 -3.77 3.16 6.99
N ILE A 60 -3.14 2.02 6.73
CA ILE A 60 -3.46 1.21 5.55
C ILE A 60 -3.49 -0.27 5.89
N LYS A 61 -4.34 -1.02 5.20
CA LYS A 61 -4.45 -2.46 5.44
C LYS A 61 -3.93 -3.25 4.26
N TYR A 62 -3.06 -4.22 4.53
CA TYR A 62 -2.48 -5.04 3.48
C TYR A 62 -3.14 -6.43 3.46
N GLN A 63 -3.03 -7.11 2.33
CA GLN A 63 -3.61 -8.44 2.18
C GLN A 63 -2.65 -9.52 2.69
N ASP A 64 -3.17 -10.40 3.54
CA ASP A 64 -2.37 -11.48 4.10
C ASP A 64 -2.45 -12.73 3.22
N GLU A 65 -2.11 -13.88 3.81
CA GLU A 65 -2.14 -15.14 3.08
C GLU A 65 -3.56 -15.66 2.92
N ASP A 66 -4.44 -15.27 3.84
CA ASP A 66 -5.84 -15.70 3.79
C ASP A 66 -6.64 -14.86 2.80
N GLY A 67 -6.25 -13.60 2.65
CA GLY A 67 -6.94 -12.72 1.72
C GLY A 67 -7.67 -11.59 2.42
N ASP A 68 -7.60 -11.58 3.75
CA ASP A 68 -8.25 -10.55 4.55
C ASP A 68 -7.33 -9.34 4.74
N PHE A 69 -7.93 -8.18 4.94
CA PHE A 69 -7.18 -6.94 5.13
C PHE A 69 -6.76 -6.78 6.59
N VAL A 70 -5.46 -6.86 6.84
CA VAL A 70 -4.93 -6.72 8.20
C VAL A 70 -4.35 -5.33 8.42
N VAL A 71 -4.58 -4.77 9.60
CA VAL A 71 -4.08 -3.45 9.94
C VAL A 71 -2.56 -3.40 9.90
N LEU A 72 -2.02 -2.25 9.51
CA LEU A 72 -0.58 -2.05 9.44
C LEU A 72 -0.20 -0.64 9.88
N GLY A 73 0.14 -0.50 11.15
CA GLY A 73 0.51 0.81 11.68
C GLY A 73 1.75 0.75 12.56
N SER A 74 2.46 -0.37 12.50
CA SER A 74 3.67 -0.55 13.28
C SER A 74 4.85 -0.91 12.39
N ASP A 75 6.07 -0.70 12.92
CA ASP A 75 7.28 -1.01 12.17
C ASP A 75 7.44 -2.51 11.98
N GLU A 76 7.22 -3.26 13.06
CA GLU A 76 7.32 -4.72 13.01
C GLU A 76 6.33 -5.32 12.03
N ASP A 77 5.20 -4.64 11.85
CA ASP A 77 4.16 -5.11 10.94
C ASP A 77 4.67 -5.09 9.50
N TRP A 78 5.55 -4.15 9.20
CA TRP A 78 6.13 -4.02 7.87
C TRP A 78 7.18 -5.11 7.63
N ASN A 79 7.95 -5.42 8.67
CA ASN A 79 8.99 -6.43 8.58
C ASN A 79 8.38 -7.79 8.26
N VAL A 80 7.30 -8.13 8.94
CA VAL A 80 6.61 -9.39 8.73
C VAL A 80 5.98 -9.44 7.34
N ALA A 81 5.53 -8.29 6.87
CA ALA A 81 4.90 -8.20 5.55
C ALA A 81 5.87 -8.67 4.47
N LYS A 82 7.14 -8.31 4.61
CA LYS A 82 8.17 -8.71 3.66
C LYS A 82 8.42 -10.22 3.74
N GLU A 83 8.45 -10.73 4.96
CA GLU A 83 8.68 -12.16 5.18
C GLU A 83 7.48 -12.97 4.69
N MET A 84 6.34 -12.30 4.55
CA MET A 84 5.13 -12.95 4.08
C MET A 84 5.23 -13.27 2.59
N LEU A 85 5.54 -12.25 1.80
CA LEU A 85 5.68 -12.39 0.36
C LEU A 85 6.94 -13.18 0.02
N ALA A 86 7.88 -13.21 0.96
CA ALA A 86 9.14 -13.92 0.76
C ALA A 86 8.93 -15.42 0.69
N GLU A 87 8.25 -15.96 1.71
CA GLU A 87 7.97 -17.39 1.76
C GLU A 87 6.90 -17.79 0.75
N ASN A 88 5.94 -16.88 0.53
CA ASN A 88 4.86 -17.13 -0.42
C ASN A 88 5.33 -16.90 -1.85
N ASN A 89 6.58 -16.47 -1.99
CA ASN A 89 7.16 -16.20 -3.31
C ASN A 89 6.33 -15.16 -4.06
N GLU A 90 5.56 -14.37 -3.32
CA GLU A 90 4.71 -13.34 -3.92
C GLU A 90 5.55 -12.24 -4.56
N LYS A 91 4.90 -11.17 -4.98
CA LYS A 91 5.56 -10.05 -5.62
C LYS A 91 4.73 -8.78 -5.51
N PHE A 92 3.41 -8.94 -5.43
CA PHE A 92 2.51 -7.81 -5.32
C PHE A 92 1.73 -7.85 -4.00
N LEU A 93 0.94 -6.82 -3.74
CA LEU A 93 0.16 -6.75 -2.52
C LEU A 93 -1.02 -5.79 -2.67
N ASN A 94 -2.16 -6.15 -2.09
CA ASN A 94 -3.36 -5.33 -2.17
C ASN A 94 -3.56 -4.54 -0.88
N ILE A 95 -3.59 -3.22 -1.00
CA ILE A 95 -3.78 -2.35 0.15
C ILE A 95 -5.07 -1.54 0.03
N ARG A 96 -5.70 -1.27 1.17
CA ARG A 96 -6.94 -0.50 1.18
C ARG A 96 -6.75 0.81 1.93
N LEU A 97 -7.37 1.86 1.42
CA LEU A 97 -7.28 3.18 2.03
C LEU A 97 -8.45 3.42 2.97
N TYR A 98 -8.19 4.12 4.09
CA TYR A 98 -9.23 4.41 5.06
C TYR A 98 -9.19 5.87 5.49
N GLY A 1 7.55 -8.33 -11.39
CA GLY A 1 8.56 -7.33 -11.82
C GLY A 1 9.96 -7.90 -11.95
N PRO A 2 10.78 -7.38 -12.88
CA PRO A 2 12.15 -7.86 -13.08
C PRO A 2 13.10 -7.40 -11.97
N LEU A 3 12.74 -6.31 -11.31
CA LEU A 3 13.55 -5.76 -10.24
C LEU A 3 13.28 -6.48 -8.92
N GLY A 4 14.09 -6.18 -7.91
CA GLY A 4 13.93 -6.82 -6.61
C GLY A 4 13.10 -5.97 -5.66
N SER A 5 11.92 -5.54 -6.12
CA SER A 5 11.04 -4.73 -5.31
C SER A 5 9.69 -5.40 -5.11
N ILE A 6 8.73 -4.65 -4.59
CA ILE A 6 7.38 -5.18 -4.36
C ILE A 6 6.32 -4.20 -4.82
N LEU A 7 5.37 -4.68 -5.62
CA LEU A 7 4.29 -3.84 -6.13
C LEU A 7 3.28 -3.55 -5.02
N PHE A 8 2.85 -2.29 -4.93
CA PHE A 8 1.89 -1.89 -3.90
C PHE A 8 0.67 -1.20 -4.53
N ARG A 9 -0.44 -1.94 -4.58
CA ARG A 9 -1.68 -1.39 -5.13
C ARG A 9 -2.40 -0.57 -4.07
N ILE A 10 -2.82 0.63 -4.43
CA ILE A 10 -3.52 1.50 -3.49
C ILE A 10 -4.91 1.88 -4.00
N SER A 11 -5.92 1.16 -3.52
CA SER A 11 -7.30 1.41 -3.91
C SER A 11 -7.85 2.63 -3.18
N TYR A 12 -8.28 3.62 -3.94
CA TYR A 12 -8.83 4.84 -3.37
C TYR A 12 -10.29 5.03 -3.77
N ASN A 13 -11.17 5.17 -2.78
CA ASN A 13 -12.59 5.35 -3.03
C ASN A 13 -12.99 6.82 -2.89
N ASN A 14 -13.74 7.31 -3.87
CA ASN A 14 -14.19 8.70 -3.85
C ASN A 14 -15.48 8.84 -3.06
N ASN A 15 -16.50 8.07 -3.43
CA ASN A 15 -17.79 8.11 -2.74
C ASN A 15 -18.22 6.71 -2.33
N SER A 16 -17.38 6.03 -1.56
CA SER A 16 -17.68 4.68 -1.09
C SER A 16 -17.94 3.75 -2.28
N ASN A 17 -17.26 4.00 -3.38
CA ASN A 17 -17.42 3.19 -4.59
C ASN A 17 -18.87 3.18 -5.06
N ASN A 18 -19.27 4.26 -5.73
CA ASN A 18 -20.64 4.38 -6.24
C ASN A 18 -20.87 3.44 -7.42
N THR A 19 -20.06 3.61 -8.46
CA THR A 19 -20.18 2.77 -9.65
C THR A 19 -18.81 2.30 -10.13
N SER A 20 -18.02 3.23 -10.67
CA SER A 20 -16.68 2.92 -11.16
C SER A 20 -15.77 4.12 -11.07
N SER A 21 -15.67 4.70 -9.87
CA SER A 21 -14.83 5.87 -9.64
C SER A 21 -13.61 5.51 -8.80
N SER A 22 -13.30 4.21 -8.75
CA SER A 22 -12.15 3.73 -7.98
C SER A 22 -10.86 3.88 -8.78
N GLU A 23 -9.77 4.19 -8.09
CA GLU A 23 -8.48 4.35 -8.73
C GLU A 23 -7.36 3.75 -7.88
N ILE A 24 -6.71 2.72 -8.43
CA ILE A 24 -5.62 2.04 -7.73
C ILE A 24 -4.27 2.44 -8.31
N PHE A 25 -3.33 2.78 -7.43
CA PHE A 25 -1.99 3.17 -7.86
C PHE A 25 -1.00 2.04 -7.67
N THR A 26 0.12 2.11 -8.39
CA THR A 26 1.16 1.09 -8.30
C THR A 26 2.49 1.71 -7.91
N LEU A 27 2.92 1.48 -6.67
CA LEU A 27 4.18 2.02 -6.18
C LEU A 27 5.21 0.91 -6.01
N LEU A 28 6.37 1.09 -6.63
CA LEU A 28 7.45 0.11 -6.54
C LEU A 28 8.20 0.26 -5.22
N VAL A 29 7.64 -0.32 -4.16
CA VAL A 29 8.25 -0.24 -2.83
C VAL A 29 9.52 -1.09 -2.76
N GLU A 30 10.60 -0.49 -2.27
CA GLU A 30 11.87 -1.20 -2.14
C GLU A 30 11.97 -1.90 -0.80
N LYS A 31 13.08 -2.60 -0.57
CA LYS A 31 13.30 -3.31 0.67
C LYS A 31 14.11 -2.47 1.65
N VAL A 32 14.83 -1.49 1.12
CA VAL A 32 15.65 -0.60 1.95
C VAL A 32 14.82 0.56 2.49
N TRP A 33 13.52 0.32 2.66
CA TRP A 33 12.61 1.34 3.17
C TRP A 33 12.11 1.00 4.56
N ASN A 34 11.30 1.89 5.12
CA ASN A 34 10.74 1.68 6.45
C ASN A 34 9.23 1.91 6.43
N PHE A 35 8.61 1.95 7.61
CA PHE A 35 7.18 2.17 7.72
C PHE A 35 6.82 3.61 7.36
N ASP A 36 7.54 4.55 7.96
CA ASP A 36 7.30 5.97 7.70
C ASP A 36 7.66 6.33 6.26
N ASP A 37 8.67 5.66 5.73
CA ASP A 37 9.12 5.91 4.36
C ASP A 37 8.10 5.39 3.36
N LEU A 38 7.41 4.31 3.74
CA LEU A 38 6.40 3.71 2.87
C LEU A 38 5.14 4.56 2.85
N ILE A 39 4.62 4.89 4.03
CA ILE A 39 3.42 5.70 4.15
C ILE A 39 3.61 7.07 3.50
N MET A 40 4.85 7.56 3.52
CA MET A 40 5.17 8.86 2.94
C MET A 40 5.17 8.78 1.40
N ALA A 41 5.69 7.67 0.88
CA ALA A 41 5.75 7.47 -0.56
C ALA A 41 4.35 7.40 -1.16
N ILE A 42 3.51 6.52 -0.59
CA ILE A 42 2.14 6.36 -1.07
C ILE A 42 1.38 7.68 -0.99
N ASN A 43 1.67 8.46 0.05
CA ASN A 43 1.01 9.75 0.24
C ASN A 43 1.27 10.66 -0.96
N SER A 44 2.52 10.67 -1.42
CA SER A 44 2.90 11.49 -2.56
C SER A 44 2.33 10.91 -3.85
N LYS A 45 1.97 9.63 -3.80
CA LYS A 45 1.40 8.95 -4.95
C LYS A 45 -0.04 9.40 -5.19
N ILE A 46 -0.70 9.79 -4.11
CA ILE A 46 -2.09 10.27 -4.21
C ILE A 46 -2.14 11.76 -4.52
N SER A 47 -1.10 12.48 -4.10
CA SER A 47 -1.02 13.91 -4.33
C SER A 47 -0.05 14.22 -5.47
N ASN A 48 -0.34 13.67 -6.65
CA ASN A 48 0.52 13.89 -7.81
C ASN A 48 -0.33 14.06 -9.08
N THR A 49 -1.36 13.24 -9.21
CA THR A 49 -2.23 13.30 -10.38
C THR A 49 -3.65 13.73 -9.99
N HIS A 50 -3.90 13.82 -8.69
CA HIS A 50 -5.21 14.23 -8.20
C HIS A 50 -5.40 15.74 -8.33
N ASN A 51 -6.45 16.25 -7.70
CA ASN A 51 -6.75 17.67 -7.75
C ASN A 51 -5.60 18.50 -7.18
N ASN A 52 -5.43 18.43 -5.86
CA ASN A 52 -4.35 19.17 -5.20
C ASN A 52 -3.72 18.34 -4.08
N ASN A 53 -4.45 18.22 -2.96
CA ASN A 53 -3.96 17.47 -1.81
C ASN A 53 -5.12 16.93 -0.98
N ILE A 54 -5.11 15.62 -0.75
CA ILE A 54 -6.16 14.97 0.03
C ILE A 54 -5.68 14.73 1.46
N SER A 55 -6.62 14.47 2.37
CA SER A 55 -6.29 14.22 3.76
C SER A 55 -5.39 13.00 3.90
N PRO A 56 -4.40 13.06 4.83
CA PRO A 56 -3.46 11.96 5.06
C PRO A 56 -4.18 10.66 5.44
N ILE A 57 -3.41 9.58 5.59
CA ILE A 57 -3.96 8.29 5.96
C ILE A 57 -3.41 7.80 7.29
N THR A 58 -2.10 7.57 7.34
CA THR A 58 -1.44 7.09 8.55
C THR A 58 -2.09 5.81 9.06
N LYS A 59 -2.80 5.12 8.17
CA LYS A 59 -3.48 3.88 8.52
C LYS A 59 -3.91 3.12 7.28
N ILE A 60 -3.06 2.20 6.82
CA ILE A 60 -3.35 1.41 5.64
C ILE A 60 -3.36 -0.08 5.96
N LYS A 61 -4.21 -0.84 5.28
CA LYS A 61 -4.32 -2.28 5.51
C LYS A 61 -3.76 -3.06 4.32
N TYR A 62 -2.99 -4.11 4.61
CA TYR A 62 -2.41 -4.94 3.56
C TYR A 62 -3.01 -6.34 3.58
N GLN A 63 -3.11 -6.95 2.40
CA GLN A 63 -3.67 -8.29 2.28
C GLN A 63 -2.69 -9.35 2.80
N ASP A 64 -3.23 -10.42 3.36
CA ASP A 64 -2.40 -11.49 3.90
C ASP A 64 -2.59 -12.77 3.08
N GLU A 65 -2.14 -13.89 3.64
CA GLU A 65 -2.27 -15.18 2.97
C GLU A 65 -3.72 -15.64 2.93
N ASP A 66 -4.48 -15.28 3.95
CA ASP A 66 -5.89 -15.66 4.03
C ASP A 66 -6.74 -14.81 3.10
N GLY A 67 -6.11 -13.82 2.46
CA GLY A 67 -6.82 -12.94 1.55
C GLY A 67 -7.47 -11.77 2.26
N ASP A 68 -7.51 -11.83 3.58
CA ASP A 68 -8.10 -10.77 4.39
C ASP A 68 -7.18 -9.55 4.44
N PHE A 69 -7.72 -8.44 4.97
CA PHE A 69 -6.95 -7.22 5.09
C PHE A 69 -6.59 -6.94 6.55
N VAL A 70 -5.30 -6.96 6.85
CA VAL A 70 -4.82 -6.72 8.21
C VAL A 70 -4.29 -5.29 8.36
N VAL A 71 -4.37 -4.77 9.57
CA VAL A 71 -3.90 -3.42 9.86
C VAL A 71 -2.37 -3.34 9.83
N LEU A 72 -1.86 -2.16 9.51
CA LEU A 72 -0.42 -1.94 9.44
C LEU A 72 -0.05 -0.56 9.98
N GLY A 73 0.38 -0.52 11.23
CA GLY A 73 0.75 0.75 11.84
C GLY A 73 1.98 0.63 12.73
N SER A 74 2.89 -0.25 12.34
CA SER A 74 4.12 -0.47 13.11
C SER A 74 5.24 -0.98 12.21
N ASP A 75 6.48 -0.63 12.55
CA ASP A 75 7.64 -1.07 11.78
C ASP A 75 7.70 -2.59 11.71
N GLU A 76 7.26 -3.25 12.78
CA GLU A 76 7.27 -4.70 12.83
C GLU A 76 6.30 -5.30 11.82
N ASP A 77 5.16 -4.62 11.62
CA ASP A 77 4.16 -5.08 10.67
C ASP A 77 4.73 -5.14 9.26
N TRP A 78 5.39 -4.06 8.85
CA TRP A 78 5.99 -3.99 7.53
C TRP A 78 7.08 -5.05 7.38
N ASN A 79 7.71 -5.40 8.49
CA ASN A 79 8.77 -6.41 8.50
C ASN A 79 8.19 -7.79 8.17
N VAL A 80 7.10 -8.14 8.87
CA VAL A 80 6.45 -9.43 8.65
C VAL A 80 5.83 -9.49 7.26
N ALA A 81 5.41 -8.33 6.75
CA ALA A 81 4.79 -8.25 5.43
C ALA A 81 5.78 -8.71 4.36
N LYS A 82 7.04 -8.30 4.50
CA LYS A 82 8.08 -8.67 3.56
C LYS A 82 8.33 -10.18 3.62
N GLU A 83 8.43 -10.71 4.83
CA GLU A 83 8.67 -12.12 5.03
C GLU A 83 7.50 -12.95 4.48
N MET A 84 6.33 -12.34 4.47
CA MET A 84 5.13 -13.00 3.96
C MET A 84 5.26 -13.30 2.48
N LEU A 85 5.53 -12.26 1.70
CA LEU A 85 5.71 -12.40 0.25
C LEU A 85 6.97 -13.19 -0.06
N ALA A 86 7.82 -13.35 0.94
CA ALA A 86 9.08 -14.08 0.78
C ALA A 86 8.84 -15.59 0.81
N GLU A 87 8.11 -16.05 1.82
CA GLU A 87 7.82 -17.48 1.96
C GLU A 87 6.61 -17.87 1.12
N ASN A 88 6.02 -16.89 0.45
CA ASN A 88 4.85 -17.13 -0.39
C ASN A 88 5.18 -16.92 -1.86
N ASN A 89 6.43 -16.55 -2.13
CA ASN A 89 6.88 -16.32 -3.50
C ASN A 89 6.02 -15.26 -4.18
N GLU A 90 5.34 -14.45 -3.38
CA GLU A 90 4.49 -13.39 -3.90
C GLU A 90 5.31 -12.31 -4.61
N LYS A 91 4.64 -11.30 -5.13
CA LYS A 91 5.30 -10.22 -5.83
C LYS A 91 4.56 -8.89 -5.64
N PHE A 92 3.25 -8.98 -5.44
CA PHE A 92 2.42 -7.80 -5.23
C PHE A 92 1.57 -7.94 -3.98
N LEU A 93 0.95 -6.83 -3.56
CA LEU A 93 0.10 -6.84 -2.38
C LEU A 93 -0.95 -5.74 -2.45
N ASN A 94 -2.21 -6.12 -2.31
CA ASN A 94 -3.32 -5.17 -2.36
C ASN A 94 -3.45 -4.41 -1.04
N ILE A 95 -3.65 -3.09 -1.14
CA ILE A 95 -3.80 -2.25 0.04
C ILE A 95 -5.12 -1.49 0.02
N ARG A 96 -5.68 -1.29 1.21
CA ARG A 96 -6.95 -0.59 1.34
C ARG A 96 -6.74 0.77 1.99
N LEU A 97 -7.38 1.79 1.43
CA LEU A 97 -7.27 3.16 1.96
C LEU A 97 -8.37 3.43 2.99
N TYR A 98 -8.03 4.26 3.98
CA TYR A 98 -8.98 4.60 5.03
C TYR A 98 -8.94 6.09 5.34
N GLY A 1 13.29 -3.19 -12.62
CA GLY A 1 13.82 -4.22 -11.68
C GLY A 1 12.84 -5.36 -11.46
N PRO A 2 13.05 -6.50 -12.16
CA PRO A 2 12.17 -7.67 -12.02
C PRO A 2 12.43 -8.46 -10.74
N LEU A 3 13.71 -8.63 -10.41
CA LEU A 3 14.09 -9.36 -9.21
C LEU A 3 14.24 -8.43 -8.02
N GLY A 4 13.13 -7.82 -7.61
CA GLY A 4 13.14 -6.91 -6.49
C GLY A 4 11.90 -6.05 -6.42
N SER A 5 11.86 -5.16 -5.43
CA SER A 5 10.72 -4.26 -5.24
C SER A 5 9.44 -5.04 -4.98
N ILE A 6 8.36 -4.31 -4.69
CA ILE A 6 7.07 -4.93 -4.42
C ILE A 6 5.93 -4.10 -5.01
N LEU A 7 5.02 -4.76 -5.71
CA LEU A 7 3.88 -4.09 -6.32
C LEU A 7 2.83 -3.76 -5.26
N PHE A 8 2.89 -2.54 -4.74
CA PHE A 8 1.95 -2.10 -3.71
C PHE A 8 0.72 -1.44 -4.33
N ARG A 9 -0.34 -2.23 -4.50
CA ARG A 9 -1.58 -1.72 -5.07
C ARG A 9 -2.31 -0.85 -4.06
N ILE A 10 -2.80 0.30 -4.51
CA ILE A 10 -3.50 1.22 -3.63
C ILE A 10 -4.89 1.57 -4.19
N SER A 11 -5.91 0.91 -3.68
CA SER A 11 -7.28 1.14 -4.12
C SER A 11 -7.91 2.28 -3.31
N TYR A 12 -7.64 3.51 -3.72
CA TYR A 12 -8.18 4.69 -3.03
C TYR A 12 -9.63 4.93 -3.44
N ASN A 13 -10.46 5.28 -2.47
CA ASN A 13 -11.87 5.55 -2.73
C ASN A 13 -12.25 6.96 -2.29
N ASN A 14 -12.54 7.82 -3.26
CA ASN A 14 -12.92 9.20 -2.97
C ASN A 14 -14.38 9.27 -2.52
N ASN A 15 -15.13 8.21 -2.79
CA ASN A 15 -16.54 8.16 -2.41
C ASN A 15 -16.75 7.16 -1.28
N SER A 16 -18.00 6.70 -1.13
CA SER A 16 -18.33 5.75 -0.08
C SER A 16 -19.12 4.57 -0.65
N ASN A 17 -20.22 4.87 -1.32
CA ASN A 17 -21.07 3.84 -1.91
C ASN A 17 -21.49 4.22 -3.33
N ASN A 18 -20.79 3.66 -4.31
CA ASN A 18 -21.10 3.93 -5.72
C ASN A 18 -21.02 2.66 -6.54
N THR A 19 -21.09 2.81 -7.86
CA THR A 19 -21.02 1.67 -8.78
C THR A 19 -19.59 1.24 -9.02
N SER A 20 -18.73 2.21 -9.32
CA SER A 20 -17.32 1.93 -9.58
C SER A 20 -16.49 3.22 -9.58
N SER A 21 -15.73 3.42 -8.51
CA SER A 21 -14.91 4.62 -8.38
C SER A 21 -13.60 4.30 -7.65
N SER A 22 -13.25 3.01 -7.62
CA SER A 22 -12.03 2.57 -6.95
C SER A 22 -10.84 2.64 -7.91
N GLU A 23 -9.83 3.41 -7.53
CA GLU A 23 -8.63 3.55 -8.34
C GLU A 23 -7.43 2.89 -7.68
N ILE A 24 -6.93 1.83 -8.30
CA ILE A 24 -5.79 1.09 -7.77
C ILE A 24 -4.47 1.60 -8.37
N PHE A 25 -3.55 2.00 -7.51
CA PHE A 25 -2.25 2.50 -7.95
C PHE A 25 -1.21 1.39 -7.92
N THR A 26 0.01 1.72 -8.35
CA THR A 26 1.09 0.76 -8.37
C THR A 26 2.40 1.39 -7.91
N LEU A 27 2.66 1.31 -6.60
CA LEU A 27 3.88 1.88 -6.02
C LEU A 27 4.93 0.81 -5.81
N LEU A 28 6.03 0.92 -6.54
CA LEU A 28 7.13 -0.04 -6.44
C LEU A 28 7.95 0.21 -5.16
N VAL A 29 7.49 -0.37 -4.06
CA VAL A 29 8.17 -0.21 -2.78
C VAL A 29 9.42 -1.09 -2.71
N GLU A 30 10.43 -0.62 -2.00
CA GLU A 30 11.68 -1.35 -1.86
C GLU A 30 11.64 -2.24 -0.62
N LYS A 31 12.64 -3.11 -0.49
CA LYS A 31 12.73 -4.01 0.65
C LYS A 31 13.56 -3.40 1.77
N VAL A 32 14.40 -2.44 1.42
CA VAL A 32 15.24 -1.76 2.40
C VAL A 32 14.55 -0.52 2.95
N TRP A 33 13.22 -0.53 2.91
CA TRP A 33 12.43 0.59 3.40
C TRP A 33 11.87 0.30 4.79
N ASN A 34 11.10 1.25 5.31
CA ASN A 34 10.49 1.11 6.63
C ASN A 34 9.00 1.43 6.57
N PHE A 35 8.39 1.65 7.74
CA PHE A 35 6.98 1.98 7.81
C PHE A 35 6.73 3.44 7.44
N ASP A 36 7.50 4.34 8.06
CA ASP A 36 7.37 5.77 7.80
C ASP A 36 7.71 6.08 6.35
N ASP A 37 8.71 5.38 5.81
CA ASP A 37 9.12 5.59 4.43
C ASP A 37 8.05 5.12 3.45
N LEU A 38 7.25 4.15 3.89
CA LEU A 38 6.18 3.61 3.06
C LEU A 38 5.06 4.63 2.90
N ILE A 39 4.60 5.18 4.02
CA ILE A 39 3.52 6.16 4.02
C ILE A 39 3.95 7.45 3.34
N MET A 40 5.26 7.68 3.28
CA MET A 40 5.80 8.88 2.65
C MET A 40 5.68 8.83 1.13
N ALA A 41 6.09 7.71 0.56
CA ALA A 41 6.03 7.53 -0.89
C ALA A 41 4.59 7.63 -1.39
N ILE A 42 3.67 7.00 -0.67
CA ILE A 42 2.26 7.03 -1.04
C ILE A 42 1.73 8.46 -1.07
N ASN A 43 2.03 9.22 -0.03
CA ASN A 43 1.59 10.60 0.06
C ASN A 43 2.09 11.42 -1.13
N SER A 44 3.33 11.17 -1.53
CA SER A 44 3.93 11.87 -2.66
C SER A 44 3.20 11.51 -3.96
N LYS A 45 2.69 10.29 -4.03
CA LYS A 45 1.96 9.83 -5.20
C LYS A 45 0.65 10.58 -5.37
N ILE A 46 0.05 10.97 -4.24
CA ILE A 46 -1.21 11.70 -4.26
C ILE A 46 -1.00 13.13 -4.72
N SER A 47 -0.08 13.83 -4.05
CA SER A 47 0.23 15.22 -4.38
C SER A 47 1.04 15.31 -5.67
N ASN A 48 0.39 15.07 -6.80
CA ASN A 48 1.05 15.12 -8.10
C ASN A 48 0.03 14.93 -9.22
N THR A 49 -0.97 14.10 -8.97
CA THR A 49 -2.00 13.83 -9.96
C THR A 49 -3.28 14.61 -9.65
N HIS A 50 -4.39 14.17 -10.22
CA HIS A 50 -5.68 14.82 -10.01
C HIS A 50 -5.64 16.28 -10.44
N ASN A 51 -6.64 17.06 -10.03
CA ASN A 51 -6.72 18.47 -10.38
C ASN A 51 -5.96 19.33 -9.36
N ASN A 52 -6.29 19.14 -8.08
CA ASN A 52 -5.64 19.90 -7.02
C ASN A 52 -5.01 18.97 -5.98
N ASN A 53 -5.82 18.52 -5.02
CA ASN A 53 -5.34 17.64 -3.97
C ASN A 53 -6.50 17.12 -3.12
N ILE A 54 -6.48 15.82 -2.83
CA ILE A 54 -7.52 15.20 -2.03
C ILE A 54 -7.05 14.94 -0.60
N SER A 55 -7.88 14.25 0.18
CA SER A 55 -7.55 13.94 1.56
C SER A 55 -6.27 13.10 1.65
N PRO A 56 -5.46 13.31 2.71
CA PRO A 56 -4.20 12.58 2.89
C PRO A 56 -4.43 11.16 3.38
N ILE A 57 -3.33 10.44 3.63
CA ILE A 57 -3.41 9.06 4.11
C ILE A 57 -2.76 8.93 5.49
N THR A 58 -3.14 7.88 6.22
CA THR A 58 -2.60 7.65 7.54
C THR A 58 -2.52 6.16 7.85
N LYS A 59 -3.66 5.46 7.75
CA LYS A 59 -3.72 4.03 8.03
C LYS A 59 -4.16 3.25 6.80
N ILE A 60 -3.58 2.06 6.63
CA ILE A 60 -3.91 1.20 5.50
C ILE A 60 -3.82 -0.27 5.89
N LYS A 61 -4.65 -1.09 5.26
CA LYS A 61 -4.67 -2.52 5.55
C LYS A 61 -4.06 -3.32 4.39
N TYR A 62 -3.08 -4.15 4.71
CA TYR A 62 -2.41 -4.97 3.70
C TYR A 62 -2.99 -6.39 3.70
N GLN A 63 -3.19 -6.93 2.50
CA GLN A 63 -3.73 -8.28 2.36
C GLN A 63 -2.70 -9.33 2.77
N ASP A 64 -3.08 -10.21 3.68
CA ASP A 64 -2.20 -11.27 4.15
C ASP A 64 -2.14 -12.42 3.14
N GLU A 65 -1.41 -13.47 3.50
CA GLU A 65 -1.28 -14.64 2.62
C GLU A 65 -2.57 -15.44 2.59
N ASP A 66 -3.54 -15.03 3.40
CA ASP A 66 -4.82 -15.71 3.47
C ASP A 66 -5.92 -14.85 2.84
N GLY A 67 -5.52 -13.79 2.16
CA GLY A 67 -6.47 -12.89 1.52
C GLY A 67 -7.27 -12.09 2.53
N ASP A 68 -6.78 -12.03 3.76
CA ASP A 68 -7.44 -11.28 4.81
C ASP A 68 -6.69 -9.99 5.13
N PHE A 69 -7.35 -8.86 4.88
CA PHE A 69 -6.74 -7.56 5.13
C PHE A 69 -6.48 -7.36 6.62
N VAL A 70 -5.24 -7.05 6.97
CA VAL A 70 -4.86 -6.83 8.36
C VAL A 70 -4.35 -5.41 8.58
N VAL A 71 -4.48 -4.92 9.80
CA VAL A 71 -4.04 -3.58 10.14
C VAL A 71 -2.52 -3.44 10.01
N LEU A 72 -2.07 -2.22 9.71
CA LEU A 72 -0.64 -1.96 9.55
C LEU A 72 -0.30 -0.56 10.05
N GLY A 73 0.13 -0.48 11.31
CA GLY A 73 0.49 0.80 11.90
C GLY A 73 1.71 0.71 12.78
N SER A 74 2.71 -0.03 12.32
CA SER A 74 3.95 -0.20 13.08
C SER A 74 5.10 -0.60 12.15
N ASP A 75 6.32 -0.40 12.62
CA ASP A 75 7.51 -0.73 11.84
C ASP A 75 7.66 -2.24 11.71
N GLU A 76 7.34 -2.96 12.79
CA GLU A 76 7.45 -4.41 12.79
C GLU A 76 6.44 -5.03 11.83
N ASP A 77 5.28 -4.39 11.71
CA ASP A 77 4.23 -4.87 10.81
C ASP A 77 4.73 -4.93 9.37
N TRP A 78 5.40 -3.86 8.95
CA TRP A 78 5.93 -3.78 7.60
C TRP A 78 6.98 -4.87 7.36
N ASN A 79 7.77 -5.15 8.39
CA ASN A 79 8.80 -6.18 8.31
C ASN A 79 8.18 -7.54 8.01
N VAL A 80 7.11 -7.86 8.73
CA VAL A 80 6.41 -9.13 8.54
C VAL A 80 5.83 -9.23 7.14
N ALA A 81 5.43 -8.08 6.60
CA ALA A 81 4.86 -8.02 5.26
C ALA A 81 5.87 -8.50 4.22
N LYS A 82 7.13 -8.11 4.42
CA LYS A 82 8.20 -8.50 3.51
C LYS A 82 8.41 -10.01 3.56
N GLU A 83 8.38 -10.57 4.77
CA GLU A 83 8.57 -12.00 4.95
C GLU A 83 7.38 -12.78 4.39
N MET A 84 6.21 -12.14 4.39
CA MET A 84 5.00 -12.76 3.88
C MET A 84 5.13 -13.05 2.39
N LEU A 85 5.61 -12.06 1.64
CA LEU A 85 5.80 -12.20 0.20
C LEU A 85 7.07 -13.00 -0.10
N ALA A 86 7.91 -13.15 0.91
CA ALA A 86 9.16 -13.88 0.76
C ALA A 86 8.93 -15.39 0.81
N GLU A 87 7.95 -15.81 1.60
CA GLU A 87 7.63 -17.22 1.74
C GLU A 87 6.41 -17.60 0.91
N ASN A 88 5.91 -16.64 0.13
CA ASN A 88 4.74 -16.87 -0.71
C ASN A 88 5.02 -16.49 -2.16
N ASN A 89 6.23 -16.01 -2.42
CA ASN A 89 6.63 -15.61 -3.76
C ASN A 89 5.72 -14.51 -4.31
N GLU A 90 4.94 -13.90 -3.41
CA GLU A 90 4.03 -12.84 -3.80
C GLU A 90 4.80 -11.61 -4.29
N LYS A 91 4.54 -11.19 -5.51
CA LYS A 91 5.20 -10.03 -6.09
C LYS A 91 4.29 -8.81 -6.08
N PHE A 92 3.22 -8.88 -5.30
CA PHE A 92 2.27 -7.78 -5.20
C PHE A 92 1.51 -7.84 -3.88
N LEU A 93 0.77 -6.78 -3.57
CA LEU A 93 0.00 -6.71 -2.34
C LEU A 93 -1.15 -5.72 -2.47
N ASN A 94 -2.38 -6.20 -2.25
CA ASN A 94 -3.56 -5.36 -2.34
C ASN A 94 -3.80 -4.61 -1.03
N ILE A 95 -3.82 -3.29 -1.10
CA ILE A 95 -4.04 -2.45 0.07
C ILE A 95 -5.36 -1.71 -0.01
N ARG A 96 -6.03 -1.57 1.12
CA ARG A 96 -7.31 -0.88 1.17
C ARG A 96 -7.17 0.47 1.90
N LEU A 97 -7.85 1.48 1.37
CA LEU A 97 -7.80 2.82 1.97
C LEU A 97 -8.87 2.98 3.04
N TYR A 98 -8.64 3.89 3.97
CA TYR A 98 -9.59 4.15 5.05
C TYR A 98 -9.68 5.64 5.37
N GLY A 1 11.96 -4.28 -11.19
CA GLY A 1 12.04 -5.49 -12.06
C GLY A 1 12.99 -6.53 -11.53
N PRO A 2 14.27 -6.53 -11.98
CA PRO A 2 15.27 -7.49 -11.51
C PRO A 2 15.60 -7.32 -10.04
N LEU A 3 15.39 -6.11 -9.53
CA LEU A 3 15.67 -5.80 -8.13
C LEU A 3 14.55 -6.30 -7.23
N GLY A 4 14.65 -6.03 -5.94
CA GLY A 4 13.64 -6.47 -5.00
C GLY A 4 12.55 -5.44 -4.80
N SER A 5 11.63 -5.36 -5.76
CA SER A 5 10.53 -4.40 -5.70
C SER A 5 9.19 -5.12 -5.54
N ILE A 6 8.26 -4.47 -4.84
CA ILE A 6 6.94 -5.04 -4.61
C ILE A 6 5.85 -4.10 -5.09
N LEU A 7 4.96 -4.60 -5.94
CA LEU A 7 3.87 -3.80 -6.47
C LEU A 7 2.82 -3.55 -5.39
N PHE A 8 2.84 -2.33 -4.84
CA PHE A 8 1.90 -1.95 -3.79
C PHE A 8 0.67 -1.26 -4.38
N ARG A 9 -0.46 -1.96 -4.35
CA ARG A 9 -1.71 -1.41 -4.87
C ARG A 9 -2.39 -0.55 -3.81
N ILE A 10 -2.76 0.67 -4.19
CA ILE A 10 -3.41 1.58 -3.26
C ILE A 10 -4.79 1.99 -3.75
N SER A 11 -5.82 1.29 -3.27
CA SER A 11 -7.19 1.57 -3.66
C SER A 11 -7.63 2.93 -3.12
N TYR A 12 -8.28 3.72 -3.98
CA TYR A 12 -8.73 5.05 -3.60
C TYR A 12 -10.09 5.34 -4.24
N ASN A 13 -11.13 5.38 -3.41
CA ASN A 13 -12.48 5.66 -3.90
C ASN A 13 -13.00 6.98 -3.36
N ASN A 14 -13.55 7.81 -4.25
CA ASN A 14 -14.09 9.11 -3.86
C ASN A 14 -15.37 8.96 -3.03
N ASN A 15 -16.40 8.41 -3.67
CA ASN A 15 -17.68 8.20 -2.99
C ASN A 15 -17.89 6.73 -2.65
N SER A 16 -18.28 5.95 -3.65
CA SER A 16 -18.53 4.53 -3.47
C SER A 16 -18.43 3.79 -4.80
N ASN A 17 -19.39 4.04 -5.68
CA ASN A 17 -19.43 3.40 -6.99
C ASN A 17 -20.45 4.06 -7.90
N ASN A 18 -21.19 5.01 -7.35
CA ASN A 18 -22.21 5.72 -8.11
C ASN A 18 -21.58 6.62 -9.18
N THR A 19 -20.36 7.08 -8.90
CA THR A 19 -19.65 7.94 -9.83
C THR A 19 -18.19 7.53 -9.96
N SER A 20 -17.63 7.70 -11.16
CA SER A 20 -16.24 7.35 -11.43
C SER A 20 -15.97 5.88 -11.11
N SER A 21 -14.70 5.51 -11.08
CA SER A 21 -14.31 4.14 -10.78
C SER A 21 -13.26 4.09 -9.67
N SER A 22 -12.73 2.89 -9.42
CA SER A 22 -11.72 2.71 -8.38
C SER A 22 -10.34 3.13 -8.89
N GLU A 23 -9.65 3.95 -8.11
CA GLU A 23 -8.33 4.43 -8.47
C GLU A 23 -7.24 3.76 -7.63
N ILE A 24 -6.63 2.72 -8.17
CA ILE A 24 -5.57 2.00 -7.46
C ILE A 24 -4.20 2.31 -8.06
N PHE A 25 -3.35 2.96 -7.26
CA PHE A 25 -2.01 3.32 -7.71
C PHE A 25 -1.05 2.14 -7.55
N THR A 26 0.02 2.16 -8.34
CA THR A 26 1.02 1.10 -8.28
C THR A 26 2.42 1.66 -8.03
N LEU A 27 2.98 1.34 -6.88
CA LEU A 27 4.32 1.83 -6.52
C LEU A 27 5.25 0.66 -6.23
N LEU A 28 6.47 0.73 -6.78
CA LEU A 28 7.46 -0.31 -6.57
C LEU A 28 8.20 -0.10 -5.26
N VAL A 29 7.59 -0.54 -4.16
CA VAL A 29 8.19 -0.40 -2.84
C VAL A 29 9.45 -1.24 -2.71
N GLU A 30 10.46 -0.70 -2.05
CA GLU A 30 11.73 -1.40 -1.85
C GLU A 30 11.78 -2.03 -0.46
N LYS A 31 12.44 -3.19 -0.38
CA LYS A 31 12.57 -3.89 0.90
C LYS A 31 13.51 -3.14 1.83
N VAL A 32 14.32 -2.24 1.27
CA VAL A 32 15.26 -1.45 2.06
C VAL A 32 14.55 -0.27 2.72
N TRP A 33 13.27 -0.13 2.43
CA TRP A 33 12.48 0.96 2.99
C TRP A 33 12.00 0.62 4.39
N ASN A 34 11.13 1.47 4.93
CA ASN A 34 10.58 1.26 6.27
C ASN A 34 9.09 1.58 6.30
N PHE A 35 8.53 1.67 7.51
CA PHE A 35 7.11 1.95 7.67
C PHE A 35 6.80 3.41 7.30
N ASP A 36 7.54 4.34 7.90
CA ASP A 36 7.35 5.76 7.64
C ASP A 36 7.71 6.11 6.21
N ASP A 37 8.77 5.49 5.69
CA ASP A 37 9.21 5.75 4.33
C ASP A 37 8.20 5.22 3.32
N LEU A 38 7.55 4.12 3.66
CA LEU A 38 6.56 3.52 2.77
C LEU A 38 5.30 4.40 2.67
N ILE A 39 4.74 4.75 3.83
CA ILE A 39 3.54 5.58 3.88
C ILE A 39 3.79 6.93 3.22
N MET A 40 5.04 7.37 3.20
CA MET A 40 5.40 8.64 2.60
C MET A 40 5.31 8.57 1.07
N ALA A 41 5.76 7.44 0.52
CA ALA A 41 5.73 7.24 -0.92
C ALA A 41 4.30 7.22 -1.45
N ILE A 42 3.38 6.70 -0.65
CA ILE A 42 1.97 6.62 -1.02
C ILE A 42 1.36 8.02 -1.14
N ASN A 43 1.57 8.83 -0.11
CA ASN A 43 1.05 10.20 -0.09
C ASN A 43 1.49 10.97 -1.33
N SER A 44 2.72 10.72 -1.77
CA SER A 44 3.27 11.38 -2.94
C SER A 44 2.54 10.94 -4.21
N LYS A 45 2.27 9.65 -4.30
CA LYS A 45 1.58 9.08 -5.46
C LYS A 45 0.21 9.72 -5.63
N ILE A 46 -0.39 10.14 -4.52
CA ILE A 46 -1.71 10.76 -4.55
C ILE A 46 -1.62 12.22 -5.01
N SER A 47 -0.54 12.88 -4.61
CA SER A 47 -0.33 14.28 -4.97
C SER A 47 0.14 14.39 -6.42
N ASN A 48 -0.81 14.38 -7.36
CA ASN A 48 -0.49 14.47 -8.77
C ASN A 48 -1.73 14.83 -9.59
N THR A 49 -2.89 14.36 -9.15
CA THR A 49 -4.14 14.62 -9.85
C THR A 49 -5.15 15.34 -8.95
N HIS A 50 -5.34 14.81 -7.74
CA HIS A 50 -6.28 15.39 -6.79
C HIS A 50 -5.79 16.76 -6.32
N ASN A 51 -6.73 17.59 -5.87
CA ASN A 51 -6.41 18.94 -5.39
C ASN A 51 -6.34 18.98 -3.87
N ASN A 52 -5.89 17.89 -3.26
CA ASN A 52 -5.79 17.81 -1.81
C ASN A 52 -7.11 18.14 -1.14
N ASN A 53 -8.13 17.33 -1.42
CA ASN A 53 -9.45 17.54 -0.85
C ASN A 53 -9.85 16.36 0.04
N ILE A 54 -8.86 15.57 0.45
CA ILE A 54 -9.11 14.41 1.29
C ILE A 54 -8.07 14.33 2.42
N SER A 55 -8.49 13.79 3.56
CA SER A 55 -7.60 13.65 4.70
C SER A 55 -6.42 12.74 4.38
N PRO A 56 -5.26 12.96 5.04
CA PRO A 56 -4.06 12.16 4.80
C PRO A 56 -4.23 10.72 5.25
N ILE A 57 -3.17 9.94 5.13
CA ILE A 57 -3.20 8.53 5.54
C ILE A 57 -2.36 8.29 6.79
N THR A 58 -2.90 7.51 7.72
CA THR A 58 -2.20 7.20 8.95
C THR A 58 -2.35 5.72 9.30
N LYS A 59 -2.99 4.98 8.39
CA LYS A 59 -3.20 3.55 8.59
C LYS A 59 -3.62 2.88 7.28
N ILE A 60 -2.91 1.81 6.92
CA ILE A 60 -3.21 1.08 5.70
C ILE A 60 -3.42 -0.40 5.98
N LYS A 61 -4.35 -1.01 5.24
CA LYS A 61 -4.66 -2.42 5.43
C LYS A 61 -4.06 -3.26 4.29
N TYR A 62 -3.14 -4.15 4.64
CA TYR A 62 -2.49 -5.01 3.66
C TYR A 62 -3.10 -6.40 3.66
N GLN A 63 -3.07 -7.06 2.50
CA GLN A 63 -3.62 -8.41 2.37
C GLN A 63 -2.73 -9.42 3.09
N ASP A 64 -3.36 -10.44 3.68
CA ASP A 64 -2.63 -11.49 4.39
C ASP A 64 -2.40 -12.70 3.50
N GLU A 65 -1.99 -13.81 4.10
CA GLU A 65 -1.73 -15.04 3.37
C GLU A 65 -3.03 -15.63 2.82
N ASP A 66 -4.05 -15.70 3.67
CA ASP A 66 -5.34 -16.25 3.27
C ASP A 66 -6.14 -15.23 2.48
N GLY A 67 -5.64 -14.00 2.42
CA GLY A 67 -6.34 -12.95 1.69
C GLY A 67 -7.20 -12.10 2.59
N ASP A 68 -6.80 -11.95 3.84
CA ASP A 68 -7.55 -11.15 4.81
C ASP A 68 -6.86 -9.82 5.07
N PHE A 69 -7.58 -8.73 4.86
CA PHE A 69 -7.03 -7.40 5.08
C PHE A 69 -6.77 -7.16 6.57
N VAL A 70 -5.52 -6.80 6.89
CA VAL A 70 -5.15 -6.55 8.27
C VAL A 70 -4.55 -5.15 8.43
N VAL A 71 -4.66 -4.60 9.64
CA VAL A 71 -4.13 -3.27 9.93
C VAL A 71 -2.61 -3.27 9.96
N LEU A 72 -2.01 -2.13 9.61
CA LEU A 72 -0.55 -2.00 9.60
C LEU A 72 -0.15 -0.60 10.05
N GLY A 73 0.21 -0.47 11.32
CA GLY A 73 0.62 0.82 11.85
C GLY A 73 1.83 0.71 12.76
N SER A 74 2.68 -0.27 12.51
CA SER A 74 3.88 -0.48 13.31
C SER A 74 5.05 -0.90 12.44
N ASP A 75 6.26 -0.73 12.96
CA ASP A 75 7.48 -1.09 12.23
C ASP A 75 7.56 -2.61 12.04
N GLU A 76 7.18 -3.35 13.08
CA GLU A 76 7.22 -4.81 13.03
C GLU A 76 6.21 -5.34 12.02
N ASP A 77 5.10 -4.64 11.88
CA ASP A 77 4.05 -5.05 10.93
C ASP A 77 4.59 -5.09 9.51
N TRP A 78 5.22 -4.00 9.09
CA TRP A 78 5.79 -3.91 7.74
C TRP A 78 6.86 -4.97 7.55
N ASN A 79 7.58 -5.29 8.63
CA ASN A 79 8.64 -6.29 8.58
C ASN A 79 8.06 -7.66 8.22
N VAL A 80 7.07 -8.10 8.99
CA VAL A 80 6.43 -9.38 8.75
C VAL A 80 5.79 -9.42 7.36
N ALA A 81 5.40 -8.25 6.87
CA ALA A 81 4.78 -8.16 5.55
C ALA A 81 5.76 -8.59 4.46
N LYS A 82 7.00 -8.13 4.58
CA LYS A 82 8.04 -8.47 3.60
C LYS A 82 8.30 -9.96 3.62
N GLU A 83 8.27 -10.55 4.82
CA GLU A 83 8.51 -11.98 4.97
C GLU A 83 7.36 -12.78 4.36
N MET A 84 6.15 -12.24 4.44
CA MET A 84 4.97 -12.90 3.89
C MET A 84 5.13 -13.13 2.39
N LEU A 85 5.43 -12.04 1.67
CA LEU A 85 5.60 -12.12 0.23
C LEU A 85 6.93 -12.78 -0.13
N ALA A 86 7.79 -12.93 0.87
CA ALA A 86 9.10 -13.54 0.65
C ALA A 86 8.99 -15.05 0.47
N GLU A 87 8.39 -15.71 1.45
CA GLU A 87 8.23 -17.16 1.41
C GLU A 87 7.10 -17.57 0.47
N ASN A 88 6.21 -16.63 0.18
CA ASN A 88 5.09 -16.89 -0.70
C ASN A 88 5.41 -16.52 -2.14
N ASN A 89 6.65 -16.08 -2.38
CA ASN A 89 7.10 -15.70 -3.70
C ASN A 89 6.22 -14.59 -4.27
N GLU A 90 5.47 -13.94 -3.40
CA GLU A 90 4.58 -12.86 -3.80
C GLU A 90 5.37 -11.60 -4.13
N LYS A 91 5.09 -11.00 -5.28
CA LYS A 91 5.78 -9.79 -5.71
C LYS A 91 4.83 -8.60 -5.71
N PHE A 92 3.65 -8.79 -5.14
CA PHE A 92 2.65 -7.72 -5.07
C PHE A 92 1.81 -7.85 -3.81
N LEU A 93 1.00 -6.84 -3.54
CA LEU A 93 0.13 -6.82 -2.37
C LEU A 93 -0.98 -5.78 -2.51
N ASN A 94 -2.17 -6.13 -2.05
CA ASN A 94 -3.32 -5.24 -2.13
C ASN A 94 -3.50 -4.47 -0.82
N ILE A 95 -3.64 -3.14 -0.93
CA ILE A 95 -3.82 -2.30 0.24
C ILE A 95 -5.12 -1.51 0.15
N ARG A 96 -5.73 -1.24 1.30
CA ARG A 96 -6.99 -0.49 1.35
C ARG A 96 -6.80 0.84 2.07
N LEU A 97 -7.43 1.88 1.53
CA LEU A 97 -7.33 3.21 2.13
C LEU A 97 -8.42 3.44 3.17
N TYR A 98 -8.99 2.34 3.66
CA TYR A 98 -10.04 2.41 4.68
C TYR A 98 -11.24 3.21 4.17
N GLY A 1 12.15 -5.71 -12.96
CA GLY A 1 13.33 -4.89 -12.54
C GLY A 1 14.45 -5.74 -11.99
N PRO A 2 15.71 -5.27 -12.11
CA PRO A 2 16.88 -6.00 -11.61
C PRO A 2 16.98 -5.97 -10.08
N LEU A 3 16.38 -4.96 -9.48
CA LEU A 3 16.40 -4.82 -8.02
C LEU A 3 15.33 -5.69 -7.37
N GLY A 4 14.16 -5.77 -8.00
CA GLY A 4 13.08 -6.57 -7.48
C GLY A 4 11.94 -5.74 -6.94
N SER A 5 12.07 -5.30 -5.68
CA SER A 5 11.05 -4.48 -5.03
C SER A 5 9.71 -5.22 -4.97
N ILE A 6 8.70 -4.56 -4.44
CA ILE A 6 7.37 -5.15 -4.33
C ILE A 6 6.28 -4.16 -4.76
N LEU A 7 5.36 -4.64 -5.59
CA LEU A 7 4.27 -3.81 -6.08
C LEU A 7 3.23 -3.59 -5.00
N PHE A 8 2.85 -2.33 -4.78
CA PHE A 8 1.86 -2.00 -3.77
C PHE A 8 0.64 -1.34 -4.39
N ARG A 9 -0.45 -2.09 -4.47
CA ARG A 9 -1.70 -1.58 -5.05
C ARG A 9 -2.46 -0.74 -4.03
N ILE A 10 -2.93 0.43 -4.46
CA ILE A 10 -3.67 1.32 -3.59
C ILE A 10 -5.02 1.71 -4.20
N SER A 11 -6.09 1.12 -3.69
CA SER A 11 -7.42 1.40 -4.18
C SER A 11 -7.92 2.75 -3.67
N TYR A 12 -7.76 3.79 -4.50
CA TYR A 12 -8.18 5.13 -4.14
C TYR A 12 -9.59 5.42 -4.67
N ASN A 13 -10.53 5.61 -3.76
CA ASN A 13 -11.91 5.89 -4.15
C ASN A 13 -12.41 7.18 -3.49
N ASN A 14 -12.76 8.16 -4.31
CA ASN A 14 -13.24 9.45 -3.81
C ASN A 14 -14.67 9.31 -3.28
N ASN A 15 -15.58 8.85 -4.14
CA ASN A 15 -16.97 8.68 -3.77
C ASN A 15 -17.40 7.22 -3.91
N SER A 16 -17.29 6.69 -5.12
CA SER A 16 -17.65 5.31 -5.40
C SER A 16 -17.04 4.84 -6.71
N ASN A 17 -15.86 4.24 -6.62
CA ASN A 17 -15.16 3.73 -7.80
C ASN A 17 -14.91 4.85 -8.81
N ASN A 18 -14.87 6.08 -8.31
CA ASN A 18 -14.64 7.26 -9.16
C ASN A 18 -15.65 7.30 -10.30
N THR A 19 -15.35 8.12 -11.32
CA THR A 19 -16.23 8.26 -12.46
C THR A 19 -16.01 7.13 -13.47
N SER A 20 -14.88 6.43 -13.32
CA SER A 20 -14.55 5.34 -14.22
C SER A 20 -13.58 4.36 -13.55
N SER A 21 -14.12 3.38 -12.84
CA SER A 21 -13.32 2.37 -12.15
C SER A 21 -12.47 3.01 -11.06
N SER A 22 -12.02 2.19 -10.11
CA SER A 22 -11.19 2.67 -9.00
C SER A 22 -9.80 3.06 -9.50
N GLU A 23 -9.13 3.93 -8.76
CA GLU A 23 -7.80 4.38 -9.11
C GLU A 23 -6.74 3.63 -8.31
N ILE A 24 -6.35 2.46 -8.80
CA ILE A 24 -5.34 1.65 -8.13
C ILE A 24 -3.93 2.11 -8.48
N PHE A 25 -3.24 2.68 -7.50
CA PHE A 25 -1.88 3.16 -7.70
C PHE A 25 -0.86 2.03 -7.53
N THR A 26 0.24 2.11 -8.26
CA THR A 26 1.29 1.10 -8.17
C THR A 26 2.60 1.70 -7.68
N LEU A 27 3.08 1.19 -6.55
CA LEU A 27 4.32 1.69 -5.97
C LEU A 27 5.34 0.56 -5.81
N LEU A 28 6.52 0.76 -6.39
CA LEU A 28 7.58 -0.24 -6.31
C LEU A 28 8.31 -0.12 -4.98
N VAL A 29 7.66 -0.58 -3.91
CA VAL A 29 8.23 -0.52 -2.57
C VAL A 29 9.49 -1.39 -2.47
N GLU A 30 10.64 -0.74 -2.38
CA GLU A 30 11.91 -1.44 -2.26
C GLU A 30 12.04 -2.12 -0.90
N LYS A 31 13.14 -2.83 -0.70
CA LYS A 31 13.38 -3.53 0.56
C LYS A 31 14.18 -2.65 1.52
N VAL A 32 14.91 -1.69 0.97
CA VAL A 32 15.72 -0.78 1.77
C VAL A 32 14.85 0.33 2.36
N TRP A 33 13.54 0.17 2.25
CA TRP A 33 12.60 1.17 2.76
C TRP A 33 12.19 0.83 4.20
N ASN A 34 11.24 1.60 4.72
CA ASN A 34 10.75 1.41 6.08
C ASN A 34 9.25 1.64 6.14
N PHE A 35 8.72 1.74 7.36
CA PHE A 35 7.28 1.96 7.55
C PHE A 35 6.91 3.41 7.19
N ASP A 36 7.62 4.36 7.80
CA ASP A 36 7.36 5.77 7.55
C ASP A 36 7.61 6.12 6.09
N ASP A 37 8.58 5.45 5.47
CA ASP A 37 8.90 5.69 4.07
C ASP A 37 7.81 5.15 3.16
N LEU A 38 7.13 4.11 3.62
CA LEU A 38 6.06 3.49 2.85
C LEU A 38 4.84 4.40 2.79
N ILE A 39 4.38 4.85 3.95
CA ILE A 39 3.22 5.72 4.04
C ILE A 39 3.49 7.06 3.35
N MET A 40 4.76 7.44 3.26
CA MET A 40 5.14 8.69 2.62
C MET A 40 5.00 8.61 1.11
N ALA A 41 5.33 7.44 0.56
CA ALA A 41 5.24 7.22 -0.89
C ALA A 41 3.80 7.31 -1.37
N ILE A 42 2.91 6.61 -0.69
CA ILE A 42 1.49 6.60 -1.06
C ILE A 42 0.90 8.00 -1.01
N ASN A 43 1.20 8.73 0.07
CA ASN A 43 0.69 10.09 0.24
C ASN A 43 1.06 10.96 -0.95
N SER A 44 2.30 10.83 -1.42
CA SER A 44 2.78 11.61 -2.56
C SER A 44 1.92 11.34 -3.80
N LYS A 45 1.53 10.08 -3.98
CA LYS A 45 0.70 9.69 -5.11
C LYS A 45 -0.61 10.46 -5.11
N ILE A 46 -1.17 10.66 -3.92
CA ILE A 46 -2.43 11.38 -3.78
C ILE A 46 -2.24 12.87 -4.04
N SER A 47 -1.13 13.42 -3.55
CA SER A 47 -0.83 14.83 -3.74
C SER A 47 -0.57 15.15 -5.20
N ASN A 48 -0.26 14.11 -5.98
CA ASN A 48 0.01 14.28 -7.40
C ASN A 48 -1.28 14.31 -8.20
N THR A 49 -2.05 13.21 -8.13
CA THR A 49 -3.31 13.12 -8.84
C THR A 49 -4.48 12.93 -7.86
N HIS A 50 -5.57 13.64 -8.10
CA HIS A 50 -6.74 13.54 -7.25
C HIS A 50 -7.96 14.15 -7.93
N ASN A 51 -9.05 14.28 -7.17
CA ASN A 51 -10.29 14.85 -7.70
C ASN A 51 -10.81 15.95 -6.79
N ASN A 52 -10.22 16.05 -5.59
CA ASN A 52 -10.63 17.06 -4.63
C ASN A 52 -9.59 17.23 -3.53
N ASN A 53 -8.45 16.56 -3.70
CA ASN A 53 -7.37 16.63 -2.73
C ASN A 53 -7.86 16.24 -1.34
N ILE A 54 -8.19 14.97 -1.17
CA ILE A 54 -8.68 14.46 0.10
C ILE A 54 -7.62 14.59 1.20
N SER A 55 -8.05 14.41 2.44
CA SER A 55 -7.14 14.51 3.58
C SER A 55 -6.09 13.40 3.54
N PRO A 56 -4.86 13.68 4.03
CA PRO A 56 -3.78 12.71 4.04
C PRO A 56 -4.06 11.54 5.00
N ILE A 57 -3.88 10.32 4.51
CA ILE A 57 -4.12 9.14 5.32
C ILE A 57 -2.81 8.58 5.88
N THR A 58 -2.84 8.24 7.17
CA THR A 58 -1.66 7.69 7.83
C THR A 58 -1.94 6.31 8.41
N LYS A 59 -2.86 5.60 7.77
CA LYS A 59 -3.25 4.25 8.21
C LYS A 59 -3.83 3.45 7.07
N ILE A 60 -3.16 2.35 6.71
CA ILE A 60 -3.61 1.49 5.63
C ILE A 60 -3.60 0.02 6.05
N LYS A 61 -4.36 -0.80 5.34
CA LYS A 61 -4.43 -2.22 5.65
C LYS A 61 -3.94 -3.06 4.47
N TYR A 62 -2.97 -3.93 4.74
CA TYR A 62 -2.41 -4.80 3.71
C TYR A 62 -3.00 -6.20 3.77
N GLN A 63 -3.11 -6.85 2.62
CA GLN A 63 -3.66 -8.20 2.56
C GLN A 63 -2.64 -9.22 3.01
N ASP A 64 -3.11 -10.25 3.71
CA ASP A 64 -2.23 -11.31 4.20
C ASP A 64 -2.35 -12.56 3.34
N GLU A 65 -1.74 -13.65 3.80
CA GLU A 65 -1.77 -14.91 3.06
C GLU A 65 -3.17 -15.51 3.05
N ASP A 66 -3.99 -15.10 4.02
CA ASP A 66 -5.36 -15.59 4.12
C ASP A 66 -6.29 -14.88 3.15
N GLY A 67 -5.98 -13.63 2.85
CA GLY A 67 -6.79 -12.86 1.93
C GLY A 67 -7.57 -11.75 2.61
N ASP A 68 -7.30 -11.56 3.91
CA ASP A 68 -7.98 -10.53 4.68
C ASP A 68 -7.07 -9.32 4.89
N PHE A 69 -7.68 -8.15 5.05
CA PHE A 69 -6.93 -6.92 5.26
C PHE A 69 -6.59 -6.74 6.74
N VAL A 70 -5.28 -6.65 7.02
CA VAL A 70 -4.82 -6.48 8.39
C VAL A 70 -4.23 -5.07 8.59
N VAL A 71 -4.30 -4.59 9.82
CA VAL A 71 -3.78 -3.26 10.14
C VAL A 71 -2.25 -3.22 10.08
N LEU A 72 -1.70 -2.07 9.73
CA LEU A 72 -0.27 -1.89 9.64
C LEU A 72 0.15 -0.56 10.25
N GLY A 73 0.38 -0.56 11.56
CA GLY A 73 0.79 0.66 12.24
C GLY A 73 2.01 0.46 13.13
N SER A 74 2.92 -0.41 12.70
CA SER A 74 4.13 -0.68 13.47
C SER A 74 5.25 -1.15 12.55
N ASP A 75 6.49 -0.93 12.97
CA ASP A 75 7.65 -1.33 12.18
C ASP A 75 7.69 -2.85 12.01
N GLU A 76 7.25 -3.57 13.02
CA GLU A 76 7.23 -5.02 12.98
C GLU A 76 6.23 -5.53 11.95
N ASP A 77 5.14 -4.78 11.76
CA ASP A 77 4.11 -5.16 10.79
C ASP A 77 4.70 -5.21 9.39
N TRP A 78 5.39 -4.15 8.99
CA TRP A 78 6.00 -4.08 7.67
C TRP A 78 7.06 -5.18 7.51
N ASN A 79 7.69 -5.54 8.62
CA ASN A 79 8.71 -6.58 8.62
C ASN A 79 8.11 -7.92 8.26
N VAL A 80 7.06 -8.32 8.99
CA VAL A 80 6.39 -9.59 8.74
C VAL A 80 5.81 -9.63 7.33
N ALA A 81 5.43 -8.45 6.82
CA ALA A 81 4.86 -8.35 5.49
C ALA A 81 5.86 -8.82 4.43
N LYS A 82 7.12 -8.41 4.60
CA LYS A 82 8.17 -8.79 3.67
C LYS A 82 8.40 -10.30 3.70
N GLU A 83 8.32 -10.88 4.89
CA GLU A 83 8.52 -12.31 5.07
C GLU A 83 7.30 -13.07 4.53
N MET A 84 6.16 -12.39 4.48
CA MET A 84 4.93 -13.00 3.98
C MET A 84 5.04 -13.29 2.49
N LEU A 85 5.56 -12.32 1.74
CA LEU A 85 5.73 -12.47 0.30
C LEU A 85 6.99 -13.26 -0.02
N ALA A 86 7.87 -13.38 0.96
CA ALA A 86 9.12 -14.11 0.79
C ALA A 86 8.88 -15.62 0.73
N GLU A 87 7.97 -16.10 1.58
CA GLU A 87 7.65 -17.52 1.62
C GLU A 87 6.40 -17.82 0.81
N ASN A 88 6.04 -16.91 -0.08
CA ASN A 88 4.86 -17.06 -0.92
C ASN A 88 5.16 -16.67 -2.36
N ASN A 89 6.39 -16.24 -2.61
CA ASN A 89 6.81 -15.83 -3.95
C ASN A 89 5.92 -14.71 -4.48
N GLU A 90 5.31 -13.96 -3.56
CA GLU A 90 4.43 -12.86 -3.93
C GLU A 90 5.24 -11.61 -4.29
N LYS A 91 4.92 -11.02 -5.43
CA LYS A 91 5.61 -9.82 -5.90
C LYS A 91 4.70 -8.59 -5.82
N PHE A 92 3.51 -8.77 -5.25
CA PHE A 92 2.56 -7.68 -5.12
C PHE A 92 1.66 -7.89 -3.90
N LEU A 93 0.87 -6.87 -3.56
CA LEU A 93 -0.02 -6.94 -2.42
C LEU A 93 -1.16 -5.94 -2.56
N ASN A 94 -2.39 -6.39 -2.27
CA ASN A 94 -3.56 -5.54 -2.37
C ASN A 94 -3.75 -4.73 -1.09
N ILE A 95 -3.69 -3.41 -1.20
CA ILE A 95 -3.85 -2.53 -0.05
C ILE A 95 -5.06 -1.62 -0.22
N ARG A 96 -5.74 -1.36 0.89
CA ARG A 96 -6.91 -0.49 0.88
C ARG A 96 -6.67 0.75 1.72
N LEU A 97 -7.08 1.90 1.20
CA LEU A 97 -6.92 3.17 1.92
C LEU A 97 -8.08 3.42 2.87
N TYR A 98 -7.90 4.36 3.78
CA TYR A 98 -8.94 4.69 4.75
C TYR A 98 -9.02 6.21 4.98
N GLY A 1 14.48 -0.04 -9.44
CA GLY A 1 15.03 -0.60 -8.17
C GLY A 1 15.97 -1.78 -8.41
N PRO A 2 16.23 -2.59 -7.37
CA PRO A 2 17.12 -3.76 -7.48
C PRO A 2 16.48 -4.88 -8.30
N LEU A 3 15.78 -5.78 -7.61
CA LEU A 3 15.13 -6.91 -8.28
C LEU A 3 13.97 -7.44 -7.44
N GLY A 4 14.10 -7.33 -6.13
CA GLY A 4 13.05 -7.79 -5.23
C GLY A 4 12.17 -6.68 -4.73
N SER A 5 11.42 -6.06 -5.64
CA SER A 5 10.52 -4.97 -5.30
C SER A 5 9.10 -5.47 -5.08
N ILE A 6 8.23 -4.58 -4.63
CA ILE A 6 6.83 -4.93 -4.38
C ILE A 6 5.89 -3.95 -5.06
N LEU A 7 4.84 -4.48 -5.70
CA LEU A 7 3.86 -3.64 -6.38
C LEU A 7 2.67 -3.34 -5.47
N PHE A 8 2.85 -2.36 -4.59
CA PHE A 8 1.81 -1.97 -3.65
C PHE A 8 0.64 -1.31 -4.38
N ARG A 9 -0.53 -1.95 -4.31
CA ARG A 9 -1.73 -1.44 -4.96
C ARG A 9 -2.55 -0.61 -3.96
N ILE A 10 -2.91 0.60 -4.34
CA ILE A 10 -3.69 1.48 -3.48
C ILE A 10 -5.05 1.80 -4.09
N SER A 11 -6.08 1.09 -3.62
CA SER A 11 -7.43 1.30 -4.12
C SER A 11 -8.11 2.45 -3.36
N TYR A 12 -8.38 3.54 -4.05
CA TYR A 12 -9.02 4.70 -3.45
C TYR A 12 -10.12 5.23 -4.35
N ASN A 13 -11.33 5.38 -3.79
CA ASN A 13 -12.47 5.88 -4.54
C ASN A 13 -12.62 7.39 -4.36
N ASN A 14 -13.32 8.03 -5.29
CA ASN A 14 -13.54 9.47 -5.23
C ASN A 14 -14.99 9.82 -5.54
N ASN A 15 -15.81 8.79 -5.74
CA ASN A 15 -17.22 8.99 -6.05
C ASN A 15 -18.10 8.39 -4.95
N SER A 16 -17.55 7.48 -4.17
CA SER A 16 -18.28 6.84 -3.08
C SER A 16 -19.54 6.15 -3.60
N ASN A 17 -20.38 5.70 -2.67
CA ASN A 17 -21.62 5.01 -3.03
C ASN A 17 -21.35 3.82 -3.94
N ASN A 18 -21.06 2.67 -3.33
CA ASN A 18 -20.78 1.45 -4.08
C ASN A 18 -19.57 1.64 -4.99
N THR A 19 -19.35 0.67 -5.87
CA THR A 19 -18.22 0.72 -6.80
C THR A 19 -18.59 1.51 -8.06
N SER A 20 -17.57 2.06 -8.72
CA SER A 20 -17.78 2.85 -9.93
C SER A 20 -16.49 2.98 -10.72
N SER A 21 -15.45 3.51 -10.08
CA SER A 21 -14.15 3.70 -10.71
C SER A 21 -13.05 3.91 -9.67
N SER A 22 -12.60 2.81 -9.07
CA SER A 22 -11.56 2.87 -8.06
C SER A 22 -10.18 2.95 -8.71
N GLU A 23 -9.45 4.02 -8.39
CA GLU A 23 -8.11 4.23 -8.93
C GLU A 23 -7.06 3.54 -8.07
N ILE A 24 -6.47 2.47 -8.59
CA ILE A 24 -5.45 1.73 -7.85
C ILE A 24 -4.05 2.03 -8.41
N PHE A 25 -3.22 2.66 -7.59
CA PHE A 25 -1.86 3.01 -8.00
C PHE A 25 -0.92 1.83 -7.80
N THR A 26 0.31 1.98 -8.29
CA THR A 26 1.32 0.93 -8.16
C THR A 26 2.65 1.52 -7.72
N LEU A 27 2.96 1.36 -6.43
CA LEU A 27 4.21 1.87 -5.87
C LEU A 27 5.26 0.78 -5.79
N LEU A 28 6.46 1.08 -6.27
CA LEU A 28 7.57 0.12 -6.25
C LEU A 28 8.27 0.16 -4.89
N VAL A 29 7.57 -0.30 -3.85
CA VAL A 29 8.14 -0.31 -2.50
C VAL A 29 9.31 -1.29 -2.40
N GLU A 30 10.46 -0.78 -1.99
CA GLU A 30 11.66 -1.60 -1.85
C GLU A 30 11.73 -2.23 -0.46
N LYS A 31 12.67 -3.14 -0.27
CA LYS A 31 12.85 -3.81 1.01
C LYS A 31 13.76 -3.00 1.92
N VAL A 32 14.47 -2.05 1.33
CA VAL A 32 15.39 -1.19 2.09
C VAL A 32 14.68 0.05 2.60
N TRP A 33 13.36 -0.03 2.74
CA TRP A 33 12.57 1.09 3.21
C TRP A 33 12.09 0.88 4.65
N ASN A 34 11.25 1.78 5.13
CA ASN A 34 10.72 1.69 6.49
C ASN A 34 9.22 1.95 6.50
N PHE A 35 8.61 1.86 7.67
CA PHE A 35 7.17 2.09 7.82
C PHE A 35 6.82 3.54 7.49
N ASP A 36 7.58 4.47 8.06
CA ASP A 36 7.34 5.90 7.82
C ASP A 36 7.63 6.26 6.38
N ASP A 37 8.76 5.78 5.87
CA ASP A 37 9.16 6.05 4.49
C ASP A 37 8.15 5.48 3.51
N LEU A 38 7.44 4.43 3.93
CA LEU A 38 6.44 3.80 3.08
C LEU A 38 5.21 4.69 2.91
N ILE A 39 4.64 5.14 4.02
CA ILE A 39 3.47 5.99 3.99
C ILE A 39 3.76 7.32 3.28
N MET A 40 5.02 7.75 3.34
CA MET A 40 5.42 8.99 2.71
C MET A 40 5.38 8.86 1.19
N ALA A 41 5.84 7.72 0.68
CA ALA A 41 5.85 7.47 -0.75
C ALA A 41 4.44 7.44 -1.32
N ILE A 42 3.51 6.85 -0.56
CA ILE A 42 2.12 6.75 -1.00
C ILE A 42 1.51 8.14 -1.17
N ASN A 43 1.84 9.05 -0.26
CA ASN A 43 1.33 10.41 -0.32
C ASN A 43 1.73 11.08 -1.63
N SER A 44 3.00 10.97 -1.98
CA SER A 44 3.52 11.57 -3.21
C SER A 44 2.93 10.86 -4.42
N LYS A 45 2.45 9.64 -4.21
CA LYS A 45 1.85 8.85 -5.28
C LYS A 45 0.47 9.40 -5.64
N ILE A 46 -0.22 9.95 -4.65
CA ILE A 46 -1.54 10.51 -4.86
C ILE A 46 -1.47 11.89 -5.51
N SER A 47 -0.40 12.62 -5.17
CA SER A 47 -0.20 13.96 -5.72
C SER A 47 0.40 13.89 -7.12
N ASN A 48 0.48 15.04 -7.78
CA ASN A 48 1.03 15.12 -9.13
C ASN A 48 0.25 14.23 -10.08
N THR A 49 -1.00 13.96 -9.74
CA THR A 49 -1.87 13.12 -10.57
C THR A 49 -3.33 13.26 -10.15
N HIS A 50 -3.56 13.35 -8.84
CA HIS A 50 -4.91 13.48 -8.31
C HIS A 50 -5.03 14.74 -7.47
N ASN A 51 -6.23 15.01 -6.97
CA ASN A 51 -6.48 16.18 -6.14
C ASN A 51 -5.82 16.05 -4.78
N ASN A 52 -5.35 17.18 -4.24
CA ASN A 52 -4.69 17.19 -2.94
C ASN A 52 -5.65 17.65 -1.85
N ASN A 53 -6.92 17.76 -2.19
CA ASN A 53 -7.94 18.19 -1.24
C ASN A 53 -8.49 17.00 -0.45
N ILE A 54 -8.06 15.80 -0.83
CA ILE A 54 -8.51 14.59 -0.16
C ILE A 54 -7.82 14.42 1.20
N SER A 55 -8.42 13.60 2.05
CA SER A 55 -7.87 13.35 3.39
C SER A 55 -6.53 12.63 3.29
N PRO A 56 -5.58 12.94 4.21
CA PRO A 56 -4.26 12.31 4.21
C PRO A 56 -4.31 10.83 4.57
N ILE A 57 -3.15 10.19 4.60
CA ILE A 57 -3.07 8.77 4.93
C ILE A 57 -2.15 8.53 6.13
N THR A 58 -2.62 7.73 7.07
CA THR A 58 -1.84 7.41 8.26
C THR A 58 -1.88 5.90 8.54
N LYS A 59 -2.92 5.25 8.06
CA LYS A 59 -3.07 3.81 8.25
C LYS A 59 -3.53 3.14 6.96
N ILE A 60 -2.99 1.95 6.68
CA ILE A 60 -3.35 1.21 5.48
C ILE A 60 -3.50 -0.28 5.78
N LYS A 61 -4.48 -0.91 5.12
CA LYS A 61 -4.73 -2.34 5.30
C LYS A 61 -4.12 -3.14 4.15
N TYR A 62 -3.26 -4.08 4.49
CA TYR A 62 -2.61 -4.91 3.47
C TYR A 62 -3.18 -6.33 3.47
N GLN A 63 -3.23 -6.94 2.28
CA GLN A 63 -3.74 -8.30 2.15
C GLN A 63 -2.77 -9.32 2.75
N ASP A 64 -3.29 -10.15 3.64
CA ASP A 64 -2.48 -11.18 4.29
C ASP A 64 -2.48 -12.47 3.47
N GLU A 65 -1.73 -13.46 3.95
CA GLU A 65 -1.64 -14.75 3.27
C GLU A 65 -2.98 -15.47 3.32
N ASP A 66 -3.75 -15.23 4.37
CA ASP A 66 -5.05 -15.85 4.54
C ASP A 66 -6.08 -15.24 3.61
N GLY A 67 -5.72 -14.10 3.02
CA GLY A 67 -6.63 -13.42 2.11
C GLY A 67 -7.53 -12.43 2.82
N ASP A 68 -7.08 -11.95 3.98
CA ASP A 68 -7.86 -11.00 4.76
C ASP A 68 -7.06 -9.73 5.03
N PHE A 69 -7.72 -8.58 4.92
CA PHE A 69 -7.06 -7.29 5.16
C PHE A 69 -6.70 -7.15 6.64
N VAL A 70 -5.43 -6.83 6.90
CA VAL A 70 -4.96 -6.67 8.27
C VAL A 70 -4.39 -5.27 8.48
N VAL A 71 -4.51 -4.78 9.70
CA VAL A 71 -4.01 -3.44 10.06
C VAL A 71 -2.48 -3.44 10.14
N LEU A 72 -1.89 -2.32 9.72
CA LEU A 72 -0.44 -2.17 9.75
C LEU A 72 -0.05 -0.78 10.24
N GLY A 73 0.34 -0.69 11.51
CA GLY A 73 0.74 0.58 12.08
C GLY A 73 1.97 0.48 12.95
N SER A 74 2.89 -0.40 12.56
CA SER A 74 4.14 -0.59 13.31
C SER A 74 5.27 -1.02 12.38
N ASP A 75 6.50 -0.84 12.85
CA ASP A 75 7.67 -1.20 12.07
C ASP A 75 7.74 -2.71 11.86
N GLU A 76 7.48 -3.47 12.92
CA GLU A 76 7.50 -4.93 12.85
C GLU A 76 6.44 -5.44 11.88
N ASP A 77 5.30 -4.76 11.84
CA ASP A 77 4.22 -5.14 10.94
C ASP A 77 4.68 -5.13 9.49
N TRP A 78 5.56 -4.17 9.18
CA TRP A 78 6.10 -4.05 7.82
C TRP A 78 7.10 -5.16 7.54
N ASN A 79 7.84 -5.55 8.56
CA ASN A 79 8.83 -6.61 8.43
C ASN A 79 8.16 -7.94 8.10
N VAL A 80 7.03 -8.20 8.75
CA VAL A 80 6.28 -9.43 8.53
C VAL A 80 5.71 -9.46 7.11
N ALA A 81 5.29 -8.29 6.62
CA ALA A 81 4.75 -8.17 5.28
C ALA A 81 5.76 -8.62 4.23
N LYS A 82 7.01 -8.26 4.44
CA LYS A 82 8.08 -8.64 3.52
C LYS A 82 8.31 -10.14 3.57
N GLU A 83 8.30 -10.69 4.78
CA GLU A 83 8.51 -12.12 4.96
C GLU A 83 7.31 -12.90 4.44
N MET A 84 6.19 -12.21 4.28
CA MET A 84 4.97 -12.83 3.79
C MET A 84 5.07 -13.09 2.29
N LEU A 85 5.55 -12.09 1.56
CA LEU A 85 5.70 -12.21 0.11
C LEU A 85 6.98 -12.95 -0.23
N ALA A 86 7.87 -13.07 0.76
CA ALA A 86 9.14 -13.76 0.56
C ALA A 86 8.92 -15.26 0.35
N GLU A 87 8.24 -15.89 1.29
CA GLU A 87 7.97 -17.32 1.20
C GLU A 87 6.91 -17.61 0.15
N ASN A 88 5.92 -16.72 0.05
CA ASN A 88 4.84 -16.87 -0.92
C ASN A 88 5.33 -16.57 -2.33
N ASN A 89 6.59 -16.14 -2.44
CA ASN A 89 7.17 -15.81 -3.73
C ASN A 89 6.32 -14.77 -4.46
N GLU A 90 5.60 -13.97 -3.69
CA GLU A 90 4.75 -12.92 -4.24
C GLU A 90 5.58 -11.79 -4.84
N LYS A 91 4.90 -10.81 -5.39
CA LYS A 91 5.57 -9.65 -6.00
C LYS A 91 4.65 -8.43 -6.01
N PHE A 92 3.55 -8.53 -5.27
CA PHE A 92 2.59 -7.44 -5.17
C PHE A 92 1.70 -7.59 -3.94
N LEU A 93 0.80 -6.63 -3.75
CA LEU A 93 -0.11 -6.66 -2.61
C LEU A 93 -1.25 -5.66 -2.80
N ASN A 94 -2.36 -5.93 -2.13
CA ASN A 94 -3.54 -5.06 -2.22
C ASN A 94 -3.73 -4.27 -0.93
N ILE A 95 -3.99 -2.97 -1.07
CA ILE A 95 -4.19 -2.11 0.08
C ILE A 95 -5.55 -1.42 0.05
N ARG A 96 -6.21 -1.36 1.21
CA ARG A 96 -7.51 -0.73 1.31
C ARG A 96 -7.43 0.53 2.16
N LEU A 97 -8.12 1.59 1.73
CA LEU A 97 -8.11 2.85 2.45
C LEU A 97 -9.03 2.80 3.67
N TYR A 98 -8.79 3.68 4.63
CA TYR A 98 -9.59 3.74 5.84
C TYR A 98 -10.66 4.83 5.74
N GLY A 1 11.40 -5.43 -13.09
CA GLY A 1 12.32 -4.65 -12.22
C GLY A 1 13.60 -5.40 -11.91
N PRO A 2 14.73 -4.70 -11.77
CA PRO A 2 16.03 -5.33 -11.46
C PRO A 2 16.07 -5.91 -10.05
N LEU A 3 15.84 -5.06 -9.05
CA LEU A 3 15.85 -5.50 -7.66
C LEU A 3 14.57 -6.24 -7.32
N GLY A 4 14.50 -6.74 -6.08
CA GLY A 4 13.32 -7.46 -5.65
C GLY A 4 12.24 -6.55 -5.10
N SER A 5 11.85 -5.55 -5.89
CA SER A 5 10.83 -4.60 -5.47
C SER A 5 9.46 -5.29 -5.41
N ILE A 6 8.48 -4.59 -4.83
CA ILE A 6 7.13 -5.13 -4.71
C ILE A 6 6.09 -4.11 -5.18
N LEU A 7 5.16 -4.57 -6.01
CA LEU A 7 4.11 -3.70 -6.53
C LEU A 7 3.01 -3.50 -5.50
N PHE A 8 2.88 -2.28 -4.99
CA PHE A 8 1.87 -1.96 -3.99
C PHE A 8 0.64 -1.35 -4.65
N ARG A 9 -0.52 -1.93 -4.33
CA ARG A 9 -1.79 -1.45 -4.89
C ARG A 9 -2.55 -0.62 -3.85
N ILE A 10 -2.91 0.61 -4.22
CA ILE A 10 -3.63 1.49 -3.31
C ILE A 10 -4.96 1.93 -3.90
N SER A 11 -6.04 1.25 -3.50
CA SER A 11 -7.37 1.56 -3.98
C SER A 11 -7.87 2.88 -3.39
N TYR A 12 -7.62 3.97 -4.12
CA TYR A 12 -8.03 5.29 -3.67
C TYR A 12 -9.53 5.50 -3.89
N ASN A 13 -10.20 6.05 -2.89
CA ASN A 13 -11.63 6.30 -2.97
C ASN A 13 -11.96 7.72 -2.53
N ASN A 14 -12.60 8.49 -3.41
CA ASN A 14 -12.97 9.87 -3.11
C ASN A 14 -14.09 9.91 -2.07
N ASN A 15 -15.25 9.39 -2.44
CA ASN A 15 -16.40 9.36 -1.55
C ASN A 15 -16.61 7.98 -0.95
N SER A 16 -17.15 7.07 -1.75
CA SER A 16 -17.39 5.71 -1.32
C SER A 16 -17.71 4.80 -2.50
N ASN A 17 -16.67 4.38 -3.21
CA ASN A 17 -16.83 3.52 -4.37
C ASN A 17 -16.45 2.08 -4.03
N ASN A 18 -16.75 1.16 -4.96
CA ASN A 18 -16.44 -0.26 -4.75
C ASN A 18 -14.97 -0.54 -5.07
N THR A 19 -14.62 -1.82 -5.08
CA THR A 19 -13.25 -2.24 -5.37
C THR A 19 -12.97 -2.20 -6.87
N SER A 20 -14.04 -2.19 -7.67
CA SER A 20 -13.92 -2.16 -9.11
C SER A 20 -14.34 -0.79 -9.67
N SER A 21 -14.37 0.20 -8.80
CA SER A 21 -14.74 1.56 -9.20
C SER A 21 -13.88 2.59 -8.49
N SER A 22 -12.66 2.20 -8.14
CA SER A 22 -11.73 3.09 -7.46
C SER A 22 -10.49 3.33 -8.31
N GLU A 23 -9.52 4.06 -7.76
CA GLU A 23 -8.28 4.37 -8.46
C GLU A 23 -7.09 3.74 -7.75
N ILE A 24 -6.77 2.51 -8.13
CA ILE A 24 -5.66 1.78 -7.53
C ILE A 24 -4.33 2.19 -8.17
N PHE A 25 -3.37 2.57 -7.33
CA PHE A 25 -2.06 2.99 -7.80
C PHE A 25 -1.03 1.89 -7.55
N THR A 26 -0.10 1.72 -8.49
CA THR A 26 0.93 0.70 -8.37
C THR A 26 2.32 1.33 -8.37
N LEU A 27 2.98 1.28 -7.21
CA LEU A 27 4.32 1.84 -7.08
C LEU A 27 5.33 0.77 -6.67
N LEU A 28 6.60 0.99 -7.01
CA LEU A 28 7.65 0.05 -6.68
C LEU A 28 8.19 0.29 -5.28
N VAL A 29 7.76 -0.53 -4.33
CA VAL A 29 8.20 -0.41 -2.94
C VAL A 29 9.48 -1.21 -2.70
N GLU A 30 10.53 -0.51 -2.33
CA GLU A 30 11.83 -1.15 -2.07
C GLU A 30 11.76 -2.00 -0.80
N LYS A 31 12.76 -2.85 -0.62
CA LYS A 31 12.82 -3.73 0.55
C LYS A 31 13.63 -3.07 1.67
N VAL A 32 14.47 -2.12 1.30
CA VAL A 32 15.31 -1.42 2.27
C VAL A 32 14.54 -0.28 2.92
N TRP A 33 13.28 -0.14 2.56
CA TRP A 33 12.42 0.91 3.11
C TRP A 33 11.93 0.55 4.50
N ASN A 34 10.92 1.27 4.97
CA ASN A 34 10.35 1.04 6.29
C ASN A 34 8.86 1.33 6.27
N PHE A 35 8.27 1.46 7.46
CA PHE A 35 6.84 1.75 7.57
C PHE A 35 6.56 3.21 7.24
N ASP A 36 7.33 4.11 7.85
CA ASP A 36 7.16 5.54 7.63
C ASP A 36 7.49 5.91 6.19
N ASP A 37 8.56 5.32 5.66
CA ASP A 37 8.99 5.58 4.29
C ASP A 37 7.97 5.04 3.30
N LEU A 38 7.25 3.99 3.70
CA LEU A 38 6.24 3.37 2.85
C LEU A 38 5.03 4.29 2.71
N ILE A 39 4.48 4.73 3.84
CA ILE A 39 3.32 5.61 3.84
C ILE A 39 3.65 6.94 3.16
N MET A 40 4.93 7.30 3.17
CA MET A 40 5.37 8.55 2.56
C MET A 40 5.37 8.44 1.04
N ALA A 41 5.74 7.26 0.54
CA ALA A 41 5.77 7.03 -0.90
C ALA A 41 4.38 7.11 -1.50
N ILE A 42 3.41 6.55 -0.80
CA ILE A 42 2.02 6.57 -1.25
C ILE A 42 1.46 7.98 -1.22
N ASN A 43 1.90 8.76 -0.22
CA ASN A 43 1.45 10.13 -0.06
C ASN A 43 1.82 10.97 -1.28
N SER A 44 3.11 10.95 -1.62
CA SER A 44 3.61 11.70 -2.76
C SER A 44 3.01 11.17 -4.06
N LYS A 45 2.61 9.91 -4.04
CA LYS A 45 2.01 9.27 -5.20
C LYS A 45 0.69 9.94 -5.57
N ILE A 46 -0.25 9.91 -4.62
CA ILE A 46 -1.56 10.51 -4.83
C ILE A 46 -1.43 12.00 -5.14
N SER A 47 -0.40 12.62 -4.59
CA SER A 47 -0.16 14.04 -4.79
C SER A 47 0.32 14.32 -6.21
N ASN A 48 1.01 13.34 -6.80
CA ASN A 48 1.53 13.48 -8.15
C ASN A 48 0.39 13.72 -9.15
N THR A 49 -0.73 13.05 -8.92
CA THR A 49 -1.90 13.19 -9.78
C THR A 49 -2.87 14.23 -9.22
N HIS A 50 -3.96 14.48 -9.95
CA HIS A 50 -4.95 15.45 -9.52
C HIS A 50 -4.34 16.84 -9.35
N ASN A 51 -5.06 17.72 -8.65
CA ASN A 51 -4.58 19.07 -8.41
C ASN A 51 -5.09 19.61 -7.08
N ASN A 52 -5.52 18.70 -6.21
CA ASN A 52 -6.03 19.08 -4.90
C ASN A 52 -5.27 18.38 -3.78
N ASN A 53 -4.99 19.11 -2.71
CA ASN A 53 -4.28 18.54 -1.56
C ASN A 53 -5.22 17.73 -0.68
N ILE A 54 -5.51 16.50 -1.11
CA ILE A 54 -6.40 15.62 -0.36
C ILE A 54 -5.83 15.30 1.01
N SER A 55 -6.66 14.71 1.88
CA SER A 55 -6.24 14.35 3.23
C SER A 55 -5.18 13.26 3.20
N PRO A 56 -4.11 13.40 4.01
CA PRO A 56 -3.03 12.41 4.07
C PRO A 56 -3.50 11.07 4.63
N ILE A 57 -2.60 10.10 4.64
CA ILE A 57 -2.93 8.77 5.14
C ILE A 57 -2.16 8.45 6.42
N THR A 58 -2.80 7.71 7.32
CA THR A 58 -2.17 7.33 8.58
C THR A 58 -2.60 5.93 9.00
N LYS A 59 -3.27 5.22 8.08
CA LYS A 59 -3.73 3.88 8.34
C LYS A 59 -4.09 3.17 7.04
N ILE A 60 -3.46 2.02 6.79
CA ILE A 60 -3.72 1.25 5.58
C ILE A 60 -3.79 -0.24 5.88
N LYS A 61 -4.76 -0.92 5.28
CA LYS A 61 -4.94 -2.35 5.49
C LYS A 61 -4.38 -3.15 4.31
N TYR A 62 -3.40 -4.01 4.60
CA TYR A 62 -2.77 -4.82 3.56
C TYR A 62 -3.27 -6.26 3.64
N GLN A 63 -3.37 -6.91 2.48
CA GLN A 63 -3.83 -8.29 2.42
C GLN A 63 -2.72 -9.25 2.84
N ASP A 64 -3.10 -10.28 3.60
CA ASP A 64 -2.14 -11.27 4.07
C ASP A 64 -2.22 -12.55 3.25
N GLU A 65 -1.56 -13.60 3.73
CA GLU A 65 -1.54 -14.89 3.04
C GLU A 65 -2.92 -15.56 3.11
N ASP A 66 -3.73 -15.13 4.07
CA ASP A 66 -5.06 -15.70 4.25
C ASP A 66 -6.09 -14.94 3.40
N GLY A 67 -5.64 -13.89 2.73
CA GLY A 67 -6.53 -13.11 1.90
C GLY A 67 -7.31 -12.08 2.68
N ASP A 68 -7.20 -12.14 4.01
CA ASP A 68 -7.90 -11.20 4.87
C ASP A 68 -7.08 -9.92 5.08
N PHE A 69 -7.75 -8.78 5.03
CA PHE A 69 -7.09 -7.49 5.20
C PHE A 69 -6.72 -7.27 6.66
N VAL A 70 -5.44 -7.00 6.91
CA VAL A 70 -4.96 -6.77 8.27
C VAL A 70 -4.48 -5.33 8.44
N VAL A 71 -4.45 -4.87 9.69
CA VAL A 71 -4.02 -3.50 9.99
C VAL A 71 -2.50 -3.39 9.92
N LEU A 72 -2.03 -2.17 9.68
CA LEU A 72 -0.60 -1.91 9.58
C LEU A 72 -0.25 -0.57 10.21
N GLY A 73 0.39 -0.62 11.37
CA GLY A 73 0.77 0.61 12.06
C GLY A 73 1.92 0.40 13.03
N SER A 74 2.93 -0.34 12.59
CA SER A 74 4.09 -0.62 13.43
C SER A 74 5.28 -1.06 12.58
N ASP A 75 6.49 -0.82 13.10
CA ASP A 75 7.70 -1.20 12.40
C ASP A 75 7.79 -2.71 12.23
N GLU A 76 7.31 -3.45 13.23
CA GLU A 76 7.34 -4.90 13.21
C GLU A 76 6.34 -5.44 12.19
N ASP A 77 5.19 -4.78 12.10
CA ASP A 77 4.14 -5.18 11.16
C ASP A 77 4.67 -5.19 9.73
N TRP A 78 5.49 -4.19 9.40
CA TRP A 78 6.06 -4.08 8.07
C TRP A 78 7.10 -5.19 7.84
N ASN A 79 7.85 -5.51 8.89
CA ASN A 79 8.86 -6.55 8.80
C ASN A 79 8.24 -7.89 8.45
N VAL A 80 7.10 -8.20 9.07
CA VAL A 80 6.40 -9.44 8.82
C VAL A 80 5.80 -9.45 7.40
N ALA A 81 5.45 -8.27 6.92
CA ALA A 81 4.88 -8.12 5.59
C ALA A 81 5.87 -8.58 4.53
N LYS A 82 7.13 -8.19 4.69
CA LYS A 82 8.18 -8.56 3.75
C LYS A 82 8.38 -10.07 3.75
N GLU A 83 8.41 -10.66 4.94
CA GLU A 83 8.61 -12.10 5.08
C GLU A 83 7.44 -12.86 4.46
N MET A 84 6.27 -12.21 4.44
CA MET A 84 5.07 -12.82 3.87
C MET A 84 5.22 -13.00 2.35
N LEU A 85 5.77 -11.97 1.70
CA LEU A 85 5.97 -12.01 0.26
C LEU A 85 7.27 -12.74 -0.08
N ALA A 86 8.14 -12.89 0.92
CA ALA A 86 9.42 -13.57 0.74
C ALA A 86 9.25 -15.08 0.72
N GLU A 87 8.34 -15.57 1.54
CA GLU A 87 8.08 -17.01 1.63
C GLU A 87 6.94 -17.42 0.70
N ASN A 88 6.36 -16.45 0.02
CA ASN A 88 5.26 -16.70 -0.91
C ASN A 88 5.59 -16.18 -2.30
N ASN A 89 6.78 -15.60 -2.46
CA ASN A 89 7.21 -15.05 -3.75
C ASN A 89 6.22 -14.03 -4.26
N GLU A 90 5.43 -13.45 -3.35
CA GLU A 90 4.44 -12.45 -3.71
C GLU A 90 5.11 -11.16 -4.18
N LYS A 91 4.72 -10.70 -5.37
CA LYS A 91 5.27 -9.47 -5.93
C LYS A 91 4.23 -8.37 -5.96
N PHE A 92 3.14 -8.55 -5.22
CA PHE A 92 2.08 -7.57 -5.15
C PHE A 92 1.30 -7.68 -3.85
N LEU A 93 0.64 -6.58 -3.46
CA LEU A 93 -0.14 -6.56 -2.22
C LEU A 93 -1.33 -5.62 -2.36
N ASN A 94 -2.53 -6.15 -2.11
CA ASN A 94 -3.75 -5.35 -2.20
C ASN A 94 -3.98 -4.57 -0.92
N ILE A 95 -3.97 -3.23 -1.03
CA ILE A 95 -4.19 -2.38 0.13
C ILE A 95 -5.44 -1.54 -0.04
N ARG A 96 -6.17 -1.35 1.06
CA ARG A 96 -7.39 -0.57 1.05
C ARG A 96 -7.22 0.71 1.86
N LEU A 97 -7.66 1.83 1.31
CA LEU A 97 -7.54 3.11 1.98
C LEU A 97 -8.70 3.34 2.95
N TYR A 98 -8.54 4.29 3.85
CA TYR A 98 -9.55 4.60 4.85
C TYR A 98 -9.70 6.11 5.04
N GLY A 1 10.99 -5.40 -14.63
CA GLY A 1 11.90 -4.90 -13.56
C GLY A 1 12.43 -6.02 -12.68
N PRO A 2 13.59 -6.61 -13.04
CA PRO A 2 14.19 -7.69 -12.26
C PRO A 2 14.74 -7.22 -10.92
N LEU A 3 14.67 -5.91 -10.69
CA LEU A 3 15.16 -5.33 -9.45
C LEU A 3 14.29 -5.75 -8.27
N GLY A 4 14.79 -5.53 -7.06
CA GLY A 4 14.05 -5.88 -5.87
C GLY A 4 13.01 -4.84 -5.49
N SER A 5 11.81 -5.00 -6.02
CA SER A 5 10.72 -4.06 -5.74
C SER A 5 9.39 -4.80 -5.61
N ILE A 6 8.54 -4.32 -4.71
CA ILE A 6 7.24 -4.93 -4.49
C ILE A 6 6.11 -3.99 -4.89
N LEU A 7 5.25 -4.45 -5.80
CA LEU A 7 4.13 -3.64 -6.27
C LEU A 7 3.08 -3.50 -5.17
N PHE A 8 2.78 -2.26 -4.82
CA PHE A 8 1.79 -1.97 -3.78
C PHE A 8 0.57 -1.27 -4.36
N ARG A 9 -0.55 -1.98 -4.43
CA ARG A 9 -1.79 -1.42 -4.96
C ARG A 9 -2.56 -0.68 -3.88
N ILE A 10 -2.97 0.54 -4.18
CA ILE A 10 -3.71 1.36 -3.22
C ILE A 10 -5.02 1.85 -3.81
N SER A 11 -6.12 1.25 -3.36
CA SER A 11 -7.45 1.63 -3.83
C SER A 11 -7.85 3.00 -3.30
N TYR A 12 -7.67 4.02 -4.13
CA TYR A 12 -8.01 5.39 -3.74
C TYR A 12 -9.49 5.67 -3.96
N ASN A 13 -10.15 6.20 -2.95
CA ASN A 13 -11.57 6.53 -3.04
C ASN A 13 -11.83 7.98 -2.64
N ASN A 14 -12.85 8.58 -3.23
CA ASN A 14 -13.20 9.97 -2.94
C ASN A 14 -13.82 10.09 -1.55
N ASN A 15 -14.91 9.37 -1.33
CA ASN A 15 -15.59 9.40 -0.04
C ASN A 15 -15.36 8.10 0.73
N SER A 16 -15.86 6.99 0.19
CA SER A 16 -15.70 5.69 0.82
C SER A 16 -16.07 4.57 -0.13
N ASN A 17 -17.34 4.52 -0.52
CA ASN A 17 -17.83 3.49 -1.44
C ASN A 17 -19.16 3.90 -2.06
N ASN A 18 -19.41 5.21 -2.09
CA ASN A 18 -20.65 5.73 -2.66
C ASN A 18 -20.73 5.43 -4.15
N THR A 19 -19.59 5.52 -4.84
CA THR A 19 -19.53 5.25 -6.27
C THR A 19 -18.42 4.26 -6.60
N SER A 20 -18.31 3.89 -7.87
CA SER A 20 -17.29 2.95 -8.31
C SER A 20 -16.11 3.68 -8.96
N SER A 21 -15.33 2.93 -9.74
CA SER A 21 -14.17 3.51 -10.42
C SER A 21 -13.19 4.12 -9.42
N SER A 22 -12.27 3.30 -8.92
CA SER A 22 -11.28 3.76 -7.96
C SER A 22 -9.94 4.03 -8.65
N GLU A 23 -9.01 4.63 -7.92
CA GLU A 23 -7.69 4.94 -8.45
C GLU A 23 -6.61 4.11 -7.77
N ILE A 24 -6.43 2.88 -8.25
CA ILE A 24 -5.43 1.98 -7.69
C ILE A 24 -4.02 2.37 -8.15
N PHE A 25 -3.19 2.76 -7.19
CA PHE A 25 -1.82 3.17 -7.49
C PHE A 25 -0.89 1.97 -7.46
N THR A 26 0.21 2.07 -8.22
CA THR A 26 1.20 1.00 -8.28
C THR A 26 2.59 1.52 -7.91
N LEU A 27 2.86 1.59 -6.62
CA LEU A 27 4.15 2.07 -6.14
C LEU A 27 5.08 0.91 -5.81
N LEU A 28 6.18 0.81 -6.55
CA LEU A 28 7.15 -0.26 -6.33
C LEU A 28 7.97 0.00 -5.07
N VAL A 29 7.42 -0.41 -3.93
CA VAL A 29 8.10 -0.22 -2.65
C VAL A 29 9.28 -1.17 -2.52
N GLU A 30 10.49 -0.60 -2.45
CA GLU A 30 11.70 -1.39 -2.32
C GLU A 30 11.77 -2.07 -0.96
N LYS A 31 12.68 -3.04 -0.82
CA LYS A 31 12.85 -3.75 0.43
C LYS A 31 13.75 -2.97 1.40
N VAL A 32 14.63 -2.16 0.83
CA VAL A 32 15.55 -1.36 1.64
C VAL A 32 14.82 -0.17 2.28
N TRP A 33 13.51 -0.12 2.09
CA TRP A 33 12.70 0.95 2.64
C TRP A 33 12.22 0.61 4.04
N ASN A 34 11.31 1.43 4.57
CA ASN A 34 10.77 1.22 5.91
C ASN A 34 9.27 1.50 5.92
N PHE A 35 8.69 1.58 7.12
CA PHE A 35 7.26 1.85 7.25
C PHE A 35 6.95 3.31 6.95
N ASP A 36 7.61 4.22 7.66
CA ASP A 36 7.40 5.65 7.48
C ASP A 36 7.73 6.05 6.04
N ASP A 37 8.78 5.46 5.49
CA ASP A 37 9.21 5.76 4.13
C ASP A 37 8.17 5.29 3.13
N LEU A 38 7.45 4.22 3.48
CA LEU A 38 6.42 3.66 2.60
C LEU A 38 5.23 4.61 2.51
N ILE A 39 4.64 4.94 3.65
CA ILE A 39 3.50 5.84 3.70
C ILE A 39 3.83 7.21 3.12
N MET A 40 5.13 7.52 3.08
CA MET A 40 5.58 8.80 2.55
C MET A 40 5.43 8.86 1.03
N ALA A 41 5.91 7.82 0.36
CA ALA A 41 5.84 7.75 -1.10
C ALA A 41 4.39 7.79 -1.58
N ILE A 42 3.55 6.97 -0.97
CA ILE A 42 2.14 6.91 -1.34
C ILE A 42 1.47 8.27 -1.21
N ASN A 43 1.67 8.93 -0.07
CA ASN A 43 1.09 10.23 0.18
C ASN A 43 1.57 11.24 -0.87
N SER A 44 2.78 11.04 -1.38
CA SER A 44 3.35 11.92 -2.39
C SER A 44 2.69 11.70 -3.74
N LYS A 45 2.21 10.47 -3.96
CA LYS A 45 1.55 10.12 -5.21
C LYS A 45 0.15 10.72 -5.29
N ILE A 46 -0.46 10.93 -4.13
CA ILE A 46 -1.80 11.49 -4.06
C ILE A 46 -1.77 13.02 -4.16
N SER A 47 -0.77 13.63 -3.54
CA SER A 47 -0.63 15.08 -3.56
C SER A 47 0.10 15.54 -4.82
N ASN A 48 -0.09 14.81 -5.91
CA ASN A 48 0.55 15.14 -7.18
C ASN A 48 -0.41 14.94 -8.35
N THR A 49 -1.67 14.61 -8.02
CA THR A 49 -2.68 14.39 -9.04
C THR A 49 -3.99 15.06 -8.67
N HIS A 50 -4.35 15.00 -7.40
CA HIS A 50 -5.59 15.61 -6.91
C HIS A 50 -5.30 16.87 -6.11
N ASN A 51 -6.24 17.82 -6.15
CA ASN A 51 -6.08 19.07 -5.42
C ASN A 51 -7.01 19.11 -4.20
N ASN A 52 -7.98 18.21 -4.19
CA ASN A 52 -8.94 18.13 -3.08
C ASN A 52 -8.31 17.42 -1.89
N ASN A 53 -8.44 18.05 -0.72
CA ASN A 53 -7.88 17.48 0.52
C ASN A 53 -8.88 16.54 1.17
N ILE A 54 -8.89 15.29 0.72
CA ILE A 54 -9.80 14.28 1.27
C ILE A 54 -9.24 13.69 2.56
N SER A 55 -9.89 12.64 3.06
CA SER A 55 -9.46 11.97 4.28
C SER A 55 -8.07 11.37 4.11
N PRO A 56 -7.07 11.88 4.86
CA PRO A 56 -5.69 11.39 4.78
C PRO A 56 -5.58 9.89 5.03
N ILE A 57 -4.40 9.34 4.81
CA ILE A 57 -4.17 7.91 5.00
C ILE A 57 -3.85 7.59 6.45
N THR A 58 -2.57 7.60 6.80
CA THR A 58 -2.11 7.32 8.16
C THR A 58 -2.56 5.92 8.60
N LYS A 59 -3.04 5.12 7.66
CA LYS A 59 -3.50 3.76 7.96
C LYS A 59 -3.88 3.02 6.68
N ILE A 60 -3.36 1.81 6.53
CA ILE A 60 -3.65 0.99 5.36
C ILE A 60 -3.69 -0.49 5.72
N LYS A 61 -4.57 -1.24 5.08
CA LYS A 61 -4.70 -2.67 5.34
C LYS A 61 -4.17 -3.49 4.18
N TYR A 62 -3.18 -4.35 4.47
CA TYR A 62 -2.58 -5.20 3.45
C TYR A 62 -3.15 -6.61 3.51
N GLN A 63 -3.31 -7.23 2.34
CA GLN A 63 -3.85 -8.57 2.24
C GLN A 63 -2.87 -9.60 2.81
N ASP A 64 -3.32 -10.36 3.81
CA ASP A 64 -2.48 -11.37 4.44
C ASP A 64 -2.52 -12.68 3.66
N GLU A 65 -1.95 -13.73 4.25
CA GLU A 65 -1.93 -15.04 3.62
C GLU A 65 -3.31 -15.69 3.63
N ASP A 66 -4.08 -15.41 4.67
CA ASP A 66 -5.42 -15.96 4.80
C ASP A 66 -6.42 -15.20 3.92
N GLY A 67 -5.91 -14.24 3.16
CA GLY A 67 -6.77 -13.46 2.28
C GLY A 67 -7.53 -12.37 3.03
N ASP A 68 -7.28 -12.27 4.33
CA ASP A 68 -7.94 -11.27 5.17
C ASP A 68 -7.07 -10.04 5.32
N PHE A 69 -7.66 -8.88 5.04
CA PHE A 69 -6.93 -7.61 5.16
C PHE A 69 -6.60 -7.31 6.61
N VAL A 70 -5.32 -7.07 6.88
CA VAL A 70 -4.87 -6.77 8.24
C VAL A 70 -4.35 -5.33 8.34
N VAL A 71 -4.49 -4.75 9.53
CA VAL A 71 -4.04 -3.38 9.77
C VAL A 71 -2.52 -3.30 9.79
N LEU A 72 -1.99 -2.16 9.33
CA LEU A 72 -0.54 -1.95 9.30
C LEU A 72 -0.20 -0.57 9.83
N GLY A 73 0.13 -0.49 11.12
CA GLY A 73 0.47 0.78 11.73
C GLY A 73 1.65 0.67 12.68
N SER A 74 2.56 -0.25 12.39
CA SER A 74 3.74 -0.46 13.22
C SER A 74 4.91 -0.98 12.39
N ASP A 75 6.12 -0.77 12.89
CA ASP A 75 7.33 -1.21 12.20
C ASP A 75 7.34 -2.73 12.06
N GLU A 76 6.98 -3.42 13.14
CA GLU A 76 6.95 -4.88 13.15
C GLU A 76 5.98 -5.40 12.10
N ASP A 77 4.89 -4.68 11.90
CA ASP A 77 3.87 -5.07 10.93
C ASP A 77 4.47 -5.12 9.53
N TRP A 78 5.36 -4.17 9.24
CA TRP A 78 6.02 -4.11 7.94
C TRP A 78 7.02 -5.24 7.80
N ASN A 79 7.63 -5.64 8.91
CA ASN A 79 8.60 -6.72 8.91
C ASN A 79 7.96 -8.03 8.50
N VAL A 80 6.78 -8.31 9.05
CA VAL A 80 6.05 -9.53 8.73
C VAL A 80 5.54 -9.50 7.30
N ALA A 81 5.24 -8.31 6.80
CA ALA A 81 4.74 -8.14 5.44
C ALA A 81 5.78 -8.60 4.42
N LYS A 82 7.04 -8.20 4.64
CA LYS A 82 8.12 -8.57 3.75
C LYS A 82 8.37 -10.08 3.80
N GLU A 83 8.46 -10.60 5.02
CA GLU A 83 8.69 -12.03 5.21
C GLU A 83 7.53 -12.84 4.63
N MET A 84 6.36 -12.23 4.57
CA MET A 84 5.17 -12.89 4.03
C MET A 84 5.36 -13.24 2.56
N LEU A 85 5.59 -12.21 1.75
CA LEU A 85 5.80 -12.39 0.32
C LEU A 85 7.11 -13.15 0.06
N ALA A 86 7.93 -13.25 1.11
CA ALA A 86 9.22 -13.94 1.01
C ALA A 86 9.02 -15.45 0.91
N GLU A 87 8.16 -15.99 1.77
CA GLU A 87 7.89 -17.42 1.79
C GLU A 87 6.85 -17.79 0.73
N ASN A 88 6.18 -16.79 0.18
CA ASN A 88 5.16 -17.01 -0.83
C ASN A 88 5.68 -16.65 -2.21
N ASN A 89 6.90 -16.12 -2.26
CA ASN A 89 7.51 -15.71 -3.52
C ASN A 89 6.61 -14.75 -4.28
N GLU A 90 5.86 -13.94 -3.53
CA GLU A 90 4.95 -12.98 -4.11
C GLU A 90 5.71 -11.81 -4.73
N LYS A 91 4.97 -10.90 -5.35
CA LYS A 91 5.56 -9.74 -5.99
C LYS A 91 4.62 -8.54 -5.94
N PHE A 92 3.47 -8.71 -5.30
CA PHE A 92 2.49 -7.65 -5.20
C PHE A 92 1.62 -7.83 -3.95
N LEU A 93 0.84 -6.80 -3.62
CA LEU A 93 -0.03 -6.85 -2.45
C LEU A 93 -1.21 -5.90 -2.62
N ASN A 94 -2.40 -6.38 -2.26
CA ASN A 94 -3.62 -5.58 -2.37
C ASN A 94 -3.87 -4.81 -1.08
N ILE A 95 -3.78 -3.49 -1.17
CA ILE A 95 -4.01 -2.63 -0.01
C ILE A 95 -5.25 -1.78 -0.18
N ARG A 96 -6.08 -1.71 0.86
CA ARG A 96 -7.29 -0.92 0.82
C ARG A 96 -7.14 0.34 1.65
N LEU A 97 -7.63 1.46 1.14
CA LEU A 97 -7.55 2.73 1.84
C LEU A 97 -8.73 2.91 2.79
N TYR A 98 -8.60 3.87 3.71
CA TYR A 98 -9.64 4.13 4.68
C TYR A 98 -9.86 5.63 4.87
N GLY A 1 13.73 1.06 -9.00
CA GLY A 1 14.52 -0.11 -8.52
C GLY A 1 13.78 -1.43 -8.72
N PRO A 2 13.70 -1.92 -9.97
CA PRO A 2 13.01 -3.18 -10.28
C PRO A 2 13.73 -4.39 -9.69
N LEU A 3 15.01 -4.21 -9.36
CA LEU A 3 15.80 -5.28 -8.79
C LEU A 3 15.42 -5.53 -7.33
N GLY A 4 14.44 -6.40 -7.12
CA GLY A 4 13.99 -6.71 -5.77
C GLY A 4 13.08 -5.65 -5.21
N SER A 5 11.82 -5.66 -5.64
CA SER A 5 10.84 -4.69 -5.18
C SER A 5 9.48 -5.34 -4.96
N ILE A 6 8.52 -4.55 -4.48
CA ILE A 6 7.17 -5.05 -4.23
C ILE A 6 6.11 -4.15 -4.86
N LEU A 7 5.05 -4.75 -5.37
CA LEU A 7 3.97 -4.01 -5.99
C LEU A 7 2.85 -3.74 -4.99
N PHE A 8 2.78 -2.50 -4.51
CA PHE A 8 1.76 -2.11 -3.54
C PHE A 8 0.55 -1.49 -4.24
N ARG A 9 -0.60 -2.14 -4.10
CA ARG A 9 -1.84 -1.65 -4.71
C ARG A 9 -2.62 -0.79 -3.72
N ILE A 10 -2.96 0.43 -4.13
CA ILE A 10 -3.70 1.34 -3.26
C ILE A 10 -5.03 1.74 -3.89
N SER A 11 -6.10 1.06 -3.49
CA SER A 11 -7.43 1.34 -4.02
C SER A 11 -8.01 2.60 -3.39
N TYR A 12 -8.02 3.69 -4.14
CA TYR A 12 -8.55 4.96 -3.67
C TYR A 12 -9.84 5.31 -4.39
N ASN A 13 -10.95 5.37 -3.66
CA ASN A 13 -12.24 5.69 -4.23
C ASN A 13 -12.78 7.00 -3.67
N ASN A 14 -11.89 7.96 -3.44
CA ASN A 14 -12.27 9.26 -2.90
C ASN A 14 -13.00 9.11 -1.57
N ASN A 15 -14.33 9.03 -1.62
CA ASN A 15 -15.14 8.89 -0.41
C ASN A 15 -15.43 7.42 -0.13
N SER A 16 -16.37 6.86 -0.88
CA SER A 16 -16.75 5.46 -0.70
C SER A 16 -17.54 4.96 -1.90
N ASN A 17 -16.84 4.43 -2.89
CA ASN A 17 -17.47 3.91 -4.10
C ASN A 17 -18.34 4.97 -4.76
N ASN A 18 -17.72 5.90 -5.47
CA ASN A 18 -18.43 6.96 -6.15
C ASN A 18 -18.66 6.62 -7.62
N THR A 19 -19.05 7.62 -8.41
CA THR A 19 -19.31 7.41 -9.83
C THR A 19 -18.02 7.09 -10.59
N SER A 20 -16.89 7.40 -9.97
CA SER A 20 -15.59 7.15 -10.58
C SER A 20 -15.12 5.73 -10.29
N SER A 21 -13.95 5.37 -10.82
CA SER A 21 -13.39 4.04 -10.61
C SER A 21 -12.34 4.06 -9.50
N SER A 22 -12.03 2.87 -8.98
CA SER A 22 -11.05 2.75 -7.92
C SER A 22 -9.65 3.03 -8.43
N GLU A 23 -9.10 4.18 -8.07
CA GLU A 23 -7.76 4.58 -8.50
C GLU A 23 -6.69 3.77 -7.76
N ILE A 24 -6.42 2.56 -8.26
CA ILE A 24 -5.42 1.69 -7.64
C ILE A 24 -4.01 2.10 -8.07
N PHE A 25 -3.27 2.68 -7.13
CA PHE A 25 -1.90 3.11 -7.39
C PHE A 25 -0.92 1.95 -7.27
N THR A 26 -0.02 1.84 -8.24
CA THR A 26 0.98 0.78 -8.25
C THR A 26 2.37 1.33 -7.95
N LEU A 27 2.70 1.44 -6.66
CA LEU A 27 3.99 1.97 -6.25
C LEU A 27 4.96 0.83 -5.91
N LEU A 28 6.10 0.81 -6.59
CA LEU A 28 7.11 -0.22 -6.37
C LEU A 28 7.86 0.03 -5.06
N VAL A 29 7.27 -0.41 -3.96
CA VAL A 29 7.88 -0.23 -2.64
C VAL A 29 9.13 -1.08 -2.50
N GLU A 30 10.26 -0.42 -2.31
CA GLU A 30 11.53 -1.11 -2.15
C GLU A 30 11.57 -1.89 -0.83
N LYS A 31 12.34 -2.97 -0.81
CA LYS A 31 12.47 -3.78 0.39
C LYS A 31 13.37 -3.13 1.42
N VAL A 32 14.11 -2.11 0.99
CA VAL A 32 15.01 -1.38 1.87
C VAL A 32 14.34 -0.16 2.46
N TRP A 33 13.01 -0.13 2.42
CA TRP A 33 12.24 0.99 2.95
C TRP A 33 11.72 0.68 4.35
N ASN A 34 11.05 1.66 4.95
CA ASN A 34 10.49 1.50 6.28
C ASN A 34 9.00 1.84 6.29
N PHE A 35 8.38 1.75 7.46
CA PHE A 35 6.96 2.05 7.61
C PHE A 35 6.67 3.50 7.25
N ASP A 36 7.34 4.42 7.93
CA ASP A 36 7.16 5.84 7.68
C ASP A 36 7.51 6.19 6.25
N ASP A 37 8.61 5.62 5.75
CA ASP A 37 9.06 5.87 4.39
C ASP A 37 8.06 5.33 3.37
N LEU A 38 7.26 4.37 3.80
CA LEU A 38 6.25 3.76 2.93
C LEU A 38 5.06 4.69 2.76
N ILE A 39 4.50 5.16 3.87
CA ILE A 39 3.35 6.05 3.84
C ILE A 39 3.71 7.40 3.22
N MET A 40 4.97 7.78 3.33
CA MET A 40 5.44 9.04 2.76
C MET A 40 5.50 8.97 1.24
N ALA A 41 5.94 7.84 0.72
CA ALA A 41 6.05 7.64 -0.71
C ALA A 41 4.68 7.69 -1.38
N ILE A 42 3.69 7.07 -0.74
CA ILE A 42 2.33 7.05 -1.26
C ILE A 42 1.77 8.46 -1.43
N ASN A 43 1.83 9.24 -0.36
CA ASN A 43 1.33 10.62 -0.39
C ASN A 43 2.08 11.44 -1.43
N SER A 44 3.33 11.07 -1.69
CA SER A 44 4.14 11.77 -2.67
C SER A 44 3.67 11.46 -4.08
N LYS A 45 3.11 10.26 -4.26
CA LYS A 45 2.61 9.83 -5.56
C LYS A 45 1.35 10.61 -5.95
N ILE A 46 0.51 10.88 -4.96
CA ILE A 46 -0.73 11.62 -5.20
C ILE A 46 -0.45 13.08 -5.51
N SER A 47 0.40 13.71 -4.69
CA SER A 47 0.74 15.12 -4.87
C SER A 47 1.54 15.33 -6.16
N ASN A 48 1.97 14.23 -6.76
CA ASN A 48 2.74 14.30 -8.01
C ASN A 48 1.83 14.44 -9.22
N THR A 49 0.52 14.50 -8.96
CA THR A 49 -0.46 14.64 -10.03
C THR A 49 -1.76 15.24 -9.51
N HIS A 50 -2.45 14.53 -8.63
CA HIS A 50 -3.70 15.01 -8.06
C HIS A 50 -3.45 16.13 -7.06
N ASN A 51 -4.50 16.52 -6.35
CA ASN A 51 -4.39 17.59 -5.36
C ASN A 51 -4.15 17.01 -3.97
N ASN A 52 -4.28 17.86 -2.94
CA ASN A 52 -4.07 17.44 -1.56
C ASN A 52 -5.32 17.68 -0.72
N ASN A 53 -6.48 17.63 -1.37
CA ASN A 53 -7.75 17.84 -0.68
C ASN A 53 -8.33 16.51 -0.21
N ILE A 54 -7.60 15.42 -0.43
CA ILE A 54 -8.04 14.10 -0.03
C ILE A 54 -7.43 13.71 1.31
N SER A 55 -7.62 12.45 1.70
CA SER A 55 -7.09 11.95 2.96
C SER A 55 -5.57 11.73 2.88
N PRO A 56 -4.83 12.16 3.91
CA PRO A 56 -3.37 12.02 3.95
C PRO A 56 -2.95 10.57 4.22
N ILE A 57 -3.92 9.69 4.37
CA ILE A 57 -3.65 8.28 4.64
C ILE A 57 -2.86 8.11 5.93
N THR A 58 -3.57 7.77 7.00
CA THR A 58 -2.94 7.57 8.30
C THR A 58 -2.80 6.09 8.63
N LYS A 59 -3.52 5.26 7.87
CA LYS A 59 -3.47 3.81 8.07
C LYS A 59 -3.94 3.07 6.82
N ILE A 60 -3.36 1.90 6.58
CA ILE A 60 -3.71 1.09 5.43
C ILE A 60 -3.74 -0.39 5.78
N LYS A 61 -4.70 -1.12 5.24
CA LYS A 61 -4.83 -2.55 5.49
C LYS A 61 -4.25 -3.38 4.35
N TYR A 62 -3.30 -4.25 4.68
CA TYR A 62 -2.67 -5.11 3.68
C TYR A 62 -3.22 -6.52 3.74
N GLN A 63 -3.28 -7.19 2.59
CA GLN A 63 -3.80 -8.55 2.52
C GLN A 63 -2.79 -9.54 3.10
N ASP A 64 -3.26 -10.37 4.03
CA ASP A 64 -2.39 -11.37 4.67
C ASP A 64 -2.17 -12.55 3.73
N GLU A 65 -1.60 -13.62 4.29
CA GLU A 65 -1.33 -14.82 3.50
C GLU A 65 -2.57 -15.71 3.41
N ASP A 66 -3.65 -15.26 4.03
CA ASP A 66 -4.91 -16.02 4.02
C ASP A 66 -6.01 -15.21 3.34
N GLY A 67 -5.63 -14.10 2.73
CA GLY A 67 -6.62 -13.25 2.06
C GLY A 67 -7.40 -12.40 3.03
N ASP A 68 -6.96 -12.36 4.28
CA ASP A 68 -7.65 -11.57 5.31
C ASP A 68 -6.93 -10.25 5.54
N PHE A 69 -7.63 -9.15 5.27
CA PHE A 69 -7.07 -7.82 5.45
C PHE A 69 -6.71 -7.58 6.91
N VAL A 70 -5.50 -7.05 7.13
CA VAL A 70 -5.02 -6.77 8.48
C VAL A 70 -4.53 -5.32 8.59
N VAL A 71 -4.60 -4.77 9.79
CA VAL A 71 -4.16 -3.40 10.04
C VAL A 71 -2.65 -3.29 9.96
N LEU A 72 -2.16 -2.15 9.47
CA LEU A 72 -0.73 -1.91 9.33
C LEU A 72 -0.37 -0.53 9.89
N GLY A 73 0.07 -0.49 11.14
CA GLY A 73 0.44 0.76 11.77
C GLY A 73 1.67 0.63 12.65
N SER A 74 2.43 -0.44 12.43
CA SER A 74 3.65 -0.67 13.21
C SER A 74 4.81 -1.07 12.31
N ASP A 75 6.02 -0.79 12.76
CA ASP A 75 7.21 -1.13 11.99
C ASP A 75 7.38 -2.63 11.85
N GLU A 76 7.15 -3.35 12.95
CA GLU A 76 7.27 -4.80 12.95
C GLU A 76 6.28 -5.43 11.97
N ASP A 77 5.14 -4.77 11.79
CA ASP A 77 4.11 -5.26 10.88
C ASP A 77 4.61 -5.29 9.45
N TRP A 78 5.28 -4.21 9.04
CA TRP A 78 5.83 -4.11 7.70
C TRP A 78 6.92 -5.15 7.48
N ASN A 79 7.70 -5.43 8.52
CA ASN A 79 8.77 -6.40 8.44
C ASN A 79 8.22 -7.79 8.13
N VAL A 80 7.24 -8.23 8.93
CA VAL A 80 6.61 -9.53 8.73
C VAL A 80 5.95 -9.61 7.36
N ALA A 81 5.39 -8.49 6.91
CA ALA A 81 4.71 -8.43 5.62
C ALA A 81 5.67 -8.80 4.49
N LYS A 82 6.90 -8.34 4.59
CA LYS A 82 7.92 -8.63 3.58
C LYS A 82 8.22 -10.13 3.55
N GLU A 83 8.40 -10.72 4.73
CA GLU A 83 8.70 -12.14 4.83
C GLU A 83 7.56 -12.98 4.27
N MET A 84 6.36 -12.39 4.24
CA MET A 84 5.18 -13.08 3.73
C MET A 84 5.29 -13.27 2.22
N LEU A 85 5.49 -12.16 1.50
CA LEU A 85 5.61 -12.20 0.05
C LEU A 85 6.97 -12.75 -0.38
N ALA A 86 7.87 -12.91 0.60
CA ALA A 86 9.21 -13.43 0.32
C ALA A 86 9.19 -14.94 0.14
N GLU A 87 8.56 -15.64 1.07
CA GLU A 87 8.48 -17.10 1.02
C GLU A 87 7.29 -17.55 0.17
N ASN A 88 6.57 -16.59 -0.39
CA ASN A 88 5.41 -16.89 -1.22
C ASN A 88 5.61 -16.39 -2.65
N ASN A 89 6.69 -15.65 -2.86
CA ASN A 89 7.00 -15.10 -4.18
C ASN A 89 5.83 -14.28 -4.71
N GLU A 90 5.06 -13.71 -3.80
CA GLU A 90 3.90 -12.90 -4.17
C GLU A 90 4.30 -11.69 -5.02
N LYS A 91 5.28 -10.93 -4.52
CA LYS A 91 5.77 -9.75 -5.24
C LYS A 91 4.66 -8.72 -5.42
N PHE A 92 3.59 -8.86 -4.67
CA PHE A 92 2.46 -7.93 -4.76
C PHE A 92 1.53 -8.08 -3.56
N LEU A 93 0.71 -7.08 -3.31
CA LEU A 93 -0.22 -7.11 -2.18
C LEU A 93 -1.35 -6.09 -2.37
N ASN A 94 -2.56 -6.48 -2.00
CA ASN A 94 -3.73 -5.62 -2.11
C ASN A 94 -3.91 -4.80 -0.84
N ILE A 95 -3.89 -3.48 -0.97
CA ILE A 95 -4.05 -2.59 0.17
C ILE A 95 -5.30 -1.73 0.04
N ARG A 96 -5.98 -1.50 1.15
CA ARG A 96 -7.19 -0.69 1.16
C ARG A 96 -6.94 0.65 1.84
N LEU A 97 -7.43 1.73 1.22
CA LEU A 97 -7.26 3.07 1.76
C LEU A 97 -8.40 3.43 2.71
N TYR A 98 -8.07 4.11 3.79
CA TYR A 98 -9.07 4.50 4.77
C TYR A 98 -9.03 6.02 5.02
N GLY A 1 15.77 -3.30 -9.21
CA GLY A 1 15.48 -4.02 -7.92
C GLY A 1 16.49 -5.12 -7.65
N PRO A 2 17.58 -4.81 -6.92
CA PRO A 2 18.62 -5.80 -6.59
C PRO A 2 18.11 -6.85 -5.60
N LEU A 3 17.46 -6.38 -4.54
CA LEU A 3 16.93 -7.28 -3.51
C LEU A 3 15.62 -7.90 -3.97
N GLY A 4 14.60 -7.07 -4.14
CA GLY A 4 13.29 -7.55 -4.56
C GLY A 4 12.18 -6.56 -4.27
N SER A 5 11.90 -5.68 -5.22
CA SER A 5 10.85 -4.68 -5.05
C SER A 5 9.47 -5.34 -5.09
N ILE A 6 8.51 -4.72 -4.41
CA ILE A 6 7.15 -5.24 -4.35
C ILE A 6 6.15 -4.22 -4.87
N LEU A 7 5.26 -4.66 -5.76
CA LEU A 7 4.25 -3.78 -6.33
C LEU A 7 3.12 -3.52 -5.33
N PHE A 8 3.09 -2.31 -4.78
CA PHE A 8 2.06 -1.95 -3.82
C PHE A 8 0.87 -1.30 -4.51
N ARG A 9 -0.32 -1.84 -4.24
CA ARG A 9 -1.54 -1.32 -4.83
C ARG A 9 -2.32 -0.48 -3.82
N ILE A 10 -2.76 0.70 -4.25
CA ILE A 10 -3.51 1.60 -3.38
C ILE A 10 -4.87 1.95 -3.98
N SER A 11 -5.91 1.24 -3.54
CA SER A 11 -7.26 1.48 -4.03
C SER A 11 -7.88 2.70 -3.37
N TYR A 12 -7.51 3.89 -3.86
CA TYR A 12 -8.04 5.14 -3.33
C TYR A 12 -9.51 5.29 -3.66
N ASN A 13 -10.30 5.68 -2.65
CA ASN A 13 -11.74 5.87 -2.83
C ASN A 13 -12.17 7.23 -2.29
N ASN A 14 -13.43 7.58 -2.54
CA ASN A 14 -13.97 8.85 -2.07
C ASN A 14 -15.17 8.65 -1.14
N ASN A 15 -16.15 7.89 -1.62
CA ASN A 15 -17.35 7.62 -0.83
C ASN A 15 -17.94 6.27 -1.20
N SER A 16 -17.07 5.26 -1.35
CA SER A 16 -17.49 3.91 -1.70
C SER A 16 -18.30 3.91 -3.00
N ASN A 17 -18.02 4.90 -3.86
CA ASN A 17 -18.71 5.01 -5.14
C ASN A 17 -17.88 5.81 -6.14
N ASN A 18 -17.25 6.87 -5.65
CA ASN A 18 -16.41 7.74 -6.49
C ASN A 18 -17.23 8.36 -7.61
N THR A 19 -16.58 9.24 -8.38
CA THR A 19 -17.24 9.91 -9.50
C THR A 19 -16.83 9.27 -10.82
N SER A 20 -15.82 8.41 -10.76
CA SER A 20 -15.32 7.73 -11.96
C SER A 20 -14.55 6.47 -11.57
N SER A 21 -15.23 5.55 -10.89
CA SER A 21 -14.62 4.30 -10.45
C SER A 21 -13.47 4.55 -9.49
N SER A 22 -12.92 3.47 -8.94
CA SER A 22 -11.81 3.58 -8.00
C SER A 22 -10.48 3.70 -8.74
N GLU A 23 -9.46 4.17 -8.03
CA GLU A 23 -8.14 4.33 -8.62
C GLU A 23 -7.07 3.61 -7.81
N ILE A 24 -6.49 2.56 -8.39
CA ILE A 24 -5.46 1.79 -7.72
C ILE A 24 -4.08 2.13 -8.25
N PHE A 25 -3.19 2.58 -7.37
CA PHE A 25 -1.84 2.94 -7.77
C PHE A 25 -0.93 1.72 -7.78
N THR A 26 0.18 1.82 -8.51
CA THR A 26 1.15 0.72 -8.59
C THR A 26 2.58 1.25 -8.53
N LEU A 27 3.15 1.26 -7.33
CA LEU A 27 4.51 1.74 -7.14
C LEU A 27 5.42 0.64 -6.62
N LEU A 28 6.71 0.73 -6.96
CA LEU A 28 7.69 -0.25 -6.52
C LEU A 28 8.23 0.11 -5.14
N VAL A 29 8.12 -0.82 -4.20
CA VAL A 29 8.60 -0.60 -2.84
C VAL A 29 9.85 -1.43 -2.57
N GLU A 30 10.95 -0.75 -2.27
CA GLU A 30 12.21 -1.41 -1.98
C GLU A 30 12.16 -2.12 -0.62
N LYS A 31 13.10 -3.03 -0.40
CA LYS A 31 13.16 -3.77 0.86
C LYS A 31 13.95 -2.99 1.92
N VAL A 32 14.82 -2.09 1.47
CA VAL A 32 15.62 -1.27 2.37
C VAL A 32 14.81 -0.11 2.91
N TRP A 33 13.51 -0.12 2.63
CA TRP A 33 12.62 0.94 3.10
C TRP A 33 12.17 0.69 4.53
N ASN A 34 11.13 1.41 4.95
CA ASN A 34 10.59 1.28 6.30
C ASN A 34 9.10 1.57 6.31
N PHE A 35 8.51 1.65 7.50
CA PHE A 35 7.09 1.92 7.63
C PHE A 35 6.78 3.36 7.25
N ASP A 36 7.57 4.30 7.78
CA ASP A 36 7.37 5.72 7.50
C ASP A 36 7.69 6.03 6.04
N ASP A 37 8.76 5.43 5.52
CA ASP A 37 9.16 5.65 4.13
C ASP A 37 8.11 5.10 3.18
N LEU A 38 7.42 4.04 3.61
CA LEU A 38 6.38 3.42 2.79
C LEU A 38 5.18 4.34 2.65
N ILE A 39 4.63 4.76 3.79
CA ILE A 39 3.46 5.65 3.79
C ILE A 39 3.78 6.96 3.09
N MET A 40 5.06 7.30 3.02
CA MET A 40 5.49 8.54 2.36
C MET A 40 5.24 8.47 0.87
N ALA A 41 5.72 7.39 0.24
CA ALA A 41 5.54 7.19 -1.19
C ALA A 41 4.06 7.17 -1.55
N ILE A 42 3.26 6.60 -0.67
CA ILE A 42 1.82 6.51 -0.89
C ILE A 42 1.18 7.89 -0.87
N ASN A 43 1.66 8.75 0.03
CA ASN A 43 1.14 10.10 0.16
C ASN A 43 1.36 10.89 -1.13
N SER A 44 2.56 10.77 -1.69
CA SER A 44 2.89 11.47 -2.93
C SER A 44 2.01 10.99 -4.07
N LYS A 45 1.60 9.73 -4.00
CA LYS A 45 0.74 9.15 -5.04
C LYS A 45 -0.63 9.80 -5.04
N ILE A 46 -1.12 10.12 -3.85
CA ILE A 46 -2.42 10.76 -3.70
C ILE A 46 -2.38 12.22 -4.15
N SER A 47 -1.22 12.83 -4.03
CA SER A 47 -1.04 14.22 -4.43
C SER A 47 -0.50 14.32 -5.85
N ASN A 48 -0.77 13.30 -6.65
CA ASN A 48 -0.31 13.27 -8.05
C ASN A 48 -1.49 13.29 -9.00
N THR A 49 -2.47 12.43 -8.74
CA THR A 49 -3.67 12.35 -9.58
C THR A 49 -4.68 13.42 -9.19
N HIS A 50 -4.74 13.74 -7.91
CA HIS A 50 -5.67 14.75 -7.40
C HIS A 50 -4.98 16.09 -7.24
N ASN A 51 -5.46 17.10 -7.95
CA ASN A 51 -4.89 18.44 -7.88
C ASN A 51 -5.07 19.04 -6.49
N ASN A 52 -5.95 18.44 -5.69
CA ASN A 52 -6.21 18.93 -4.34
C ASN A 52 -5.34 18.19 -3.32
N ASN A 53 -5.46 18.58 -2.06
CA ASN A 53 -4.69 17.96 -0.98
C ASN A 53 -5.61 17.42 0.10
N ILE A 54 -5.87 16.11 0.04
CA ILE A 54 -6.74 15.46 1.02
C ILE A 54 -6.04 15.31 2.37
N SER A 55 -6.78 14.82 3.36
CA SER A 55 -6.22 14.64 4.70
C SER A 55 -5.09 13.62 4.68
N PRO A 56 -4.03 13.85 5.48
CA PRO A 56 -2.87 12.95 5.56
C PRO A 56 -3.27 11.54 6.00
N ILE A 57 -2.90 10.55 5.20
CA ILE A 57 -3.21 9.15 5.51
C ILE A 57 -2.01 8.47 6.16
N THR A 58 -2.26 7.83 7.30
CA THR A 58 -1.21 7.13 8.02
C THR A 58 -1.70 5.78 8.54
N LYS A 59 -2.75 5.26 7.92
CA LYS A 59 -3.31 3.97 8.31
C LYS A 59 -3.86 3.22 7.10
N ILE A 60 -3.17 2.15 6.71
CA ILE A 60 -3.59 1.35 5.57
C ILE A 60 -3.65 -0.13 5.94
N LYS A 61 -4.50 -0.87 5.24
CA LYS A 61 -4.65 -2.31 5.51
C LYS A 61 -4.12 -3.14 4.34
N TYR A 62 -3.13 -3.98 4.64
CA TYR A 62 -2.52 -4.84 3.63
C TYR A 62 -3.13 -6.24 3.67
N GLN A 63 -3.27 -6.85 2.50
CA GLN A 63 -3.84 -8.19 2.40
C GLN A 63 -2.83 -9.25 2.83
N ASP A 64 -3.08 -9.86 3.99
CA ASP A 64 -2.18 -10.90 4.50
C ASP A 64 -2.27 -12.16 3.64
N GLU A 65 -1.39 -13.12 3.91
CA GLU A 65 -1.36 -14.37 3.16
C GLU A 65 -2.62 -15.19 3.44
N ASP A 66 -3.36 -14.81 4.47
CA ASP A 66 -4.58 -15.52 4.85
C ASP A 66 -5.76 -15.00 4.03
N GLY A 67 -5.50 -14.06 3.13
CA GLY A 67 -6.56 -13.51 2.32
C GLY A 67 -7.48 -12.58 3.08
N ASP A 68 -6.93 -11.94 4.12
CA ASP A 68 -7.70 -11.02 4.94
C ASP A 68 -6.92 -9.73 5.19
N PHE A 69 -7.60 -8.60 5.04
CA PHE A 69 -6.97 -7.30 5.26
C PHE A 69 -6.65 -7.08 6.73
N VAL A 70 -5.39 -6.77 7.02
CA VAL A 70 -4.95 -6.53 8.39
C VAL A 70 -4.41 -5.12 8.56
N VAL A 71 -4.50 -4.59 9.77
CA VAL A 71 -4.02 -3.24 10.06
C VAL A 71 -2.50 -3.19 10.07
N LEU A 72 -1.95 -2.08 9.58
CA LEU A 72 -0.50 -1.89 9.52
C LEU A 72 -0.12 -0.48 9.93
N GLY A 73 0.21 -0.30 11.21
CA GLY A 73 0.60 1.00 11.70
C GLY A 73 1.82 0.95 12.59
N SER A 74 2.56 -0.16 12.52
CA SER A 74 3.76 -0.34 13.33
C SER A 74 4.94 -0.77 12.45
N ASP A 75 6.14 -0.71 13.03
CA ASP A 75 7.34 -1.10 12.31
C ASP A 75 7.39 -2.60 12.09
N GLU A 76 7.12 -3.36 13.16
CA GLU A 76 7.13 -4.81 13.09
C GLU A 76 6.07 -5.32 12.12
N ASP A 77 5.00 -4.54 11.96
CA ASP A 77 3.92 -4.91 11.06
C ASP A 77 4.41 -4.96 9.61
N TRP A 78 5.29 -4.01 9.26
CA TRP A 78 5.85 -3.94 7.92
C TRP A 78 6.85 -5.07 7.70
N ASN A 79 7.57 -5.43 8.76
CA ASN A 79 8.56 -6.49 8.69
C ASN A 79 7.90 -7.82 8.35
N VAL A 80 6.82 -8.14 9.07
CA VAL A 80 6.09 -9.38 8.84
C VAL A 80 5.49 -9.41 7.44
N ALA A 81 5.09 -8.24 6.94
CA ALA A 81 4.51 -8.13 5.61
C ALA A 81 5.48 -8.65 4.56
N LYS A 82 6.75 -8.29 4.70
CA LYS A 82 7.77 -8.73 3.76
C LYS A 82 7.93 -10.24 3.80
N GLU A 83 7.93 -10.79 5.02
CA GLU A 83 8.06 -12.23 5.20
C GLU A 83 6.85 -12.96 4.63
N MET A 84 5.70 -12.28 4.65
CA MET A 84 4.47 -12.85 4.13
C MET A 84 4.58 -13.11 2.63
N LEU A 85 5.15 -12.13 1.92
CA LEU A 85 5.33 -12.24 0.48
C LEU A 85 6.47 -13.20 0.16
N ALA A 86 7.35 -13.41 1.14
CA ALA A 86 8.49 -14.31 0.97
C ALA A 86 8.03 -15.76 0.92
N GLU A 87 8.88 -16.62 0.37
CA GLU A 87 8.58 -18.04 0.26
C GLU A 87 7.36 -18.28 -0.63
N ASN A 88 6.90 -17.21 -1.29
CA ASN A 88 5.75 -17.29 -2.17
C ASN A 88 5.96 -16.45 -3.43
N ASN A 89 7.10 -15.76 -3.49
CA ASN A 89 7.44 -14.93 -4.63
C ASN A 89 6.34 -13.88 -4.89
N GLU A 90 5.63 -13.51 -3.84
CA GLU A 90 4.57 -12.53 -3.95
C GLU A 90 5.14 -11.15 -4.27
N LYS A 91 5.10 -10.78 -5.55
CA LYS A 91 5.62 -9.49 -5.99
C LYS A 91 4.51 -8.47 -6.12
N PHE A 92 3.46 -8.62 -5.31
CA PHE A 92 2.33 -7.71 -5.34
C PHE A 92 1.53 -7.79 -4.04
N LEU A 93 0.74 -6.77 -3.77
CA LEU A 93 -0.08 -6.73 -2.56
C LEU A 93 -1.25 -5.77 -2.72
N ASN A 94 -2.38 -6.11 -2.09
CA ASN A 94 -3.57 -5.28 -2.17
C ASN A 94 -3.77 -4.50 -0.87
N ILE A 95 -3.74 -3.18 -0.97
CA ILE A 95 -3.92 -2.32 0.19
C ILE A 95 -5.16 -1.44 0.05
N ARG A 96 -5.91 -1.30 1.14
CA ARG A 96 -7.12 -0.49 1.14
C ARG A 96 -6.87 0.84 1.85
N LEU A 97 -7.43 1.91 1.29
CA LEU A 97 -7.27 3.25 1.87
C LEU A 97 -8.39 3.54 2.86
N TYR A 98 -8.06 4.26 3.93
CA TYR A 98 -9.04 4.61 4.95
C TYR A 98 -8.91 6.07 5.36
N GLY A 1 10.89 -1.91 -15.48
CA GLY A 1 11.95 -2.08 -14.44
C GLY A 1 11.40 -2.63 -13.14
N PRO A 2 11.05 -3.94 -13.11
CA PRO A 2 10.51 -4.57 -11.89
C PRO A 2 11.54 -4.65 -10.78
N LEU A 3 12.69 -5.25 -11.08
CA LEU A 3 13.76 -5.41 -10.09
C LEU A 3 13.27 -6.18 -8.88
N GLY A 4 14.08 -6.15 -7.81
CA GLY A 4 13.71 -6.85 -6.59
C GLY A 4 12.85 -6.01 -5.67
N SER A 5 11.75 -5.49 -6.21
CA SER A 5 10.84 -4.66 -5.44
C SER A 5 9.48 -5.34 -5.28
N ILE A 6 8.52 -4.61 -4.71
CA ILE A 6 7.18 -5.14 -4.50
C ILE A 6 6.12 -4.16 -4.97
N LEU A 7 5.22 -4.63 -5.83
CA LEU A 7 4.15 -3.78 -6.35
C LEU A 7 3.08 -3.56 -5.29
N PHE A 8 2.86 -2.30 -4.93
CA PHE A 8 1.87 -1.95 -3.92
C PHE A 8 0.65 -1.30 -4.55
N ARG A 9 -0.47 -2.02 -4.54
CA ARG A 9 -1.72 -1.51 -5.11
C ARG A 9 -2.53 -0.77 -4.05
N ILE A 10 -2.89 0.47 -4.34
CA ILE A 10 -3.66 1.28 -3.40
C ILE A 10 -4.98 1.73 -4.02
N SER A 11 -6.04 0.97 -3.77
CA SER A 11 -7.36 1.30 -4.30
C SER A 11 -7.97 2.49 -3.57
N TYR A 12 -7.80 3.68 -4.14
CA TYR A 12 -8.33 4.90 -3.54
C TYR A 12 -9.81 5.07 -3.84
N ASN A 13 -10.62 5.06 -2.79
CA ASN A 13 -12.07 5.21 -2.93
C ASN A 13 -12.57 6.30 -2.00
N ASN A 14 -11.86 6.51 -0.90
CA ASN A 14 -12.22 7.52 0.09
C ASN A 14 -13.64 7.31 0.62
N ASN A 15 -14.16 6.11 0.41
CA ASN A 15 -15.51 5.77 0.87
C ASN A 15 -15.79 4.28 0.69
N SER A 16 -17.06 3.92 0.76
CA SER A 16 -17.47 2.52 0.61
C SER A 16 -18.87 2.43 0.01
N ASN A 17 -18.93 2.21 -1.30
CA ASN A 17 -20.20 2.10 -2.00
C ASN A 17 -21.04 3.36 -1.82
N ASN A 18 -20.47 4.50 -2.18
CA ASN A 18 -21.17 5.78 -2.06
C ASN A 18 -21.02 6.61 -3.34
N THR A 19 -19.97 6.33 -4.09
CA THR A 19 -19.71 7.04 -5.34
C THR A 19 -18.96 6.15 -6.33
N SER A 20 -18.61 6.72 -7.48
CA SER A 20 -17.88 5.99 -8.51
C SER A 20 -16.48 6.54 -8.68
N SER A 21 -15.53 5.99 -7.92
CA SER A 21 -14.14 6.43 -7.98
C SER A 21 -13.22 5.37 -7.40
N SER A 22 -12.23 4.98 -8.18
CA SER A 22 -11.26 3.97 -7.74
C SER A 22 -9.93 4.13 -8.48
N GLU A 23 -8.95 4.72 -7.80
CA GLU A 23 -7.64 4.93 -8.39
C GLU A 23 -6.58 4.06 -7.71
N ILE A 24 -6.34 2.89 -8.29
CA ILE A 24 -5.36 1.97 -7.75
C ILE A 24 -3.94 2.38 -8.16
N PHE A 25 -3.20 2.96 -7.21
CA PHE A 25 -1.84 3.40 -7.47
C PHE A 25 -0.85 2.23 -7.34
N THR A 26 0.12 2.20 -8.24
CA THR A 26 1.13 1.15 -8.23
C THR A 26 2.50 1.71 -7.87
N LEU A 27 2.92 1.47 -6.62
CA LEU A 27 4.21 1.96 -6.15
C LEU A 27 5.18 0.81 -5.90
N LEU A 28 6.35 0.90 -6.52
CA LEU A 28 7.37 -0.14 -6.38
C LEU A 28 8.11 0.03 -5.04
N VAL A 29 7.48 -0.43 -3.97
CA VAL A 29 8.07 -0.34 -2.64
C VAL A 29 9.29 -1.24 -2.51
N GLU A 30 10.46 -0.64 -2.32
CA GLU A 30 11.70 -1.39 -2.18
C GLU A 30 11.77 -2.06 -0.82
N LYS A 31 12.75 -2.95 -0.65
CA LYS A 31 12.93 -3.66 0.60
C LYS A 31 13.81 -2.87 1.56
N VAL A 32 14.47 -1.84 1.03
CA VAL A 32 15.34 -1.00 1.84
C VAL A 32 14.56 0.14 2.49
N TRP A 33 13.26 0.21 2.19
CA TRP A 33 12.40 1.25 2.75
C TRP A 33 11.93 0.88 4.15
N ASN A 34 11.11 1.74 4.74
CA ASN A 34 10.59 1.51 6.09
C ASN A 34 9.08 1.71 6.12
N PHE A 35 8.52 1.81 7.32
CA PHE A 35 7.08 2.00 7.48
C PHE A 35 6.68 3.43 7.14
N ASP A 36 7.28 4.39 7.82
CA ASP A 36 6.98 5.81 7.58
C ASP A 36 7.32 6.21 6.15
N ASP A 37 8.42 5.65 5.63
CA ASP A 37 8.85 5.97 4.27
C ASP A 37 7.84 5.43 3.25
N LEU A 38 7.18 4.34 3.60
CA LEU A 38 6.19 3.73 2.72
C LEU A 38 4.93 4.60 2.64
N ILE A 39 4.35 4.87 3.80
CA ILE A 39 3.13 5.69 3.86
C ILE A 39 3.37 7.08 3.27
N MET A 40 4.60 7.56 3.35
CA MET A 40 4.95 8.87 2.81
C MET A 40 5.08 8.81 1.29
N ALA A 41 5.51 7.66 0.78
CA ALA A 41 5.67 7.47 -0.66
C ALA A 41 4.33 7.53 -1.38
N ILE A 42 3.29 7.01 -0.72
CA ILE A 42 1.95 7.00 -1.29
C ILE A 42 1.36 8.41 -1.31
N ASN A 43 1.35 9.06 -0.15
CA ASN A 43 0.81 10.41 -0.04
C ASN A 43 1.44 11.35 -1.06
N SER A 44 2.75 11.25 -1.21
CA SER A 44 3.48 12.09 -2.15
C SER A 44 3.11 11.73 -3.59
N LYS A 45 2.84 10.46 -3.82
CA LYS A 45 2.46 9.98 -5.15
C LYS A 45 1.14 10.60 -5.59
N ILE A 46 0.29 10.93 -4.62
CA ILE A 46 -1.00 11.53 -4.90
C ILE A 46 -0.87 13.03 -5.15
N SER A 47 0.10 13.66 -4.49
CA SER A 47 0.34 15.09 -4.65
C SER A 47 1.13 15.37 -5.92
N ASN A 48 1.33 14.34 -6.74
CA ASN A 48 2.07 14.48 -7.98
C ASN A 48 1.15 14.84 -9.14
N THR A 49 0.26 13.91 -9.49
CA THR A 49 -0.69 14.13 -10.56
C THR A 49 -1.94 14.83 -10.06
N HIS A 50 -2.13 14.83 -8.75
CA HIS A 50 -3.28 15.47 -8.13
C HIS A 50 -2.86 16.45 -7.05
N ASN A 51 -3.83 16.94 -6.28
CA ASN A 51 -3.55 17.88 -5.21
C ASN A 51 -3.45 17.16 -3.86
N ASN A 52 -2.92 17.86 -2.86
CA ASN A 52 -2.78 17.28 -1.52
C ASN A 52 -3.94 17.70 -0.62
N ASN A 53 -5.12 17.84 -1.21
CA ASN A 53 -6.31 18.22 -0.46
C ASN A 53 -7.16 17.01 -0.12
N ILE A 54 -6.55 15.83 -0.20
CA ILE A 54 -7.25 14.59 0.10
C ILE A 54 -6.74 13.96 1.40
N SER A 55 -7.15 12.72 1.65
CA SER A 55 -6.74 12.02 2.86
C SER A 55 -5.24 11.78 2.88
N PRO A 56 -4.53 12.36 3.87
CA PRO A 56 -3.07 12.21 4.00
C PRO A 56 -2.66 10.78 4.29
N ILE A 57 -3.65 9.89 4.45
CA ILE A 57 -3.40 8.49 4.73
C ILE A 57 -2.69 8.31 6.07
N THR A 58 -3.42 7.80 7.06
CA THR A 58 -2.86 7.59 8.39
C THR A 58 -2.92 6.11 8.77
N LYS A 59 -3.62 5.32 7.97
CA LYS A 59 -3.75 3.89 8.23
C LYS A 59 -4.10 3.13 6.95
N ILE A 60 -3.47 1.98 6.76
CA ILE A 60 -3.71 1.15 5.58
C ILE A 60 -3.69 -0.33 5.95
N LYS A 61 -4.49 -1.12 5.24
CA LYS A 61 -4.55 -2.55 5.50
C LYS A 61 -4.01 -3.35 4.31
N TYR A 62 -3.12 -4.30 4.61
CA TYR A 62 -2.52 -5.13 3.58
C TYR A 62 -3.08 -6.55 3.62
N GLN A 63 -3.08 -7.22 2.47
CA GLN A 63 -3.59 -8.57 2.37
C GLN A 63 -2.62 -9.56 3.02
N ASP A 64 -3.13 -10.32 3.99
CA ASP A 64 -2.32 -11.30 4.70
C ASP A 64 -2.24 -12.60 3.93
N GLU A 65 -1.77 -13.66 4.58
CA GLU A 65 -1.65 -14.97 3.95
C GLU A 65 -3.02 -15.59 3.70
N ASP A 66 -3.94 -15.38 4.63
CA ASP A 66 -5.30 -15.92 4.51
C ASP A 66 -6.13 -15.10 3.53
N GLY A 67 -5.54 -14.03 3.01
CA GLY A 67 -6.24 -13.17 2.06
C GLY A 67 -7.06 -12.10 2.76
N ASP A 68 -7.08 -12.14 4.09
CA ASP A 68 -7.82 -11.16 4.87
C ASP A 68 -6.98 -9.92 5.13
N PHE A 69 -7.59 -8.75 4.98
CA PHE A 69 -6.88 -7.49 5.19
C PHE A 69 -6.60 -7.28 6.67
N VAL A 70 -5.33 -7.07 7.00
CA VAL A 70 -4.91 -6.86 8.39
C VAL A 70 -4.40 -5.43 8.59
N VAL A 71 -4.44 -4.97 9.84
CA VAL A 71 -3.98 -3.63 10.17
C VAL A 71 -2.47 -3.52 10.02
N LEU A 72 -2.01 -2.32 9.68
CA LEU A 72 -0.59 -2.06 9.50
C LEU A 72 -0.21 -0.70 10.09
N GLY A 73 0.13 -0.69 11.36
CA GLY A 73 0.51 0.54 12.03
C GLY A 73 1.71 0.38 12.94
N SER A 74 2.75 -0.28 12.42
CA SER A 74 3.96 -0.51 13.20
C SER A 74 5.10 -0.96 12.29
N ASP A 75 6.33 -0.77 12.76
CA ASP A 75 7.52 -1.15 11.99
C ASP A 75 7.58 -2.66 11.80
N GLU A 76 7.24 -3.40 12.85
CA GLU A 76 7.26 -4.86 12.80
C GLU A 76 6.22 -5.37 11.79
N ASP A 77 5.09 -4.67 11.70
CA ASP A 77 4.04 -5.07 10.78
C ASP A 77 4.55 -5.08 9.34
N TRP A 78 5.39 -4.10 9.02
CA TRP A 78 5.95 -3.99 7.68
C TRP A 78 6.96 -5.12 7.43
N ASN A 79 7.68 -5.49 8.49
CA ASN A 79 8.67 -6.56 8.39
C ASN A 79 8.02 -7.87 8.02
N VAL A 80 6.93 -8.21 8.72
CA VAL A 80 6.21 -9.46 8.47
C VAL A 80 5.58 -9.44 7.07
N ALA A 81 5.25 -8.25 6.59
CA ALA A 81 4.66 -8.10 5.27
C ALA A 81 5.60 -8.58 4.18
N LYS A 82 6.83 -8.09 4.22
CA LYS A 82 7.84 -8.48 3.23
C LYS A 82 8.15 -9.96 3.34
N GLU A 83 8.36 -10.44 4.56
CA GLU A 83 8.66 -11.85 4.79
C GLU A 83 7.51 -12.73 4.32
N MET A 84 6.31 -12.17 4.32
CA MET A 84 5.12 -12.89 3.88
C MET A 84 5.21 -13.22 2.39
N LEU A 85 5.52 -12.21 1.60
CA LEU A 85 5.65 -12.39 0.15
C LEU A 85 6.90 -13.20 -0.19
N ALA A 86 7.78 -13.33 0.80
CA ALA A 86 9.02 -14.07 0.62
C ALA A 86 8.78 -15.58 0.65
N GLU A 87 8.07 -16.04 1.67
CA GLU A 87 7.78 -17.46 1.83
C GLU A 87 6.64 -17.89 0.90
N ASN A 88 5.98 -16.92 0.30
CA ASN A 88 4.87 -17.20 -0.61
C ASN A 88 5.26 -16.95 -2.06
N ASN A 89 6.53 -16.57 -2.27
CA ASN A 89 7.04 -16.30 -3.61
C ASN A 89 6.20 -15.23 -4.30
N GLU A 90 5.51 -14.42 -3.51
CA GLU A 90 4.67 -13.35 -4.05
C GLU A 90 5.51 -12.27 -4.71
N LYS A 91 4.86 -11.20 -5.14
CA LYS A 91 5.54 -10.09 -5.79
C LYS A 91 4.83 -8.77 -5.53
N PHE A 92 3.52 -8.84 -5.34
CA PHE A 92 2.72 -7.65 -5.07
C PHE A 92 1.81 -7.85 -3.85
N LEU A 93 0.93 -6.88 -3.61
CA LEU A 93 0.01 -6.96 -2.48
C LEU A 93 -1.13 -5.96 -2.65
N ASN A 94 -2.30 -6.31 -2.12
CA ASN A 94 -3.47 -5.44 -2.22
C ASN A 94 -3.66 -4.63 -0.93
N ILE A 95 -3.80 -3.31 -1.08
CA ILE A 95 -3.98 -2.43 0.07
C ILE A 95 -5.23 -1.58 -0.11
N ARG A 96 -5.99 -1.44 0.98
CA ARG A 96 -7.21 -0.63 0.95
C ARG A 96 -7.07 0.57 1.88
N LEU A 97 -7.61 1.70 1.45
CA LEU A 97 -7.54 2.92 2.26
C LEU A 97 -8.73 3.01 3.21
N TYR A 98 -8.62 3.88 4.20
CA TYR A 98 -9.68 4.06 5.19
C TYR A 98 -9.89 5.54 5.51
N GLY A 1 14.32 -3.34 -9.31
CA GLY A 1 14.37 -4.20 -10.54
C GLY A 1 13.69 -5.54 -10.33
N PRO A 2 13.87 -6.49 -11.26
CA PRO A 2 13.27 -7.82 -11.16
C PRO A 2 13.93 -8.69 -10.09
N LEU A 3 15.08 -8.23 -9.60
CA LEU A 3 15.81 -8.96 -8.57
C LEU A 3 15.04 -8.96 -7.25
N GLY A 4 14.20 -7.95 -7.06
CA GLY A 4 13.42 -7.86 -5.84
C GLY A 4 12.29 -6.85 -5.95
N SER A 5 12.21 -5.94 -4.97
CA SER A 5 11.18 -4.91 -4.94
C SER A 5 9.79 -5.52 -4.76
N ILE A 6 8.86 -4.72 -4.28
CA ILE A 6 7.49 -5.18 -4.05
C ILE A 6 6.47 -4.18 -4.59
N LEU A 7 5.43 -4.69 -5.23
CA LEU A 7 4.38 -3.85 -5.79
C LEU A 7 3.35 -3.51 -4.72
N PHE A 8 3.01 -2.23 -4.61
CA PHE A 8 2.02 -1.80 -3.62
C PHE A 8 0.82 -1.14 -4.29
N ARG A 9 -0.23 -1.92 -4.48
CA ARG A 9 -1.45 -1.42 -5.09
C ARG A 9 -2.27 -0.63 -4.08
N ILE A 10 -2.72 0.56 -4.48
CA ILE A 10 -3.51 1.41 -3.59
C ILE A 10 -4.89 1.68 -4.17
N SER A 11 -5.91 1.05 -3.57
CA SER A 11 -7.29 1.23 -4.02
C SER A 11 -7.92 2.42 -3.34
N TYR A 12 -7.68 3.62 -3.88
CA TYR A 12 -8.25 4.84 -3.31
C TYR A 12 -9.73 4.95 -3.62
N ASN A 13 -10.52 5.32 -2.62
CA ASN A 13 -11.96 5.46 -2.79
C ASN A 13 -12.38 6.92 -2.69
N ASN A 14 -13.66 7.18 -2.95
CA ASN A 14 -14.20 8.53 -2.88
C ASN A 14 -15.18 8.66 -1.71
N ASN A 15 -16.15 7.76 -1.66
CA ASN A 15 -17.15 7.77 -0.59
C ASN A 15 -17.29 6.38 0.02
N SER A 16 -16.19 5.63 0.04
CA SER A 16 -16.18 4.28 0.59
C SER A 16 -17.21 3.40 -0.10
N ASN A 17 -16.91 3.01 -1.34
CA ASN A 17 -17.81 2.16 -2.12
C ASN A 17 -17.22 0.77 -2.31
N ASN A 18 -18.07 -0.17 -2.69
CA ASN A 18 -17.64 -1.56 -2.90
C ASN A 18 -17.09 -1.74 -4.31
N THR A 19 -17.95 -1.53 -5.31
CA THR A 19 -17.55 -1.67 -6.70
C THR A 19 -18.33 -0.72 -7.59
N SER A 20 -17.69 0.37 -7.99
CA SER A 20 -18.33 1.36 -8.84
C SER A 20 -17.29 2.23 -9.55
N SER A 21 -16.47 2.92 -8.74
CA SER A 21 -15.43 3.78 -9.28
C SER A 21 -14.28 3.93 -8.30
N SER A 22 -13.20 3.17 -8.53
CA SER A 22 -12.04 3.21 -7.67
C SER A 22 -10.75 3.18 -8.49
N GLU A 23 -9.69 3.78 -7.95
CA GLU A 23 -8.41 3.83 -8.63
C GLU A 23 -7.37 2.98 -7.89
N ILE A 24 -6.45 2.39 -8.64
CA ILE A 24 -5.41 1.56 -8.07
C ILE A 24 -4.03 1.95 -8.60
N PHE A 25 -3.20 2.50 -7.72
CA PHE A 25 -1.86 2.92 -8.10
C PHE A 25 -0.86 1.78 -7.94
N THR A 26 0.33 1.96 -8.48
CA THR A 26 1.37 0.93 -8.40
C THR A 26 2.71 1.55 -8.00
N LEU A 27 3.09 1.34 -6.74
CA LEU A 27 4.36 1.87 -6.24
C LEU A 27 5.37 0.76 -5.99
N LEU A 28 6.57 0.94 -6.54
CA LEU A 28 7.63 -0.05 -6.38
C LEU A 28 8.39 0.17 -5.07
N VAL A 29 7.84 -0.37 -3.98
CA VAL A 29 8.44 -0.22 -2.67
C VAL A 29 9.66 -1.13 -2.52
N GLU A 30 10.79 -0.54 -2.12
CA GLU A 30 12.03 -1.29 -1.94
C GLU A 30 12.04 -2.00 -0.59
N LYS A 31 12.99 -2.91 -0.43
CA LYS A 31 13.11 -3.67 0.82
C LYS A 31 13.97 -2.91 1.83
N VAL A 32 14.80 -2.00 1.33
CA VAL A 32 15.67 -1.20 2.18
C VAL A 32 14.94 0.04 2.70
N TRP A 33 13.61 -0.03 2.71
CA TRP A 33 12.79 1.08 3.17
C TRP A 33 12.36 0.88 4.62
N ASN A 34 11.45 1.74 5.09
CA ASN A 34 10.93 1.67 6.45
C ASN A 34 9.42 1.77 6.45
N PHE A 35 8.85 2.08 7.62
CA PHE A 35 7.41 2.21 7.75
C PHE A 35 6.95 3.62 7.38
N ASP A 36 7.63 4.62 7.94
CA ASP A 36 7.29 6.01 7.67
C ASP A 36 7.58 6.37 6.22
N ASP A 37 8.64 5.79 5.68
CA ASP A 37 9.04 6.05 4.30
C ASP A 37 8.02 5.43 3.33
N LEU A 38 7.36 4.37 3.78
CA LEU A 38 6.37 3.68 2.96
C LEU A 38 5.10 4.52 2.82
N ILE A 39 4.60 5.01 3.95
CA ILE A 39 3.39 5.83 3.96
C ILE A 39 3.62 7.17 3.26
N MET A 40 4.87 7.60 3.21
CA MET A 40 5.23 8.86 2.57
C MET A 40 5.10 8.77 1.06
N ALA A 41 5.64 7.70 0.49
CA ALA A 41 5.58 7.50 -0.96
C ALA A 41 4.14 7.40 -1.44
N ILE A 42 3.32 6.67 -0.69
CA ILE A 42 1.91 6.49 -1.05
C ILE A 42 1.20 7.85 -1.16
N ASN A 43 1.44 8.72 -0.19
CA ASN A 43 0.84 10.04 -0.18
C ASN A 43 1.21 10.81 -1.44
N SER A 44 2.43 10.61 -1.92
CA SER A 44 2.91 11.29 -3.12
C SER A 44 2.13 10.81 -4.33
N LYS A 45 1.78 9.52 -4.33
CA LYS A 45 1.03 8.93 -5.43
C LYS A 45 -0.35 9.57 -5.54
N ILE A 46 -0.91 9.94 -4.40
CA ILE A 46 -2.22 10.57 -4.35
C ILE A 46 -2.15 12.06 -4.69
N SER A 47 -1.03 12.68 -4.33
CA SER A 47 -0.84 14.10 -4.59
C SER A 47 -0.44 14.33 -6.05
N ASN A 48 -0.46 13.26 -6.84
CA ASN A 48 -0.11 13.36 -8.26
C ASN A 48 -1.34 13.70 -9.10
N THR A 49 -2.51 13.34 -8.59
CA THR A 49 -3.77 13.61 -9.28
C THR A 49 -4.92 13.70 -8.29
N HIS A 50 -6.08 14.13 -8.78
CA HIS A 50 -7.26 14.28 -7.94
C HIS A 50 -7.03 15.27 -6.81
N ASN A 51 -7.45 16.51 -7.02
CA ASN A 51 -7.29 17.56 -6.02
C ASN A 51 -5.82 17.77 -5.68
N ASN A 52 -5.56 18.50 -4.60
CA ASN A 52 -4.20 18.78 -4.16
C ASN A 52 -3.61 17.59 -3.40
N ASN A 53 -3.98 17.48 -2.12
CA ASN A 53 -3.49 16.40 -1.28
C ASN A 53 -4.50 16.06 -0.19
N ILE A 54 -4.92 14.80 -0.14
CA ILE A 54 -5.89 14.35 0.86
C ILE A 54 -5.19 14.04 2.18
N SER A 55 -5.87 13.29 3.04
CA SER A 55 -5.32 12.92 4.34
C SER A 55 -3.99 12.18 4.17
N PRO A 56 -3.02 12.43 5.06
CA PRO A 56 -1.71 11.77 4.99
C PRO A 56 -1.78 10.27 5.27
N ILE A 57 -2.94 9.83 5.78
CA ILE A 57 -3.15 8.42 6.09
C ILE A 57 -2.23 7.96 7.22
N THR A 58 -2.83 7.39 8.26
CA THR A 58 -2.07 6.91 9.41
C THR A 58 -2.03 5.39 9.46
N LYS A 59 -3.03 4.75 8.86
CA LYS A 59 -3.09 3.29 8.84
C LYS A 59 -3.62 2.77 7.51
N ILE A 60 -3.04 1.67 7.04
CA ILE A 60 -3.44 1.06 5.77
C ILE A 60 -3.65 -0.43 5.93
N LYS A 61 -4.64 -0.97 5.23
CA LYS A 61 -4.96 -2.39 5.31
C LYS A 61 -4.24 -3.17 4.21
N TYR A 62 -3.23 -3.93 4.60
CA TYR A 62 -2.46 -4.72 3.63
C TYR A 62 -2.97 -6.17 3.60
N GLN A 63 -3.10 -6.71 2.40
CA GLN A 63 -3.57 -8.09 2.23
C GLN A 63 -2.62 -9.08 2.88
N ASP A 64 -3.16 -9.94 3.73
CA ASP A 64 -2.34 -10.94 4.43
C ASP A 64 -2.14 -12.17 3.55
N GLU A 65 -1.51 -13.20 4.12
CA GLU A 65 -1.26 -14.43 3.39
C GLU A 65 -2.55 -15.20 3.14
N ASP A 66 -3.56 -14.94 3.98
CA ASP A 66 -4.85 -15.60 3.86
C ASP A 66 -5.79 -14.80 2.96
N GLY A 67 -5.39 -13.58 2.63
CA GLY A 67 -6.21 -12.73 1.79
C GLY A 67 -6.94 -11.66 2.59
N ASP A 68 -7.16 -11.92 3.87
CA ASP A 68 -7.84 -10.97 4.74
C ASP A 68 -6.99 -9.74 5.00
N PHE A 69 -7.55 -8.57 4.68
CA PHE A 69 -6.82 -7.32 4.87
C PHE A 69 -6.62 -7.03 6.37
N VAL A 70 -5.37 -6.84 6.75
CA VAL A 70 -5.03 -6.56 8.14
C VAL A 70 -4.48 -5.14 8.30
N VAL A 71 -4.55 -4.62 9.51
CA VAL A 71 -4.07 -3.26 9.80
C VAL A 71 -2.55 -3.23 9.90
N LEU A 72 -1.96 -2.10 9.54
CA LEU A 72 -0.51 -1.91 9.59
C LEU A 72 -0.16 -0.54 10.15
N GLY A 73 0.47 -0.54 11.33
CA GLY A 73 0.86 0.72 11.95
C GLY A 73 2.06 0.56 12.87
N SER A 74 2.97 -0.34 12.50
CA SER A 74 4.16 -0.59 13.29
C SER A 74 5.32 -1.04 12.41
N ASP A 75 6.54 -0.95 12.95
CA ASP A 75 7.73 -1.35 12.21
C ASP A 75 7.78 -2.87 12.02
N GLU A 76 7.29 -3.59 13.04
CA GLU A 76 7.28 -5.05 12.98
C GLU A 76 6.24 -5.55 11.99
N ASP A 77 5.13 -4.83 11.88
CA ASP A 77 4.06 -5.22 10.96
C ASP A 77 4.58 -5.24 9.52
N TRP A 78 5.36 -4.22 9.17
CA TRP A 78 5.92 -4.12 7.83
C TRP A 78 6.94 -5.22 7.58
N ASN A 79 7.68 -5.56 8.63
CA ASN A 79 8.69 -6.62 8.54
C ASN A 79 8.06 -7.96 8.17
N VAL A 80 7.02 -8.33 8.90
CA VAL A 80 6.31 -9.59 8.64
C VAL A 80 5.69 -9.59 7.25
N ALA A 81 5.33 -8.40 6.76
CA ALA A 81 4.72 -8.27 5.45
C ALA A 81 5.68 -8.73 4.35
N LYS A 82 6.94 -8.35 4.49
CA LYS A 82 7.96 -8.71 3.51
C LYS A 82 8.16 -10.24 3.49
N GLU A 83 8.28 -10.83 4.67
CA GLU A 83 8.47 -12.26 4.80
C GLU A 83 7.27 -13.02 4.22
N MET A 84 6.09 -12.41 4.33
CA MET A 84 4.88 -13.02 3.82
C MET A 84 4.98 -13.24 2.31
N LEU A 85 5.42 -12.21 1.60
CA LEU A 85 5.57 -12.29 0.15
C LEU A 85 6.86 -13.02 -0.22
N ALA A 86 7.68 -13.30 0.78
CA ALA A 86 8.95 -13.99 0.56
C ALA A 86 8.73 -15.49 0.38
N GLU A 87 7.89 -16.07 1.23
CA GLU A 87 7.60 -17.50 1.17
C GLU A 87 6.44 -17.78 0.23
N ASN A 88 5.63 -16.75 -0.03
CA ASN A 88 4.47 -16.90 -0.92
C ASN A 88 4.84 -16.51 -2.36
N ASN A 89 6.07 -16.08 -2.55
CA ASN A 89 6.54 -15.68 -3.88
C ASN A 89 5.66 -14.58 -4.46
N GLU A 90 5.03 -13.81 -3.58
CA GLU A 90 4.14 -12.74 -4.00
C GLU A 90 4.94 -11.49 -4.35
N LYS A 91 4.60 -10.88 -5.48
CA LYS A 91 5.29 -9.69 -5.94
C LYS A 91 4.34 -8.49 -6.01
N PHE A 92 3.24 -8.58 -5.27
CA PHE A 92 2.25 -7.51 -5.24
C PHE A 92 1.33 -7.65 -4.02
N LEU A 93 0.78 -6.53 -3.58
CA LEU A 93 -0.12 -6.54 -2.42
C LEU A 93 -1.19 -5.45 -2.55
N ASN A 94 -2.45 -5.84 -2.33
CA ASN A 94 -3.56 -4.91 -2.42
C ASN A 94 -3.81 -4.24 -1.08
N ILE A 95 -3.85 -2.91 -1.08
CA ILE A 95 -4.08 -2.15 0.15
C ILE A 95 -5.44 -1.45 0.12
N ARG A 96 -6.05 -1.30 1.29
CA ARG A 96 -7.33 -0.63 1.41
C ARG A 96 -7.24 0.56 2.34
N LEU A 97 -7.61 1.74 1.83
CA LEU A 97 -7.57 2.95 2.63
C LEU A 97 -8.59 2.92 3.75
N TYR A 98 -8.44 3.83 4.72
CA TYR A 98 -9.35 3.89 5.85
C TYR A 98 -10.25 5.12 5.75
N GLY A 1 12.28 -2.25 -11.84
CA GLY A 1 12.21 -3.49 -11.04
C GLY A 1 12.50 -4.74 -11.87
N PRO A 2 13.78 -5.12 -12.00
CA PRO A 2 14.18 -6.30 -12.77
C PRO A 2 13.83 -7.61 -12.04
N LEU A 3 14.42 -7.80 -10.87
CA LEU A 3 14.18 -9.01 -10.09
C LEU A 3 14.08 -8.68 -8.60
N GLY A 4 13.45 -7.54 -8.30
CA GLY A 4 13.30 -7.13 -6.92
C GLY A 4 12.09 -6.24 -6.70
N SER A 5 12.09 -5.49 -5.60
CA SER A 5 11.00 -4.59 -5.27
C SER A 5 9.68 -5.35 -5.12
N ILE A 6 8.65 -4.65 -4.68
CA ILE A 6 7.34 -5.25 -4.50
C ILE A 6 6.23 -4.28 -4.91
N LEU A 7 5.22 -4.81 -5.61
CA LEU A 7 4.10 -4.01 -6.07
C LEU A 7 3.14 -3.71 -4.93
N PHE A 8 2.76 -2.45 -4.79
CA PHE A 8 1.85 -2.02 -3.74
C PHE A 8 0.63 -1.32 -4.32
N ARG A 9 -0.49 -2.04 -4.33
CA ARG A 9 -1.74 -1.49 -4.87
C ARG A 9 -2.41 -0.58 -3.83
N ILE A 10 -2.71 0.65 -4.23
CA ILE A 10 -3.35 1.61 -3.35
C ILE A 10 -4.73 1.99 -3.84
N SER A 11 -5.74 1.22 -3.43
CA SER A 11 -7.11 1.47 -3.85
C SER A 11 -7.70 2.65 -3.08
N TYR A 12 -7.37 3.86 -3.52
CA TYR A 12 -7.88 5.07 -2.88
C TYR A 12 -9.37 5.22 -3.10
N ASN A 13 -10.11 5.43 -2.02
CA ASN A 13 -11.55 5.60 -2.10
C ASN A 13 -11.95 7.07 -2.01
N ASN A 14 -12.89 7.48 -2.85
CA ASN A 14 -13.34 8.87 -2.88
C ASN A 14 -13.86 9.29 -1.51
N ASN A 15 -13.04 10.07 -0.79
CA ASN A 15 -13.39 10.55 0.54
C ASN A 15 -13.66 9.39 1.49
N SER A 16 -14.91 8.96 1.56
CA SER A 16 -15.29 7.85 2.44
C SER A 16 -16.69 7.35 2.10
N ASN A 17 -16.82 6.67 0.96
CA ASN A 17 -18.10 6.15 0.52
C ASN A 17 -17.92 5.07 -0.53
N ASN A 18 -18.93 4.23 -0.71
CA ASN A 18 -18.87 3.15 -1.68
C ASN A 18 -19.51 3.57 -3.00
N THR A 19 -19.18 4.77 -3.45
CA THR A 19 -19.73 5.29 -4.70
C THR A 19 -18.62 5.52 -5.72
N SER A 20 -19.01 5.63 -6.99
CA SER A 20 -18.06 5.85 -8.08
C SER A 20 -17.02 4.73 -8.13
N SER A 21 -15.95 4.95 -8.89
CA SER A 21 -14.89 3.95 -9.03
C SER A 21 -13.73 4.27 -8.09
N SER A 22 -12.76 3.36 -8.03
CA SER A 22 -11.59 3.54 -7.18
C SER A 22 -10.33 3.77 -8.01
N GLU A 23 -9.32 4.37 -7.39
CA GLU A 23 -8.07 4.64 -8.08
C GLU A 23 -6.91 3.89 -7.43
N ILE A 24 -6.56 2.75 -8.00
CA ILE A 24 -5.46 1.93 -7.47
C ILE A 24 -4.12 2.39 -8.04
N PHE A 25 -3.22 2.80 -7.14
CA PHE A 25 -1.90 3.27 -7.55
C PHE A 25 -0.83 2.23 -7.26
N THR A 26 -0.12 1.81 -8.30
CA THR A 26 0.94 0.83 -8.15
C THR A 26 2.24 1.48 -7.69
N LEU A 27 2.84 0.93 -6.63
CA LEU A 27 4.08 1.48 -6.10
C LEU A 27 5.16 0.40 -6.03
N LEU A 28 6.39 0.78 -6.37
CA LEU A 28 7.52 -0.13 -6.34
C LEU A 28 8.27 -0.02 -5.03
N VAL A 29 7.64 -0.49 -3.95
CA VAL A 29 8.25 -0.44 -2.62
C VAL A 29 9.50 -1.32 -2.56
N GLU A 30 10.52 -0.82 -1.87
CA GLU A 30 11.77 -1.57 -1.72
C GLU A 30 11.84 -2.24 -0.35
N LYS A 31 12.75 -3.21 -0.22
CA LYS A 31 12.92 -3.92 1.04
C LYS A 31 13.74 -3.10 2.03
N VAL A 32 14.55 -2.19 1.52
CA VAL A 32 15.38 -1.32 2.35
C VAL A 32 14.60 -0.10 2.82
N TRP A 33 13.27 -0.23 2.84
CA TRP A 33 12.40 0.86 3.26
C TRP A 33 11.90 0.64 4.69
N ASN A 34 11.05 1.56 5.15
CA ASN A 34 10.48 1.47 6.48
C ASN A 34 8.98 1.70 6.45
N PHE A 35 8.36 1.83 7.62
CA PHE A 35 6.92 2.05 7.72
C PHE A 35 6.57 3.49 7.35
N ASP A 36 7.27 4.44 7.95
CA ASP A 36 7.02 5.86 7.69
C ASP A 36 7.34 6.21 6.25
N ASP A 37 8.42 5.64 5.73
CA ASP A 37 8.83 5.90 4.34
C ASP A 37 7.80 5.35 3.36
N LEU A 38 7.09 4.31 3.78
CA LEU A 38 6.08 3.69 2.93
C LEU A 38 4.88 4.62 2.75
N ILE A 39 4.31 5.07 3.86
CA ILE A 39 3.16 5.97 3.83
C ILE A 39 3.49 7.27 3.10
N MET A 40 4.76 7.64 3.11
CA MET A 40 5.21 8.87 2.45
C MET A 40 5.13 8.72 0.94
N ALA A 41 5.53 7.55 0.44
CA ALA A 41 5.51 7.30 -1.00
C ALA A 41 4.09 7.37 -1.54
N ILE A 42 3.14 6.82 -0.80
CA ILE A 42 1.74 6.85 -1.21
C ILE A 42 1.23 8.28 -1.32
N ASN A 43 1.60 9.10 -0.36
CA ASN A 43 1.18 10.51 -0.35
C ASN A 43 1.66 11.22 -1.60
N SER A 44 2.85 10.86 -2.07
CA SER A 44 3.44 11.47 -3.25
C SER A 44 2.67 11.02 -4.51
N LYS A 45 2.11 9.81 -4.46
CA LYS A 45 1.36 9.27 -5.58
C LYS A 45 0.06 10.04 -5.78
N ILE A 46 -0.53 10.49 -4.67
CA ILE A 46 -1.77 11.23 -4.73
C ILE A 46 -1.52 12.68 -5.13
N SER A 47 -0.40 13.22 -4.69
CA SER A 47 -0.03 14.60 -5.01
C SER A 47 0.67 14.68 -6.35
N ASN A 48 0.73 13.54 -7.05
CA ASN A 48 1.36 13.48 -8.36
C ASN A 48 0.34 13.68 -9.47
N THR A 49 -0.80 13.01 -9.36
CA THR A 49 -1.86 13.12 -10.35
C THR A 49 -2.84 14.24 -9.99
N HIS A 50 -3.03 14.44 -8.69
CA HIS A 50 -3.94 15.48 -8.21
C HIS A 50 -3.16 16.66 -7.64
N ASN A 51 -3.67 17.86 -7.88
CA ASN A 51 -3.03 19.08 -7.39
C ASN A 51 -3.73 19.59 -6.15
N ASN A 52 -4.63 18.78 -5.60
CA ASN A 52 -5.38 19.15 -4.40
C ASN A 52 -4.75 18.55 -3.15
N ASN A 53 -5.12 19.09 -2.00
CA ASN A 53 -4.59 18.60 -0.72
C ASN A 53 -5.63 17.77 0.02
N ILE A 54 -5.60 16.47 -0.18
CA ILE A 54 -6.54 15.57 0.47
C ILE A 54 -6.06 15.18 1.87
N SER A 55 -6.85 14.37 2.56
CA SER A 55 -6.50 13.92 3.90
C SER A 55 -5.29 12.98 3.86
N PRO A 56 -4.26 13.25 4.68
CA PRO A 56 -3.05 12.41 4.72
C PRO A 56 -3.33 11.03 5.29
N ILE A 57 -2.78 10.01 4.64
CA ILE A 57 -2.97 8.64 5.08
C ILE A 57 -2.31 8.38 6.42
N THR A 58 -3.01 7.68 7.31
CA THR A 58 -2.49 7.38 8.63
C THR A 58 -2.45 5.87 8.87
N LYS A 59 -3.47 5.17 8.38
CA LYS A 59 -3.55 3.73 8.55
C LYS A 59 -4.09 3.06 7.28
N ILE A 60 -3.50 1.92 6.93
CA ILE A 60 -3.92 1.18 5.74
C ILE A 60 -3.98 -0.32 6.02
N LYS A 61 -4.76 -1.03 5.22
CA LYS A 61 -4.90 -2.48 5.39
C LYS A 61 -4.26 -3.23 4.23
N TYR A 62 -3.35 -4.14 4.55
CA TYR A 62 -2.66 -4.92 3.53
C TYR A 62 -3.17 -6.37 3.52
N GLN A 63 -3.21 -6.95 2.33
CA GLN A 63 -3.68 -8.33 2.18
C GLN A 63 -2.70 -9.32 2.81
N ASP A 64 -3.20 -10.11 3.76
CA ASP A 64 -2.36 -11.09 4.44
C ASP A 64 -2.16 -12.32 3.56
N GLU A 65 -1.57 -13.36 4.14
CA GLU A 65 -1.32 -14.60 3.41
C GLU A 65 -2.60 -15.43 3.28
N ASP A 66 -3.59 -15.10 4.11
CA ASP A 66 -4.86 -15.81 4.08
C ASP A 66 -5.87 -15.10 3.18
N GLY A 67 -5.48 -13.93 2.68
CA GLY A 67 -6.36 -13.16 1.82
C GLY A 67 -7.22 -12.18 2.59
N ASP A 68 -7.01 -12.11 3.90
CA ASP A 68 -7.78 -11.19 4.74
C ASP A 68 -7.00 -9.90 4.98
N PHE A 69 -7.70 -8.77 4.90
CA PHE A 69 -7.07 -7.46 5.10
C PHE A 69 -6.78 -7.23 6.58
N VAL A 70 -5.52 -6.93 6.89
CA VAL A 70 -5.11 -6.69 8.27
C VAL A 70 -4.61 -5.26 8.44
N VAL A 71 -4.62 -4.78 9.68
CA VAL A 71 -4.18 -3.42 9.98
C VAL A 71 -2.66 -3.33 10.04
N LEU A 72 -2.11 -2.23 9.52
CA LEU A 72 -0.67 -2.01 9.51
C LEU A 72 -0.33 -0.66 10.12
N GLY A 73 0.26 -0.68 11.31
CA GLY A 73 0.64 0.55 11.98
C GLY A 73 1.84 0.38 12.89
N SER A 74 2.81 -0.41 12.44
CA SER A 74 4.02 -0.65 13.21
C SER A 74 5.16 -1.09 12.31
N ASP A 75 6.38 -0.75 12.70
CA ASP A 75 7.57 -1.10 11.92
C ASP A 75 7.70 -2.61 11.78
N GLU A 76 7.20 -3.34 12.78
CA GLU A 76 7.26 -4.79 12.77
C GLU A 76 6.26 -5.37 11.76
N ASP A 77 5.13 -4.69 11.60
CA ASP A 77 4.10 -5.13 10.66
C ASP A 77 4.66 -5.17 9.24
N TRP A 78 5.33 -4.10 8.85
CA TRP A 78 5.91 -4.00 7.51
C TRP A 78 7.01 -5.06 7.33
N ASN A 79 7.74 -5.33 8.41
CA ASN A 79 8.81 -6.31 8.37
C ASN A 79 8.26 -7.69 8.01
N VAL A 80 7.27 -8.14 8.78
CA VAL A 80 6.65 -9.43 8.54
C VAL A 80 6.02 -9.49 7.16
N ALA A 81 5.59 -8.33 6.67
CA ALA A 81 4.97 -8.23 5.35
C ALA A 81 5.94 -8.69 4.26
N LYS A 82 7.21 -8.30 4.41
CA LYS A 82 8.23 -8.66 3.44
C LYS A 82 8.48 -10.17 3.48
N GLU A 83 8.60 -10.72 4.67
CA GLU A 83 8.82 -12.15 4.85
C GLU A 83 7.65 -12.95 4.31
N MET A 84 6.46 -12.39 4.40
CA MET A 84 5.25 -13.05 3.92
C MET A 84 5.33 -13.32 2.43
N LEU A 85 5.53 -12.25 1.65
CA LEU A 85 5.63 -12.37 0.20
C LEU A 85 6.92 -13.08 -0.20
N ALA A 86 7.89 -13.07 0.71
CA ALA A 86 9.18 -13.71 0.46
C ALA A 86 9.03 -15.22 0.31
N GLU A 87 8.28 -15.83 1.22
CA GLU A 87 8.06 -17.27 1.19
C GLU A 87 6.87 -17.64 0.32
N ASN A 88 5.93 -16.70 0.19
CA ASN A 88 4.73 -16.93 -0.62
C ASN A 88 5.00 -16.63 -2.09
N ASN A 89 6.25 -16.25 -2.40
CA ASN A 89 6.64 -15.93 -3.76
C ASN A 89 5.75 -14.85 -4.35
N GLU A 90 5.17 -14.03 -3.48
CA GLU A 90 4.30 -12.94 -3.92
C GLU A 90 5.12 -11.72 -4.33
N LYS A 91 4.77 -11.15 -5.47
CA LYS A 91 5.48 -9.97 -5.98
C LYS A 91 4.58 -8.74 -5.98
N PHE A 92 3.40 -8.87 -5.36
CA PHE A 92 2.46 -7.77 -5.29
C PHE A 92 1.54 -7.92 -4.07
N LEU A 93 0.95 -6.80 -3.65
CA LEU A 93 0.04 -6.81 -2.50
C LEU A 93 -1.15 -5.90 -2.74
N ASN A 94 -2.25 -6.17 -2.03
CA ASN A 94 -3.46 -5.38 -2.15
C ASN A 94 -3.71 -4.56 -0.88
N ILE A 95 -3.66 -3.23 -1.03
CA ILE A 95 -3.88 -2.34 0.11
C ILE A 95 -5.14 -1.51 -0.09
N ARG A 96 -5.74 -1.09 1.03
CA ARG A 96 -6.95 -0.27 0.99
C ARG A 96 -6.75 1.00 1.81
N LEU A 97 -7.21 2.12 1.25
CA LEU A 97 -7.09 3.41 1.93
C LEU A 97 -8.26 3.64 2.87
N TYR A 98 -8.00 4.33 3.98
CA TYR A 98 -9.05 4.61 4.96
C TYR A 98 -9.05 6.09 5.34
N GLY A 1 10.69 -5.40 -12.54
CA GLY A 1 11.52 -5.47 -11.31
C GLY A 1 12.53 -6.60 -11.35
N PRO A 2 13.69 -6.39 -11.99
CA PRO A 2 14.73 -7.41 -12.09
C PRO A 2 15.44 -7.66 -10.77
N LEU A 3 15.50 -6.63 -9.93
CA LEU A 3 16.15 -6.73 -8.63
C LEU A 3 15.19 -7.31 -7.59
N GLY A 4 13.96 -6.79 -7.56
CA GLY A 4 12.97 -7.26 -6.61
C GLY A 4 11.78 -6.33 -6.50
N SER A 5 11.78 -5.52 -5.44
CA SER A 5 10.70 -4.56 -5.21
C SER A 5 9.36 -5.26 -5.02
N ILE A 6 8.34 -4.50 -4.66
CA ILE A 6 7.00 -5.04 -4.43
C ILE A 6 5.93 -4.09 -4.96
N LEU A 7 4.96 -4.64 -5.66
CA LEU A 7 3.87 -3.84 -6.22
C LEU A 7 2.81 -3.57 -5.15
N PHE A 8 2.56 -2.28 -4.91
CA PHE A 8 1.58 -1.88 -3.90
C PHE A 8 0.32 -1.30 -4.56
N ARG A 9 -0.73 -2.10 -4.62
CA ARG A 9 -1.99 -1.66 -5.22
C ARG A 9 -2.80 -0.84 -4.22
N ILE A 10 -3.16 0.37 -4.61
CA ILE A 10 -3.92 1.27 -3.75
C ILE A 10 -5.30 1.55 -4.32
N SER A 11 -6.33 0.97 -3.72
CA SER A 11 -7.70 1.17 -4.17
C SER A 11 -8.30 2.44 -3.57
N TYR A 12 -7.92 3.57 -4.14
CA TYR A 12 -8.41 4.86 -3.67
C TYR A 12 -9.82 5.13 -4.20
N ASN A 13 -10.71 5.56 -3.32
CA ASN A 13 -12.09 5.85 -3.69
C ASN A 13 -12.41 7.33 -3.45
N ASN A 14 -11.96 7.85 -2.32
CA ASN A 14 -12.19 9.25 -1.96
C ASN A 14 -13.69 9.56 -1.98
N ASN A 15 -14.38 9.15 -0.92
CA ASN A 15 -15.82 9.39 -0.81
C ASN A 15 -16.57 8.80 -2.00
N SER A 16 -16.23 7.56 -2.35
CA SER A 16 -16.87 6.87 -3.46
C SER A 16 -16.69 7.65 -4.76
N ASN A 17 -17.47 7.27 -5.78
CA ASN A 17 -17.40 7.94 -7.08
C ASN A 17 -18.77 7.99 -7.73
N ASN A 18 -18.82 8.44 -8.98
CA ASN A 18 -20.06 8.54 -9.72
C ASN A 18 -20.31 7.28 -10.56
N THR A 19 -19.37 6.34 -10.48
CA THR A 19 -19.48 5.09 -11.22
C THR A 19 -18.68 3.98 -10.56
N SER A 20 -18.40 4.14 -9.27
CA SER A 20 -17.64 3.15 -8.51
C SER A 20 -16.29 2.88 -9.17
N SER A 21 -15.81 3.85 -9.94
CA SER A 21 -14.52 3.73 -10.62
C SER A 21 -13.36 3.83 -9.64
N SER A 22 -12.82 2.68 -9.24
CA SER A 22 -11.71 2.64 -8.30
C SER A 22 -10.39 2.92 -9.01
N GLU A 23 -9.52 3.69 -8.36
CA GLU A 23 -8.23 4.05 -8.93
C GLU A 23 -7.11 3.28 -8.23
N ILE A 24 -6.70 2.15 -8.81
CA ILE A 24 -5.65 1.34 -8.25
C ILE A 24 -4.27 1.83 -8.70
N PHE A 25 -3.53 2.45 -7.78
CA PHE A 25 -2.20 2.97 -8.08
C PHE A 25 -1.15 1.89 -7.84
N THR A 26 -0.12 1.89 -8.69
CA THR A 26 0.96 0.91 -8.56
C THR A 26 2.25 1.58 -8.15
N LEU A 27 2.65 1.38 -6.89
CA LEU A 27 3.87 1.96 -6.35
C LEU A 27 4.95 0.90 -6.17
N LEU A 28 6.09 1.08 -6.82
CA LEU A 28 7.19 0.13 -6.71
C LEU A 28 7.90 0.29 -5.37
N VAL A 29 7.27 -0.22 -4.32
CA VAL A 29 7.84 -0.14 -2.97
C VAL A 29 9.06 -1.02 -2.83
N GLU A 30 10.15 -0.44 -2.31
CA GLU A 30 11.39 -1.17 -2.12
C GLU A 30 11.30 -2.08 -0.90
N LYS A 31 12.41 -2.71 -0.55
CA LYS A 31 12.45 -3.62 0.59
C LYS A 31 13.33 -3.05 1.70
N VAL A 32 14.19 -2.09 1.34
CA VAL A 32 15.07 -1.46 2.30
C VAL A 32 14.42 -0.24 2.94
N TRP A 33 13.11 -0.13 2.76
CA TRP A 33 12.34 0.99 3.32
C TRP A 33 11.87 0.68 4.72
N ASN A 34 11.18 1.64 5.34
CA ASN A 34 10.66 1.48 6.68
C ASN A 34 9.14 1.66 6.70
N PHE A 35 8.59 1.91 7.88
CA PHE A 35 7.15 2.09 8.03
C PHE A 35 6.74 3.52 7.64
N ASP A 36 7.38 4.51 8.27
CA ASP A 36 7.09 5.91 7.99
C ASP A 36 7.45 6.26 6.55
N ASP A 37 8.59 5.75 6.08
CA ASP A 37 9.04 6.02 4.72
C ASP A 37 8.06 5.43 3.69
N LEU A 38 7.43 4.32 4.06
CA LEU A 38 6.48 3.67 3.17
C LEU A 38 5.22 4.53 2.99
N ILE A 39 4.62 4.92 4.09
CA ILE A 39 3.41 5.74 4.06
C ILE A 39 3.70 7.11 3.43
N MET A 40 4.95 7.54 3.53
CA MET A 40 5.36 8.82 2.97
C MET A 40 5.44 8.77 1.45
N ALA A 41 5.96 7.66 0.93
CA ALA A 41 6.09 7.47 -0.51
C ALA A 41 4.71 7.44 -1.18
N ILE A 42 3.74 6.85 -0.49
CA ILE A 42 2.38 6.76 -1.02
C ILE A 42 1.75 8.15 -1.12
N ASN A 43 1.97 8.98 -0.09
CA ASN A 43 1.43 10.32 -0.06
C ASN A 43 1.98 11.15 -1.23
N SER A 44 3.29 11.06 -1.44
CA SER A 44 3.93 11.78 -2.53
C SER A 44 3.44 11.28 -3.87
N LYS A 45 3.01 10.02 -3.90
CA LYS A 45 2.51 9.41 -5.12
C LYS A 45 1.21 10.07 -5.56
N ILE A 46 0.23 10.08 -4.66
CA ILE A 46 -1.07 10.69 -4.94
C ILE A 46 -0.92 12.20 -5.12
N SER A 47 0.16 12.75 -4.58
CA SER A 47 0.42 14.18 -4.68
C SER A 47 1.17 14.51 -5.96
N ASN A 48 1.25 13.54 -6.86
CA ASN A 48 1.94 13.74 -8.13
C ASN A 48 0.93 14.00 -9.25
N THR A 49 -0.25 13.41 -9.13
CA THR A 49 -1.30 13.58 -10.12
C THR A 49 -2.66 13.80 -9.46
N HIS A 50 -3.68 14.06 -10.26
CA HIS A 50 -5.03 14.30 -9.76
C HIS A 50 -5.07 15.50 -8.82
N ASN A 51 -6.21 15.70 -8.16
CA ASN A 51 -6.37 16.82 -7.25
C ASN A 51 -5.38 16.74 -6.09
N ASN A 52 -5.07 17.88 -5.50
CA ASN A 52 -4.13 17.93 -4.38
C ASN A 52 -4.78 18.57 -3.15
N ASN A 53 -6.01 18.13 -2.85
CA ASN A 53 -6.74 18.65 -1.70
C ASN A 53 -7.53 17.55 -1.03
N ILE A 54 -7.22 16.30 -1.37
CA ILE A 54 -7.91 15.14 -0.80
C ILE A 54 -7.36 14.79 0.58
N SER A 55 -8.09 13.96 1.31
CA SER A 55 -7.69 13.55 2.65
C SER A 55 -6.43 12.68 2.59
N PRO A 56 -5.49 12.87 3.54
CA PRO A 56 -4.25 12.10 3.58
C PRO A 56 -4.48 10.67 4.06
N ILE A 57 -3.38 9.96 4.32
CA ILE A 57 -3.45 8.57 4.78
C ILE A 57 -2.60 8.36 6.02
N THR A 58 -3.23 7.93 7.10
CA THR A 58 -2.54 7.69 8.36
C THR A 58 -2.28 6.21 8.56
N LYS A 59 -3.06 5.37 7.88
CA LYS A 59 -2.92 3.92 7.98
C LYS A 59 -3.43 3.23 6.73
N ILE A 60 -2.83 2.10 6.39
CA ILE A 60 -3.21 1.34 5.21
C ILE A 60 -3.30 -0.15 5.51
N LYS A 61 -4.35 -0.79 5.02
CA LYS A 61 -4.55 -2.22 5.23
C LYS A 61 -3.87 -3.04 4.16
N TYR A 62 -3.10 -4.05 4.57
CA TYR A 62 -2.40 -4.92 3.63
C TYR A 62 -2.93 -6.35 3.71
N GLN A 63 -3.01 -7.00 2.55
CA GLN A 63 -3.51 -8.37 2.48
C GLN A 63 -2.52 -9.34 3.13
N ASP A 64 -3.05 -10.26 3.94
CA ASP A 64 -2.22 -11.24 4.62
C ASP A 64 -2.25 -12.58 3.89
N GLU A 65 -1.77 -13.63 4.56
CA GLU A 65 -1.74 -14.96 3.98
C GLU A 65 -3.12 -15.61 4.00
N ASP A 66 -4.03 -15.01 4.76
CA ASP A 66 -5.39 -15.53 4.88
C ASP A 66 -6.32 -14.86 3.88
N GLY A 67 -5.81 -13.83 3.20
CA GLY A 67 -6.61 -13.13 2.21
C GLY A 67 -7.31 -11.91 2.79
N ASP A 68 -7.44 -11.87 4.11
CA ASP A 68 -8.09 -10.75 4.79
C ASP A 68 -7.16 -9.54 4.86
N PHE A 69 -7.75 -8.38 5.12
CA PHE A 69 -6.97 -7.14 5.22
C PHE A 69 -6.67 -6.81 6.68
N VAL A 70 -5.38 -6.78 7.01
CA VAL A 70 -4.95 -6.47 8.37
C VAL A 70 -4.42 -5.05 8.49
N VAL A 71 -4.52 -4.48 9.69
CA VAL A 71 -4.06 -3.12 9.92
C VAL A 71 -2.55 -3.06 10.09
N LEU A 72 -1.93 -2.06 9.49
CA LEU A 72 -0.48 -1.88 9.56
C LEU A 72 -0.13 -0.53 10.19
N GLY A 73 0.31 -0.56 11.44
CA GLY A 73 0.67 0.67 12.13
C GLY A 73 1.92 0.50 12.99
N SER A 74 2.76 -0.47 12.63
CA SER A 74 3.98 -0.72 13.38
C SER A 74 5.10 -1.15 12.44
N ASP A 75 6.34 -0.83 12.82
CA ASP A 75 7.50 -1.18 12.01
C ASP A 75 7.64 -2.70 11.88
N GLU A 76 7.25 -3.42 12.93
CA GLU A 76 7.32 -4.87 12.93
C GLU A 76 6.32 -5.47 11.96
N ASP A 77 5.19 -4.78 11.79
CA ASP A 77 4.14 -5.25 10.88
C ASP A 77 4.66 -5.28 9.43
N TRP A 78 5.30 -4.19 9.03
CA TRP A 78 5.85 -4.08 7.69
C TRP A 78 6.92 -5.14 7.44
N ASN A 79 7.70 -5.43 8.48
CA ASN A 79 8.76 -6.42 8.40
C ASN A 79 8.20 -7.79 8.05
N VAL A 80 7.20 -8.22 8.81
CA VAL A 80 6.57 -9.52 8.58
C VAL A 80 5.95 -9.59 7.19
N ALA A 81 5.45 -8.45 6.71
CA ALA A 81 4.84 -8.38 5.40
C ALA A 81 5.83 -8.82 4.32
N LYS A 82 7.07 -8.37 4.44
CA LYS A 82 8.11 -8.72 3.48
C LYS A 82 8.38 -10.23 3.51
N GLU A 83 8.46 -10.78 4.72
CA GLU A 83 8.71 -12.21 4.88
C GLU A 83 7.52 -13.03 4.38
N MET A 84 6.35 -12.40 4.35
CA MET A 84 5.14 -13.06 3.89
C MET A 84 5.18 -13.29 2.37
N LEU A 85 5.69 -12.30 1.65
CA LEU A 85 5.80 -12.38 0.20
C LEU A 85 7.10 -13.03 -0.21
N ALA A 86 7.99 -13.25 0.76
CA ALA A 86 9.28 -13.86 0.49
C ALA A 86 9.18 -15.38 0.48
N GLU A 87 8.19 -15.90 1.21
CA GLU A 87 7.98 -17.34 1.28
C GLU A 87 6.89 -17.79 0.31
N ASN A 88 6.49 -16.89 -0.57
CA ASN A 88 5.45 -17.19 -1.56
C ASN A 88 5.78 -16.57 -2.90
N ASN A 89 6.97 -15.96 -3.00
CA ASN A 89 7.41 -15.33 -4.24
C ASN A 89 6.45 -14.23 -4.68
N GLU A 90 5.59 -13.79 -3.75
CA GLU A 90 4.61 -12.75 -4.06
C GLU A 90 5.30 -11.43 -4.35
N LYS A 91 5.06 -10.89 -5.54
CA LYS A 91 5.66 -9.62 -5.94
C LYS A 91 4.62 -8.51 -6.00
N PHE A 92 3.58 -8.63 -5.18
CA PHE A 92 2.52 -7.63 -5.13
C PHE A 92 1.68 -7.79 -3.87
N LEU A 93 0.81 -6.80 -3.62
CA LEU A 93 -0.05 -6.82 -2.44
C LEU A 93 -1.20 -5.85 -2.61
N ASN A 94 -2.36 -6.20 -2.04
CA ASN A 94 -3.55 -5.36 -2.13
C ASN A 94 -3.67 -4.48 -0.89
N ILE A 95 -3.97 -3.20 -1.10
CA ILE A 95 -4.12 -2.26 0.00
C ILE A 95 -5.49 -1.58 -0.03
N ARG A 96 -6.13 -1.51 1.13
CA ARG A 96 -7.44 -0.88 1.24
C ARG A 96 -7.36 0.41 2.04
N LEU A 97 -7.99 1.46 1.53
CA LEU A 97 -7.98 2.75 2.20
C LEU A 97 -8.88 2.73 3.43
N TYR A 98 -8.77 3.76 4.26
CA TYR A 98 -9.56 3.86 5.47
C TYR A 98 -10.63 4.95 5.35
N GLY A 1 17.41 -2.66 -8.87
CA GLY A 1 16.32 -1.79 -9.39
C GLY A 1 14.98 -2.48 -9.44
N PRO A 2 14.66 -3.17 -10.56
CA PRO A 2 13.39 -3.87 -10.70
C PRO A 2 13.35 -5.18 -9.92
N LEU A 3 14.51 -5.82 -9.78
CA LEU A 3 14.61 -7.07 -9.05
C LEU A 3 14.76 -6.83 -7.55
N GLY A 4 13.68 -7.06 -6.80
CA GLY A 4 13.72 -6.85 -5.37
C GLY A 4 12.72 -5.80 -4.91
N SER A 5 11.64 -5.65 -5.66
CA SER A 5 10.61 -4.67 -5.34
C SER A 5 9.24 -5.34 -5.23
N ILE A 6 8.26 -4.58 -4.76
CA ILE A 6 6.90 -5.09 -4.61
C ILE A 6 5.88 -4.08 -5.11
N LEU A 7 4.97 -4.55 -5.99
CA LEU A 7 3.93 -3.69 -6.54
C LEU A 7 2.83 -3.45 -5.51
N PHE A 8 2.80 -2.24 -4.96
CA PHE A 8 1.80 -1.89 -3.96
C PHE A 8 0.54 -1.33 -4.60
N ARG A 9 -0.55 -2.08 -4.50
CA ARG A 9 -1.83 -1.66 -5.05
C ARG A 9 -2.61 -0.84 -4.03
N ILE A 10 -2.90 0.41 -4.37
CA ILE A 10 -3.64 1.30 -3.48
C ILE A 10 -4.98 1.69 -4.08
N SER A 11 -6.04 0.99 -3.66
CA SER A 11 -7.38 1.26 -4.15
C SER A 11 -7.98 2.49 -3.47
N TYR A 12 -7.61 3.67 -3.96
CA TYR A 12 -8.11 4.92 -3.39
C TYR A 12 -9.57 5.13 -3.77
N ASN A 13 -10.36 5.62 -2.82
CA ASN A 13 -11.78 5.87 -3.04
C ASN A 13 -12.11 7.35 -2.91
N ASN A 14 -12.63 7.94 -3.98
CA ASN A 14 -12.99 9.36 -3.98
C ASN A 14 -14.24 9.59 -3.14
N ASN A 15 -14.98 8.52 -2.88
CA ASN A 15 -16.20 8.60 -2.09
C ASN A 15 -16.41 7.34 -1.28
N SER A 16 -17.01 7.49 -0.10
CA SER A 16 -17.28 6.35 0.77
C SER A 16 -18.71 5.87 0.62
N ASN A 17 -19.06 4.82 1.36
CA ASN A 17 -20.41 4.25 1.32
C ASN A 17 -20.72 3.64 -0.05
N ASN A 18 -21.30 2.44 -0.03
CA ASN A 18 -21.65 1.75 -1.27
C ASN A 18 -20.42 1.55 -2.15
N THR A 19 -20.66 1.19 -3.41
CA THR A 19 -19.57 0.97 -4.36
C THR A 19 -19.79 1.77 -5.63
N SER A 20 -18.69 2.17 -6.28
CA SER A 20 -18.76 2.95 -7.50
C SER A 20 -17.50 2.74 -8.35
N SER A 21 -16.41 3.37 -7.94
CA SER A 21 -15.14 3.26 -8.67
C SER A 21 -13.96 3.26 -7.70
N SER A 22 -12.77 2.99 -8.25
CA SER A 22 -11.55 2.96 -7.43
C SER A 22 -10.32 3.27 -8.28
N GLU A 23 -9.30 3.83 -7.64
CA GLU A 23 -8.06 4.18 -8.34
C GLU A 23 -6.88 3.42 -7.76
N ILE A 24 -6.72 2.17 -8.16
CA ILE A 24 -5.63 1.33 -7.68
C ILE A 24 -4.28 1.83 -8.20
N PHE A 25 -3.42 2.24 -7.27
CA PHE A 25 -2.09 2.74 -7.64
C PHE A 25 -1.09 1.60 -7.70
N THR A 26 0.10 1.90 -8.20
CA THR A 26 1.16 0.90 -8.32
C THR A 26 2.52 1.50 -8.00
N LEU A 27 2.93 1.41 -6.73
CA LEU A 27 4.20 1.95 -6.30
C LEU A 27 5.25 0.85 -6.16
N LEU A 28 6.44 1.10 -6.70
CA LEU A 28 7.53 0.14 -6.63
C LEU A 28 8.22 0.20 -5.26
N VAL A 29 7.56 -0.34 -4.25
CA VAL A 29 8.10 -0.35 -2.90
C VAL A 29 9.37 -1.18 -2.82
N GLU A 30 10.35 -0.67 -2.08
CA GLU A 30 11.63 -1.37 -1.91
C GLU A 30 11.65 -2.18 -0.63
N LYS A 31 12.66 -3.02 -0.47
CA LYS A 31 12.80 -3.85 0.72
C LYS A 31 13.69 -3.18 1.75
N VAL A 32 14.25 -2.03 1.38
CA VAL A 32 15.13 -1.28 2.27
C VAL A 32 14.40 -0.09 2.89
N TRP A 33 13.09 -0.04 2.68
CA TRP A 33 12.26 1.04 3.22
C TRP A 33 11.79 0.72 4.63
N ASN A 34 10.93 1.58 5.17
CA ASN A 34 10.39 1.40 6.50
C ASN A 34 8.89 1.69 6.52
N PHE A 35 8.31 1.72 7.72
CA PHE A 35 6.88 1.98 7.86
C PHE A 35 6.58 3.45 7.56
N ASP A 36 7.44 4.34 8.03
CA ASP A 36 7.27 5.77 7.80
C ASP A 36 7.62 6.13 6.36
N ASP A 37 8.65 5.49 5.84
CA ASP A 37 9.09 5.74 4.47
C ASP A 37 8.05 5.26 3.47
N LEU A 38 7.33 4.21 3.84
CA LEU A 38 6.29 3.65 2.97
C LEU A 38 5.11 4.61 2.86
N ILE A 39 4.55 4.99 4.00
CA ILE A 39 3.41 5.90 4.03
C ILE A 39 3.76 7.23 3.38
N MET A 40 5.05 7.56 3.38
CA MET A 40 5.52 8.80 2.79
C MET A 40 5.56 8.70 1.27
N ALA A 41 5.86 7.51 0.77
CA ALA A 41 5.92 7.27 -0.66
C ALA A 41 4.55 7.42 -1.31
N ILE A 42 3.56 6.75 -0.75
CA ILE A 42 2.20 6.81 -1.26
C ILE A 42 1.67 8.24 -1.25
N ASN A 43 1.82 8.91 -0.12
CA ASN A 43 1.36 10.30 0.02
C ASN A 43 1.99 11.19 -1.04
N SER A 44 3.25 10.91 -1.37
CA SER A 44 3.96 11.69 -2.38
C SER A 44 3.31 11.52 -3.74
N LYS A 45 2.80 10.33 -4.02
CA LYS A 45 2.15 10.04 -5.29
C LYS A 45 0.80 10.74 -5.37
N ILE A 46 0.10 10.79 -4.24
CA ILE A 46 -1.21 11.43 -4.17
C ILE A 46 -1.07 12.96 -4.17
N SER A 47 0.11 13.43 -3.79
CA SER A 47 0.37 14.87 -3.74
C SER A 47 1.17 15.32 -4.96
N ASN A 48 1.14 14.50 -6.01
CA ASN A 48 1.87 14.81 -7.24
C ASN A 48 0.91 15.04 -8.40
N THR A 49 -0.19 14.29 -8.40
CA THR A 49 -1.19 14.42 -9.45
C THR A 49 -2.20 15.52 -9.13
N HIS A 50 -2.30 15.87 -7.85
CA HIS A 50 -3.21 16.91 -7.41
C HIS A 50 -2.47 18.01 -6.65
N ASN A 51 -3.17 19.10 -6.37
CA ASN A 51 -2.58 20.21 -5.65
C ASN A 51 -3.37 20.53 -4.39
N ASN A 52 -4.62 20.07 -4.35
CA ASN A 52 -5.48 20.30 -3.20
C ASN A 52 -4.93 19.60 -1.95
N ASN A 53 -4.12 18.58 -2.17
CA ASN A 53 -3.51 17.83 -1.07
C ASN A 53 -4.58 17.25 -0.16
N ILE A 54 -5.02 16.02 -0.46
CA ILE A 54 -6.03 15.35 0.33
C ILE A 54 -5.46 14.85 1.66
N SER A 55 -6.21 13.97 2.32
CA SER A 55 -5.78 13.40 3.59
C SER A 55 -4.41 12.75 3.48
N PRO A 56 -3.55 12.88 4.50
CA PRO A 56 -2.21 12.28 4.51
C PRO A 56 -2.24 10.77 4.61
N ILE A 57 -3.38 10.24 5.07
CA ILE A 57 -3.55 8.80 5.23
C ILE A 57 -2.52 8.23 6.21
N THR A 58 -2.98 7.89 7.41
CA THR A 58 -2.10 7.33 8.43
C THR A 58 -2.51 5.92 8.81
N LYS A 59 -3.28 5.27 7.94
CA LYS A 59 -3.74 3.90 8.18
C LYS A 59 -4.09 3.19 6.89
N ILE A 60 -3.51 2.01 6.70
CA ILE A 60 -3.77 1.21 5.50
C ILE A 60 -3.73 -0.27 5.82
N LYS A 61 -4.60 -1.05 5.18
CA LYS A 61 -4.64 -2.49 5.41
C LYS A 61 -4.06 -3.25 4.22
N TYR A 62 -3.13 -4.16 4.51
CA TYR A 62 -2.50 -4.97 3.48
C TYR A 62 -3.06 -6.38 3.47
N GLN A 63 -3.09 -7.00 2.29
CA GLN A 63 -3.60 -8.35 2.14
C GLN A 63 -2.63 -9.37 2.73
N ASP A 64 -3.13 -10.22 3.62
CA ASP A 64 -2.31 -11.24 4.25
C ASP A 64 -2.30 -12.53 3.44
N GLU A 65 -1.62 -13.55 3.94
CA GLU A 65 -1.53 -14.83 3.27
C GLU A 65 -2.88 -15.53 3.25
N ASP A 66 -3.73 -15.19 4.21
CA ASP A 66 -5.06 -15.77 4.30
C ASP A 66 -6.06 -15.01 3.44
N GLY A 67 -5.62 -13.89 2.89
CA GLY A 67 -6.49 -13.08 2.05
C GLY A 67 -7.29 -12.07 2.85
N ASP A 68 -7.01 -11.99 4.15
CA ASP A 68 -7.72 -11.06 5.03
C ASP A 68 -6.91 -9.79 5.23
N PHE A 69 -7.56 -8.65 5.02
CA PHE A 69 -6.91 -7.35 5.18
C PHE A 69 -6.54 -7.11 6.65
N VAL A 70 -5.24 -7.04 6.92
CA VAL A 70 -4.77 -6.82 8.28
C VAL A 70 -4.31 -5.38 8.48
N VAL A 71 -4.37 -4.91 9.72
CA VAL A 71 -3.97 -3.55 10.05
C VAL A 71 -2.46 -3.38 9.98
N LEU A 72 -2.01 -2.19 9.64
CA LEU A 72 -0.59 -1.90 9.54
C LEU A 72 -0.26 -0.54 10.16
N GLY A 73 0.12 -0.56 11.44
CA GLY A 73 0.45 0.67 12.13
C GLY A 73 1.68 0.54 13.01
N SER A 74 2.58 -0.38 12.62
CA SER A 74 3.81 -0.61 13.37
C SER A 74 4.96 -0.95 12.43
N ASP A 75 6.17 -0.60 12.85
CA ASP A 75 7.37 -0.87 12.05
C ASP A 75 7.53 -2.37 11.81
N GLU A 76 7.15 -3.16 12.81
CA GLU A 76 7.26 -4.61 12.72
C GLU A 76 6.27 -5.17 11.71
N ASP A 77 5.08 -4.55 11.64
CA ASP A 77 4.05 -4.99 10.71
C ASP A 77 4.57 -4.99 9.28
N TRP A 78 5.29 -3.94 8.92
CA TRP A 78 5.86 -3.83 7.58
C TRP A 78 6.94 -4.89 7.36
N ASN A 79 7.75 -5.10 8.39
CA ASN A 79 8.83 -6.10 8.32
C ASN A 79 8.29 -7.46 7.96
N VAL A 80 7.21 -7.87 8.62
CA VAL A 80 6.59 -9.16 8.37
C VAL A 80 5.97 -9.20 6.98
N ALA A 81 5.55 -8.03 6.48
CA ALA A 81 4.94 -7.94 5.16
C ALA A 81 5.91 -8.43 4.08
N LYS A 82 7.18 -8.05 4.23
CA LYS A 82 8.20 -8.46 3.27
C LYS A 82 8.45 -9.97 3.36
N GLU A 83 8.65 -10.44 4.59
CA GLU A 83 8.90 -11.87 4.82
C GLU A 83 7.72 -12.70 4.32
N MET A 84 6.53 -12.12 4.35
CA MET A 84 5.33 -12.81 3.90
C MET A 84 5.42 -13.11 2.40
N LEU A 85 5.66 -12.06 1.62
CA LEU A 85 5.79 -12.21 0.17
C LEU A 85 7.05 -12.98 -0.18
N ALA A 86 7.90 -13.19 0.82
CA ALA A 86 9.15 -13.90 0.62
C ALA A 86 8.91 -15.41 0.50
N GLU A 87 8.26 -15.98 1.50
CA GLU A 87 7.97 -17.41 1.50
C GLU A 87 6.83 -17.73 0.55
N ASN A 88 5.87 -16.82 0.46
CA ASN A 88 4.71 -17.00 -0.42
C ASN A 88 5.10 -16.79 -1.87
N ASN A 89 6.34 -16.36 -2.10
CA ASN A 89 6.84 -16.13 -3.45
C ASN A 89 5.97 -15.12 -4.19
N GLU A 90 5.30 -14.26 -3.43
CA GLU A 90 4.43 -13.24 -4.01
C GLU A 90 5.24 -12.16 -4.71
N LYS A 91 4.54 -11.20 -5.29
CA LYS A 91 5.20 -10.09 -5.99
C LYS A 91 4.41 -8.80 -5.83
N PHE A 92 3.10 -8.92 -5.59
CA PHE A 92 2.24 -7.76 -5.41
C PHE A 92 1.53 -7.81 -4.07
N LEU A 93 0.69 -6.81 -3.81
CA LEU A 93 -0.06 -6.74 -2.56
C LEU A 93 -1.24 -5.79 -2.70
N ASN A 94 -2.40 -6.23 -2.22
CA ASN A 94 -3.62 -5.43 -2.28
C ASN A 94 -3.80 -4.63 -0.98
N ILE A 95 -3.91 -3.31 -1.13
CA ILE A 95 -4.09 -2.43 0.03
C ILE A 95 -5.42 -1.69 -0.05
N ARG A 96 -6.08 -1.59 1.09
CA ARG A 96 -7.37 -0.89 1.17
C ARG A 96 -7.21 0.46 1.86
N LEU A 97 -7.84 1.48 1.29
CA LEU A 97 -7.76 2.83 1.86
C LEU A 97 -8.87 3.06 2.87
N TYR A 98 -8.60 3.91 3.85
CA TYR A 98 -9.58 4.22 4.89
C TYR A 98 -9.62 5.71 5.20
N GLY A 1 13.16 -4.21 -16.00
CA GLY A 1 12.97 -3.43 -14.74
C GLY A 1 14.07 -3.70 -13.73
N PRO A 2 13.91 -3.21 -12.48
CA PRO A 2 14.89 -3.40 -11.42
C PRO A 2 14.85 -4.81 -10.84
N LEU A 3 15.42 -4.97 -9.65
CA LEU A 3 15.44 -6.27 -8.98
C LEU A 3 15.26 -6.09 -7.47
N GLY A 4 14.03 -6.23 -7.00
CA GLY A 4 13.74 -6.09 -5.59
C GLY A 4 12.70 -5.03 -5.31
N SER A 5 11.56 -5.13 -5.98
CA SER A 5 10.47 -4.18 -5.81
C SER A 5 9.14 -4.91 -5.61
N ILE A 6 8.20 -4.24 -4.95
CA ILE A 6 6.89 -4.83 -4.70
C ILE A 6 5.77 -3.97 -5.28
N LEU A 7 4.88 -4.60 -6.04
CA LEU A 7 3.76 -3.90 -6.65
C LEU A 7 2.66 -3.64 -5.63
N PHE A 8 2.69 -2.47 -5.01
CA PHE A 8 1.69 -2.11 -4.02
C PHE A 8 0.51 -1.37 -4.64
N ARG A 9 -0.68 -1.93 -4.48
CA ARG A 9 -1.88 -1.33 -5.04
C ARG A 9 -2.65 -0.58 -3.96
N ILE A 10 -3.03 0.66 -4.26
CA ILE A 10 -3.76 1.48 -3.31
C ILE A 10 -5.10 1.96 -3.89
N SER A 11 -6.19 1.36 -3.41
CA SER A 11 -7.52 1.73 -3.89
C SER A 11 -7.98 3.04 -3.27
N TYR A 12 -7.54 4.15 -3.86
CA TYR A 12 -7.90 5.47 -3.38
C TYR A 12 -9.30 5.87 -3.83
N ASN A 13 -10.13 6.25 -2.87
CA ASN A 13 -11.51 6.65 -3.16
C ASN A 13 -11.82 8.00 -2.51
N ASN A 14 -11.91 9.04 -3.34
CA ASN A 14 -12.21 10.39 -2.85
C ASN A 14 -13.60 10.43 -2.22
N ASN A 15 -14.58 9.82 -2.88
CA ASN A 15 -15.94 9.81 -2.38
C ASN A 15 -16.51 8.40 -2.41
N SER A 16 -17.69 8.23 -1.80
CA SER A 16 -18.34 6.92 -1.76
C SER A 16 -18.91 6.56 -3.12
N ASN A 17 -18.18 5.75 -3.88
CA ASN A 17 -18.61 5.33 -5.21
C ASN A 17 -19.26 3.95 -5.16
N ASN A 18 -18.82 3.13 -4.21
CA ASN A 18 -19.35 1.78 -4.04
C ASN A 18 -19.16 0.96 -5.31
N THR A 19 -18.05 0.21 -5.36
CA THR A 19 -17.71 -0.63 -6.52
C THR A 19 -18.12 0.02 -7.84
N SER A 20 -17.84 1.31 -7.97
CA SER A 20 -18.17 2.04 -9.19
C SER A 20 -16.94 2.73 -9.76
N SER A 21 -16.16 3.38 -8.89
CA SER A 21 -14.96 4.08 -9.31
C SER A 21 -13.87 4.01 -8.24
N SER A 22 -12.63 3.85 -8.67
CA SER A 22 -11.50 3.77 -7.75
C SER A 22 -10.21 4.18 -8.43
N GLU A 23 -9.20 4.52 -7.63
CA GLU A 23 -7.91 4.94 -8.15
C GLU A 23 -6.79 4.07 -7.60
N ILE A 24 -6.63 2.88 -8.17
CA ILE A 24 -5.60 1.95 -7.74
C ILE A 24 -4.21 2.42 -8.19
N PHE A 25 -3.38 2.79 -7.23
CA PHE A 25 -2.02 3.25 -7.53
C PHE A 25 -1.05 2.08 -7.58
N THR A 26 -0.03 2.20 -8.43
CA THR A 26 0.97 1.15 -8.57
C THR A 26 2.36 1.69 -8.28
N LEU A 27 2.80 1.55 -7.03
CA LEU A 27 4.11 2.02 -6.61
C LEU A 27 5.05 0.85 -6.31
N LEU A 28 6.23 0.86 -6.93
CA LEU A 28 7.21 -0.19 -6.72
C LEU A 28 7.97 0.02 -5.42
N VAL A 29 7.33 -0.31 -4.30
CA VAL A 29 7.93 -0.16 -2.98
C VAL A 29 9.16 -1.06 -2.83
N GLU A 30 10.31 -0.42 -2.63
CA GLU A 30 11.56 -1.16 -2.46
C GLU A 30 11.57 -1.95 -1.17
N LYS A 31 12.52 -2.87 -1.04
CA LYS A 31 12.64 -3.70 0.16
C LYS A 31 13.51 -3.01 1.20
N VAL A 32 14.33 -2.07 0.75
CA VAL A 32 15.22 -1.34 1.65
C VAL A 32 14.52 -0.12 2.23
N TRP A 33 13.19 -0.19 2.34
CA TRP A 33 12.40 0.90 2.87
C TRP A 33 11.88 0.57 4.27
N ASN A 34 11.13 1.50 4.85
CA ASN A 34 10.57 1.32 6.18
C ASN A 34 9.08 1.64 6.19
N PHE A 35 8.48 1.61 7.37
CA PHE A 35 7.06 1.90 7.51
C PHE A 35 6.78 3.38 7.21
N ASP A 36 7.53 4.26 7.86
CA ASP A 36 7.35 5.69 7.66
C ASP A 36 7.68 6.08 6.22
N ASP A 37 8.66 5.41 5.62
CA ASP A 37 9.07 5.69 4.26
C ASP A 37 7.98 5.26 3.28
N LEU A 38 7.34 4.14 3.57
CA LEU A 38 6.27 3.62 2.73
C LEU A 38 5.09 4.59 2.69
N ILE A 39 4.61 4.97 3.85
CA ILE A 39 3.49 5.90 3.96
C ILE A 39 3.85 7.29 3.41
N MET A 40 5.13 7.61 3.45
CA MET A 40 5.61 8.89 2.95
C MET A 40 5.57 8.95 1.44
N ALA A 41 5.94 7.84 0.80
CA ALA A 41 5.94 7.75 -0.65
C ALA A 41 4.52 7.86 -1.22
N ILE A 42 3.57 7.28 -0.50
CA ILE A 42 2.17 7.31 -0.93
C ILE A 42 1.63 8.74 -0.95
N ASN A 43 1.88 9.47 0.14
CA ASN A 43 1.43 10.85 0.24
C ASN A 43 2.02 11.70 -0.87
N SER A 44 3.25 11.38 -1.27
CA SER A 44 3.93 12.11 -2.33
C SER A 44 3.30 11.84 -3.68
N LYS A 45 2.73 10.64 -3.83
CA LYS A 45 2.09 10.25 -5.08
C LYS A 45 0.78 10.99 -5.27
N ILE A 46 0.11 11.29 -4.17
CA ILE A 46 -1.17 12.00 -4.21
C ILE A 46 -0.96 13.49 -4.47
N SER A 47 0.19 14.01 -4.03
CA SER A 47 0.51 15.42 -4.21
C SER A 47 1.27 15.64 -5.52
N ASN A 48 1.04 14.75 -6.49
CA ASN A 48 1.69 14.84 -7.78
C ASN A 48 0.69 14.68 -8.92
N THR A 49 -0.58 14.51 -8.56
CA THR A 49 -1.63 14.34 -9.55
C THR A 49 -2.78 15.32 -9.31
N HIS A 50 -3.26 15.36 -8.06
CA HIS A 50 -4.36 16.24 -7.70
C HIS A 50 -3.83 17.57 -7.15
N ASN A 51 -4.71 18.54 -6.99
CA ASN A 51 -4.35 19.85 -6.48
C ASN A 51 -5.15 20.20 -5.23
N ASN A 52 -5.70 19.18 -4.59
CA ASN A 52 -6.50 19.37 -3.38
C ASN A 52 -5.91 18.61 -2.20
N ASN A 53 -5.93 19.23 -1.02
CA ASN A 53 -5.39 18.60 0.17
C ASN A 53 -6.42 17.66 0.81
N ILE A 54 -6.38 16.40 0.39
CA ILE A 54 -7.31 15.40 0.92
C ILE A 54 -6.89 14.91 2.30
N SER A 55 -7.71 14.06 2.91
CA SER A 55 -7.41 13.52 4.22
C SER A 55 -6.13 12.69 4.21
N PRO A 56 -5.21 12.93 5.17
CA PRO A 56 -3.94 12.20 5.25
C PRO A 56 -4.15 10.74 5.64
N ILE A 57 -3.27 9.87 5.14
CA ILE A 57 -3.36 8.45 5.44
C ILE A 57 -2.29 8.04 6.46
N THR A 58 -2.73 7.33 7.50
CA THR A 58 -1.81 6.88 8.54
C THR A 58 -1.88 5.37 8.71
N LYS A 59 -2.96 4.77 8.22
CA LYS A 59 -3.15 3.32 8.33
C LYS A 59 -3.62 2.73 7.00
N ILE A 60 -3.19 1.51 6.72
CA ILE A 60 -3.56 0.83 5.48
C ILE A 60 -3.73 -0.67 5.71
N LYS A 61 -4.64 -1.28 4.97
CA LYS A 61 -4.91 -2.70 5.10
C LYS A 61 -4.22 -3.51 4.00
N TYR A 62 -3.29 -4.36 4.39
CA TYR A 62 -2.57 -5.19 3.44
C TYR A 62 -3.07 -6.63 3.47
N GLN A 63 -3.18 -7.24 2.29
CA GLN A 63 -3.66 -8.62 2.19
C GLN A 63 -2.68 -9.58 2.84
N ASP A 64 -3.19 -10.44 3.72
CA ASP A 64 -2.36 -11.41 4.41
C ASP A 64 -2.34 -12.74 3.65
N GLU A 65 -1.56 -13.69 4.15
CA GLU A 65 -1.46 -15.00 3.52
C GLU A 65 -2.74 -15.80 3.72
N ASP A 66 -3.63 -15.28 4.55
CA ASP A 66 -4.91 -15.93 4.82
C ASP A 66 -6.02 -15.36 3.95
N GLY A 67 -5.65 -14.46 3.04
CA GLY A 67 -6.62 -13.86 2.15
C GLY A 67 -7.51 -12.86 2.86
N ASP A 68 -6.98 -12.23 3.91
CA ASP A 68 -7.73 -11.25 4.67
C ASP A 68 -6.90 -9.99 4.91
N PHE A 69 -7.51 -8.83 4.72
CA PHE A 69 -6.82 -7.56 4.92
C PHE A 69 -6.61 -7.30 6.40
N VAL A 70 -5.34 -7.17 6.79
CA VAL A 70 -4.99 -6.92 8.19
C VAL A 70 -4.47 -5.49 8.38
N VAL A 71 -4.68 -4.95 9.58
CA VAL A 71 -4.24 -3.60 9.89
C VAL A 71 -2.72 -3.50 9.92
N LEU A 72 -2.19 -2.40 9.39
CA LEU A 72 -0.75 -2.17 9.35
C LEU A 72 -0.40 -0.79 9.88
N GLY A 73 0.05 -0.73 11.12
CA GLY A 73 0.40 0.54 11.72
C GLY A 73 1.56 0.43 12.69
N SER A 74 2.66 -0.18 12.25
CA SER A 74 3.83 -0.36 13.09
C SER A 74 5.03 -0.82 12.27
N ASP A 75 6.22 -0.65 12.83
CA ASP A 75 7.45 -1.06 12.14
C ASP A 75 7.52 -2.57 11.99
N GLU A 76 6.96 -3.28 12.97
CA GLU A 76 6.96 -4.74 12.95
C GLU A 76 6.00 -5.27 11.88
N ASP A 77 4.88 -4.57 11.70
CA ASP A 77 3.88 -4.97 10.72
C ASP A 77 4.49 -5.02 9.32
N TRP A 78 5.19 -3.95 8.95
CA TRP A 78 5.83 -3.87 7.64
C TRP A 78 6.91 -4.93 7.51
N ASN A 79 7.59 -5.23 8.61
CA ASN A 79 8.65 -6.23 8.61
C ASN A 79 8.10 -7.61 8.24
N VAL A 80 7.03 -7.99 8.91
CA VAL A 80 6.40 -9.29 8.67
C VAL A 80 5.79 -9.35 7.27
N ALA A 81 5.35 -8.21 6.77
CA ALA A 81 4.75 -8.13 5.44
C ALA A 81 5.74 -8.60 4.37
N LYS A 82 6.97 -8.10 4.45
CA LYS A 82 8.00 -8.47 3.49
C LYS A 82 8.31 -9.96 3.59
N GLU A 83 8.41 -10.46 4.82
CA GLU A 83 8.70 -11.87 5.05
C GLU A 83 7.56 -12.75 4.57
N MET A 84 6.35 -12.19 4.53
CA MET A 84 5.17 -12.91 4.07
C MET A 84 5.31 -13.27 2.60
N LEU A 85 5.58 -12.27 1.77
CA LEU A 85 5.74 -12.47 0.34
C LEU A 85 7.03 -13.23 0.04
N ALA A 86 7.93 -13.27 1.03
CA ALA A 86 9.19 -13.95 0.89
C ALA A 86 9.03 -15.46 1.03
N GLU A 87 8.23 -15.87 2.01
CA GLU A 87 7.98 -17.29 2.27
C GLU A 87 6.82 -17.80 1.43
N ASN A 88 6.17 -16.90 0.71
CA ASN A 88 5.03 -17.26 -0.13
C ASN A 88 5.38 -17.14 -1.61
N ASN A 89 6.64 -16.81 -1.89
CA ASN A 89 7.11 -16.66 -3.27
C ASN A 89 6.28 -15.60 -4.00
N GLU A 90 5.63 -14.73 -3.24
CA GLU A 90 4.81 -13.67 -3.82
C GLU A 90 5.69 -12.59 -4.44
N LYS A 91 5.06 -11.51 -4.90
CA LYS A 91 5.78 -10.40 -5.52
C LYS A 91 5.02 -9.09 -5.36
N PHE A 92 3.70 -9.19 -5.27
CA PHE A 92 2.86 -8.00 -5.12
C PHE A 92 1.93 -8.13 -3.92
N LEU A 93 1.07 -7.12 -3.74
CA LEU A 93 0.12 -7.12 -2.63
C LEU A 93 -0.96 -6.06 -2.86
N ASN A 94 -2.15 -6.30 -2.31
CA ASN A 94 -3.26 -5.38 -2.46
C ASN A 94 -3.54 -4.63 -1.16
N ILE A 95 -3.73 -3.32 -1.28
CA ILE A 95 -4.03 -2.48 -0.11
C ILE A 95 -5.30 -1.69 -0.32
N ARG A 96 -6.03 -1.45 0.77
CA ARG A 96 -7.28 -0.69 0.70
C ARG A 96 -7.35 0.34 1.81
N LEU A 97 -7.84 1.53 1.49
CA LEU A 97 -7.96 2.60 2.47
C LEU A 97 -8.98 2.24 3.55
N TYR A 98 -9.08 3.08 4.57
CA TYR A 98 -10.01 2.85 5.67
C TYR A 98 -11.19 3.82 5.59
N GLY A 1 13.96 -0.21 -8.72
CA GLY A 1 14.15 -1.59 -8.18
C GLY A 1 15.45 -2.21 -8.62
N PRO A 2 16.59 -1.80 -8.03
CA PRO A 2 17.91 -2.33 -8.39
C PRO A 2 18.10 -3.76 -7.88
N LEU A 3 17.80 -3.98 -6.61
CA LEU A 3 17.94 -5.29 -6.00
C LEU A 3 16.60 -6.03 -5.98
N GLY A 4 15.61 -5.41 -5.34
CA GLY A 4 14.29 -6.01 -5.25
C GLY A 4 13.21 -4.99 -4.96
N SER A 5 12.04 -5.19 -5.54
CA SER A 5 10.91 -4.28 -5.36
C SER A 5 9.60 -5.04 -5.24
N ILE A 6 8.59 -4.38 -4.66
CA ILE A 6 7.28 -5.00 -4.49
C ILE A 6 6.17 -4.05 -4.93
N LEU A 7 5.19 -4.60 -5.65
CA LEU A 7 4.07 -3.80 -6.13
C LEU A 7 3.10 -3.50 -5.00
N PHE A 8 2.64 -2.26 -4.92
CA PHE A 8 1.71 -1.85 -3.88
C PHE A 8 0.46 -1.22 -4.47
N ARG A 9 -0.61 -2.01 -4.52
CA ARG A 9 -1.89 -1.54 -5.04
C ARG A 9 -2.57 -0.61 -4.04
N ILE A 10 -2.94 0.58 -4.49
CA ILE A 10 -3.59 1.55 -3.61
C ILE A 10 -4.94 1.98 -4.16
N SER A 11 -6.01 1.36 -3.65
CA SER A 11 -7.36 1.67 -4.09
C SER A 11 -7.95 2.82 -3.28
N TYR A 12 -8.10 3.98 -3.92
CA TYR A 12 -8.65 5.15 -3.26
C TYR A 12 -10.09 5.40 -3.68
N ASN A 13 -11.02 5.11 -2.79
CA ASN A 13 -12.44 5.31 -3.07
C ASN A 13 -13.02 6.44 -2.22
N ASN A 14 -12.39 7.61 -2.31
CA ASN A 14 -12.83 8.78 -1.56
C ASN A 14 -12.76 8.51 -0.05
N ASN A 15 -13.85 7.98 0.51
CA ASN A 15 -13.90 7.69 1.93
C ASN A 15 -14.50 6.30 2.18
N SER A 16 -14.08 5.33 1.36
CA SER A 16 -14.57 3.96 1.49
C SER A 16 -16.09 3.91 1.39
N ASN A 17 -16.66 4.73 0.52
CA ASN A 17 -18.11 4.78 0.33
C ASN A 17 -18.61 3.53 -0.39
N ASN A 18 -17.72 2.91 -1.17
CA ASN A 18 -18.06 1.70 -1.92
C ASN A 18 -19.26 1.97 -2.83
N THR A 19 -19.31 3.15 -3.41
CA THR A 19 -20.40 3.53 -4.31
C THR A 19 -19.87 4.04 -5.64
N SER A 20 -18.71 4.70 -5.60
CA SER A 20 -18.09 5.23 -6.81
C SER A 20 -16.88 4.39 -7.23
N SER A 21 -16.28 4.76 -8.35
CA SER A 21 -15.11 4.04 -8.86
C SER A 21 -13.89 4.29 -7.98
N SER A 22 -12.95 3.34 -8.00
CA SER A 22 -11.73 3.45 -7.20
C SER A 22 -10.50 3.51 -8.10
N GLU A 23 -9.53 4.34 -7.72
CA GLU A 23 -8.30 4.49 -8.48
C GLU A 23 -7.16 3.74 -7.81
N ILE A 24 -6.85 2.54 -8.33
CA ILE A 24 -5.78 1.73 -7.78
C ILE A 24 -4.44 2.08 -8.42
N PHE A 25 -3.48 2.47 -7.59
CA PHE A 25 -2.15 2.83 -8.06
C PHE A 25 -1.18 1.68 -7.89
N THR A 26 0.04 1.85 -8.41
CA THR A 26 1.07 0.82 -8.30
C THR A 26 2.39 1.42 -7.83
N LEU A 27 2.72 1.17 -6.57
CA LEU A 27 3.96 1.68 -5.99
C LEU A 27 5.04 0.60 -5.93
N LEU A 28 6.25 0.95 -6.35
CA LEU A 28 7.37 0.02 -6.33
C LEU A 28 8.07 0.05 -4.98
N VAL A 29 7.37 -0.38 -3.93
CA VAL A 29 7.92 -0.39 -2.59
C VAL A 29 9.09 -1.36 -2.47
N GLU A 30 10.29 -0.81 -2.35
CA GLU A 30 11.50 -1.62 -2.24
C GLU A 30 11.55 -2.35 -0.89
N LYS A 31 12.58 -3.15 -0.69
CA LYS A 31 12.74 -3.88 0.56
C LYS A 31 13.66 -3.14 1.52
N VAL A 32 14.39 -2.15 0.99
CA VAL A 32 15.31 -1.35 1.80
C VAL A 32 14.59 -0.15 2.41
N TRP A 33 13.26 -0.18 2.36
CA TRP A 33 12.45 0.89 2.91
C TRP A 33 12.00 0.58 4.34
N ASN A 34 11.10 1.40 4.86
CA ASN A 34 10.57 1.22 6.21
C ASN A 34 9.08 1.53 6.26
N PHE A 35 8.53 1.62 7.45
CA PHE A 35 7.11 1.90 7.62
C PHE A 35 6.80 3.35 7.23
N ASP A 36 7.58 4.28 7.76
CA ASP A 36 7.40 5.70 7.48
C ASP A 36 7.66 5.99 6.01
N ASP A 37 8.76 5.46 5.49
CA ASP A 37 9.12 5.66 4.10
C ASP A 37 8.05 5.11 3.16
N LEU A 38 7.37 4.06 3.63
CA LEU A 38 6.30 3.43 2.84
C LEU A 38 5.09 4.35 2.73
N ILE A 39 4.56 4.75 3.88
CA ILE A 39 3.39 5.63 3.90
C ILE A 39 3.69 6.97 3.23
N MET A 40 4.97 7.34 3.20
CA MET A 40 5.38 8.58 2.58
C MET A 40 5.27 8.50 1.06
N ALA A 41 5.58 7.32 0.51
CA ALA A 41 5.52 7.11 -0.93
C ALA A 41 4.07 7.19 -1.43
N ILE A 42 3.15 6.56 -0.70
CA ILE A 42 1.75 6.56 -1.08
C ILE A 42 1.19 7.98 -1.11
N ASN A 43 1.48 8.76 -0.06
CA ASN A 43 1.01 10.13 0.01
C ASN A 43 1.50 10.96 -1.18
N SER A 44 2.70 10.62 -1.65
CA SER A 44 3.29 11.31 -2.79
C SER A 44 2.48 11.05 -4.05
N LYS A 45 1.94 9.84 -4.17
CA LYS A 45 1.15 9.46 -5.32
C LYS A 45 -0.13 10.28 -5.39
N ILE A 46 -0.74 10.52 -4.23
CA ILE A 46 -1.98 11.28 -4.15
C ILE A 46 -1.73 12.76 -4.42
N SER A 47 -0.64 13.28 -3.88
CA SER A 47 -0.28 14.69 -4.07
C SER A 47 0.13 14.96 -5.51
N ASN A 48 0.27 13.89 -6.29
CA ASN A 48 0.64 14.02 -7.69
C ASN A 48 -0.57 14.29 -8.57
N THR A 49 -1.67 13.61 -8.26
CA THR A 49 -2.90 13.78 -9.03
C THR A 49 -4.13 13.46 -8.18
N HIS A 50 -4.95 14.48 -7.94
CA HIS A 50 -6.16 14.31 -7.13
C HIS A 50 -7.25 15.28 -7.59
N ASN A 51 -8.42 15.21 -6.96
CA ASN A 51 -9.53 16.08 -7.31
C ASN A 51 -9.42 17.42 -6.59
N ASN A 52 -9.97 17.50 -5.38
CA ASN A 52 -9.93 18.73 -4.60
C ASN A 52 -10.29 18.46 -3.14
N ASN A 53 -10.82 17.27 -2.87
CA ASN A 53 -11.20 16.90 -1.52
C ASN A 53 -10.59 15.56 -1.12
N ILE A 54 -9.33 15.58 -0.69
CA ILE A 54 -8.63 14.37 -0.28
C ILE A 54 -8.20 14.46 1.18
N SER A 55 -8.48 13.41 1.94
CA SER A 55 -8.12 13.36 3.35
C SER A 55 -6.81 12.58 3.55
N PRO A 56 -6.04 12.93 4.60
CA PRO A 56 -4.77 12.25 4.89
C PRO A 56 -4.95 10.75 5.09
N ILE A 57 -3.83 10.02 5.08
CA ILE A 57 -3.87 8.57 5.25
C ILE A 57 -3.37 8.16 6.64
N THR A 58 -2.07 7.94 6.76
CA THR A 58 -1.46 7.54 8.03
C THR A 58 -2.08 6.25 8.55
N LYS A 59 -2.74 5.51 7.67
CA LYS A 59 -3.39 4.26 8.04
C LYS A 59 -3.85 3.50 6.80
N ILE A 60 -3.30 2.31 6.60
CA ILE A 60 -3.65 1.48 5.46
C ILE A 60 -3.63 0.00 5.83
N LYS A 61 -4.45 -0.79 5.14
CA LYS A 61 -4.53 -2.22 5.40
C LYS A 61 -3.97 -3.02 4.22
N TYR A 62 -3.07 -3.96 4.53
CA TYR A 62 -2.45 -4.79 3.51
C TYR A 62 -3.05 -6.19 3.50
N GLN A 63 -3.14 -6.79 2.32
CA GLN A 63 -3.70 -8.12 2.17
C GLN A 63 -2.73 -9.18 2.69
N ASP A 64 -3.27 -10.17 3.41
CA ASP A 64 -2.45 -11.24 3.98
C ASP A 64 -2.40 -12.43 3.03
N GLU A 65 -1.75 -13.51 3.48
CA GLU A 65 -1.63 -14.72 2.68
C GLU A 65 -2.98 -15.40 2.53
N ASP A 66 -3.89 -15.11 3.45
CA ASP A 66 -5.23 -15.70 3.43
C ASP A 66 -6.22 -14.75 2.77
N GLY A 67 -5.71 -13.65 2.21
CA GLY A 67 -6.56 -12.68 1.55
C GLY A 67 -7.40 -11.89 2.54
N ASP A 68 -6.79 -11.46 3.64
CA ASP A 68 -7.48 -10.69 4.66
C ASP A 68 -6.76 -9.39 4.96
N PHE A 69 -7.45 -8.27 4.76
CA PHE A 69 -6.88 -6.96 5.01
C PHE A 69 -6.59 -6.76 6.49
N VAL A 70 -5.30 -6.76 6.84
CA VAL A 70 -4.89 -6.60 8.23
C VAL A 70 -4.32 -5.20 8.47
N VAL A 71 -4.42 -4.73 9.70
CA VAL A 71 -3.93 -3.40 10.07
C VAL A 71 -2.41 -3.35 9.99
N LEU A 72 -1.88 -2.15 9.76
CA LEU A 72 -0.43 -1.95 9.66
C LEU A 72 -0.04 -0.59 10.21
N GLY A 73 0.35 -0.56 11.48
CA GLY A 73 0.76 0.68 12.11
C GLY A 73 1.98 0.52 12.99
N SER A 74 2.90 -0.34 12.58
CA SER A 74 4.13 -0.58 13.34
C SER A 74 5.24 -1.07 12.42
N ASP A 75 6.48 -0.71 12.76
CA ASP A 75 7.63 -1.11 11.97
C ASP A 75 7.75 -2.64 11.92
N GLU A 76 7.25 -3.30 12.97
CA GLU A 76 7.29 -4.75 13.04
C GLU A 76 6.32 -5.38 12.05
N ASP A 77 5.14 -4.79 11.93
CA ASP A 77 4.12 -5.28 11.01
C ASP A 77 4.66 -5.34 9.59
N TRP A 78 5.41 -4.30 9.22
CA TRP A 78 5.99 -4.22 7.88
C TRP A 78 7.06 -5.30 7.70
N ASN A 79 7.79 -5.57 8.78
CA ASN A 79 8.84 -6.57 8.74
C ASN A 79 8.26 -7.95 8.44
N VAL A 80 7.21 -8.32 9.18
CA VAL A 80 6.55 -9.60 8.98
C VAL A 80 5.92 -9.68 7.61
N ALA A 81 5.48 -8.54 7.09
CA ALA A 81 4.86 -8.48 5.77
C ALA A 81 5.86 -8.92 4.70
N LYS A 82 7.11 -8.54 4.88
CA LYS A 82 8.17 -8.91 3.93
C LYS A 82 8.40 -10.42 3.96
N GLU A 83 8.44 -10.98 5.17
CA GLU A 83 8.66 -12.40 5.35
C GLU A 83 7.52 -13.19 4.72
N MET A 84 6.34 -12.56 4.64
CA MET A 84 5.16 -13.19 4.05
C MET A 84 5.33 -13.34 2.54
N LEU A 85 5.80 -12.27 1.90
CA LEU A 85 6.01 -12.27 0.46
C LEU A 85 7.28 -13.04 0.10
N ALA A 86 8.15 -13.22 1.09
CA ALA A 86 9.41 -13.94 0.88
C ALA A 86 9.19 -15.45 0.86
N GLU A 87 8.27 -15.93 1.70
CA GLU A 87 7.97 -17.35 1.78
C GLU A 87 6.85 -17.72 0.82
N ASN A 88 6.24 -16.72 0.21
CA ASN A 88 5.15 -16.93 -0.73
C ASN A 88 5.54 -16.46 -2.14
N ASN A 89 6.73 -15.89 -2.25
CA ASN A 89 7.22 -15.39 -3.53
C ASN A 89 6.29 -14.31 -4.10
N GLU A 90 5.46 -13.75 -3.22
CA GLU A 90 4.52 -12.72 -3.63
C GLU A 90 5.25 -11.43 -4.00
N LYS A 91 5.02 -10.95 -5.21
CA LYS A 91 5.66 -9.72 -5.67
C LYS A 91 4.66 -8.57 -5.75
N PHE A 92 3.51 -8.76 -5.12
CA PHE A 92 2.46 -7.73 -5.11
C PHE A 92 1.61 -7.86 -3.86
N LEU A 93 0.95 -6.76 -3.49
CA LEU A 93 0.09 -6.74 -2.30
C LEU A 93 -1.05 -5.75 -2.46
N ASN A 94 -2.26 -6.19 -2.16
CA ASN A 94 -3.45 -5.35 -2.25
C ASN A 94 -3.64 -4.51 -0.99
N ILE A 95 -3.69 -3.20 -1.16
CA ILE A 95 -3.88 -2.29 -0.03
C ILE A 95 -5.14 -1.46 -0.18
N ARG A 96 -5.84 -1.24 0.93
CA ARG A 96 -7.07 -0.46 0.93
C ARG A 96 -6.87 0.84 1.70
N LEU A 97 -7.48 1.91 1.19
CA LEU A 97 -7.39 3.22 1.81
C LEU A 97 -8.48 3.41 2.87
N TYR A 98 -8.17 4.19 3.90
CA TYR A 98 -9.13 4.44 4.97
C TYR A 98 -9.10 5.91 5.39
N GLY A 1 10.95 -5.10 -11.07
CA GLY A 1 11.73 -5.42 -9.84
C GLY A 1 12.89 -6.36 -10.11
N PRO A 2 14.03 -5.82 -10.61
CA PRO A 2 15.22 -6.63 -10.90
C PRO A 2 15.92 -7.10 -9.64
N LEU A 3 15.75 -6.34 -8.55
CA LEU A 3 16.37 -6.68 -7.28
C LEU A 3 15.36 -7.36 -6.34
N GLY A 4 14.30 -6.64 -6.01
CA GLY A 4 13.28 -7.20 -5.13
C GLY A 4 12.28 -6.15 -4.67
N SER A 5 11.39 -5.75 -5.57
CA SER A 5 10.38 -4.74 -5.25
C SER A 5 9.00 -5.39 -5.14
N ILE A 6 8.02 -4.60 -4.70
CA ILE A 6 6.65 -5.09 -4.55
C ILE A 6 5.64 -4.10 -5.13
N LEU A 7 4.70 -4.62 -5.92
CA LEU A 7 3.67 -3.79 -6.53
C LEU A 7 2.57 -3.47 -5.53
N PHE A 8 2.81 -2.44 -4.72
CA PHE A 8 1.83 -2.03 -3.71
C PHE A 8 0.63 -1.34 -4.35
N ARG A 9 -0.50 -2.03 -4.37
CA ARG A 9 -1.72 -1.48 -4.94
C ARG A 9 -2.44 -0.61 -3.92
N ILE A 10 -2.77 0.62 -4.32
CA ILE A 10 -3.46 1.55 -3.42
C ILE A 10 -4.85 1.88 -3.94
N SER A 11 -5.84 1.06 -3.59
CA SER A 11 -7.21 1.27 -4.02
C SER A 11 -7.89 2.33 -3.16
N TYR A 12 -7.84 3.57 -3.61
CA TYR A 12 -8.46 4.68 -2.87
C TYR A 12 -9.95 4.76 -3.18
N ASN A 13 -10.77 4.53 -2.16
CA ASN A 13 -12.22 4.58 -2.31
C ASN A 13 -12.83 5.69 -1.46
N ASN A 14 -13.58 6.58 -2.10
CA ASN A 14 -14.22 7.68 -1.40
C ASN A 14 -15.67 7.34 -1.05
N ASN A 15 -16.26 6.43 -1.82
CA ASN A 15 -17.62 6.00 -1.58
C ASN A 15 -17.68 4.83 -0.61
N SER A 16 -16.50 4.36 -0.20
CA SER A 16 -16.39 3.24 0.72
C SER A 16 -17.01 1.98 0.13
N ASN A 17 -16.16 1.11 -0.41
CA ASN A 17 -16.62 -0.13 -1.02
C ASN A 17 -17.61 0.15 -2.15
N ASN A 18 -17.09 0.56 -3.30
CA ASN A 18 -17.92 0.87 -4.46
C ASN A 18 -17.24 0.40 -5.74
N THR A 19 -17.92 0.61 -6.87
CA THR A 19 -17.38 0.22 -8.16
C THR A 19 -17.23 1.41 -9.09
N SER A 20 -16.30 1.31 -10.03
CA SER A 20 -16.05 2.39 -10.99
C SER A 20 -15.75 3.71 -10.27
N SER A 21 -15.06 3.60 -9.13
CA SER A 21 -14.70 4.78 -8.35
C SER A 21 -13.47 4.51 -7.48
N SER A 22 -12.71 3.48 -7.85
CA SER A 22 -11.51 3.11 -7.10
C SER A 22 -10.26 3.39 -7.92
N GLU A 23 -9.42 4.29 -7.41
CA GLU A 23 -8.17 4.65 -8.09
C GLU A 23 -6.99 3.92 -7.47
N ILE A 24 -6.62 2.78 -8.07
CA ILE A 24 -5.50 1.99 -7.58
C ILE A 24 -4.18 2.50 -8.13
N PHE A 25 -3.24 2.81 -7.23
CA PHE A 25 -1.94 3.31 -7.63
C PHE A 25 -0.86 2.25 -7.37
N THR A 26 -0.15 1.86 -8.42
CA THR A 26 0.91 0.87 -8.30
C THR A 26 2.26 1.53 -8.04
N LEU A 27 2.86 1.19 -6.91
CA LEU A 27 4.15 1.74 -6.54
C LEU A 27 5.17 0.62 -6.31
N LEU A 28 6.40 0.84 -6.79
CA LEU A 28 7.47 -0.14 -6.64
C LEU A 28 8.21 0.07 -5.33
N VAL A 29 7.65 -0.49 -4.25
CA VAL A 29 8.25 -0.36 -2.92
C VAL A 29 9.53 -1.19 -2.82
N GLU A 30 10.48 -0.70 -2.01
CA GLU A 30 11.75 -1.39 -1.83
C GLU A 30 11.81 -2.04 -0.46
N LYS A 31 12.47 -3.19 -0.38
CA LYS A 31 12.60 -3.92 0.87
C LYS A 31 13.54 -3.19 1.83
N VAL A 32 14.16 -2.13 1.33
CA VAL A 32 15.09 -1.34 2.14
C VAL A 32 14.41 -0.07 2.65
N TRP A 33 13.10 -0.15 2.85
CA TRP A 33 12.34 1.00 3.33
C TRP A 33 11.85 0.78 4.76
N ASN A 34 10.99 1.68 5.22
CA ASN A 34 10.42 1.59 6.57
C ASN A 34 8.93 1.89 6.53
N PHE A 35 8.31 1.89 7.70
CA PHE A 35 6.88 2.17 7.81
C PHE A 35 6.57 3.62 7.47
N ASP A 36 7.31 4.54 8.08
CA ASP A 36 7.13 5.96 7.84
C ASP A 36 7.44 6.30 6.39
N ASP A 37 8.44 5.62 5.83
CA ASP A 37 8.84 5.85 4.45
C ASP A 37 7.79 5.33 3.48
N LEU A 38 7.14 4.23 3.86
CA LEU A 38 6.10 3.62 3.03
C LEU A 38 4.92 4.56 2.86
N ILE A 39 4.41 5.07 3.99
CA ILE A 39 3.27 5.98 3.97
C ILE A 39 3.63 7.30 3.28
N MET A 40 4.92 7.63 3.31
CA MET A 40 5.39 8.87 2.69
C MET A 40 5.36 8.77 1.16
N ALA A 41 5.75 7.61 0.65
CA ALA A 41 5.76 7.38 -0.80
C ALA A 41 4.34 7.43 -1.36
N ILE A 42 3.39 6.88 -0.62
CA ILE A 42 1.99 6.87 -1.05
C ILE A 42 1.46 8.30 -1.20
N ASN A 43 1.75 9.14 -0.21
CA ASN A 43 1.32 10.53 -0.25
C ASN A 43 1.92 11.25 -1.44
N SER A 44 3.14 10.86 -1.82
CA SER A 44 3.82 11.46 -2.97
C SER A 44 3.04 11.19 -4.24
N LYS A 45 2.47 9.99 -4.34
CA LYS A 45 1.70 9.60 -5.52
C LYS A 45 0.47 10.51 -5.65
N ILE A 46 -0.15 10.81 -4.52
CA ILE A 46 -1.34 11.65 -4.50
C ILE A 46 -0.99 13.10 -4.83
N SER A 47 0.19 13.53 -4.39
CA SER A 47 0.65 14.89 -4.64
C SER A 47 0.79 15.15 -6.14
N ASN A 48 0.94 14.08 -6.91
CA ASN A 48 1.08 14.20 -8.36
C ASN A 48 -0.23 14.69 -8.98
N THR A 49 -1.34 14.18 -8.48
CA THR A 49 -2.66 14.57 -8.98
C THR A 49 -3.73 14.40 -7.89
N HIS A 50 -4.26 15.52 -7.43
CA HIS A 50 -5.29 15.50 -6.38
C HIS A 50 -6.47 16.37 -6.78
N ASN A 51 -6.22 17.34 -7.65
CA ASN A 51 -7.27 18.25 -8.12
C ASN A 51 -7.87 19.03 -6.94
N ASN A 52 -8.90 18.46 -6.32
CA ASN A 52 -9.56 19.09 -5.20
C ASN A 52 -8.78 18.85 -3.90
N ASN A 53 -7.63 18.19 -4.04
CA ASN A 53 -6.78 17.88 -2.90
C ASN A 53 -7.51 17.02 -1.88
N ILE A 54 -7.34 15.70 -2.00
CA ILE A 54 -7.99 14.76 -1.09
C ILE A 54 -7.19 14.63 0.21
N SER A 55 -7.77 13.93 1.19
CA SER A 55 -7.13 13.74 2.47
C SER A 55 -5.95 12.78 2.36
N PRO A 56 -4.81 13.10 3.01
CA PRO A 56 -3.61 12.25 2.97
C PRO A 56 -3.85 10.87 3.60
N ILE A 57 -2.84 10.02 3.53
CA ILE A 57 -2.94 8.68 4.09
C ILE A 57 -2.42 8.63 5.52
N THR A 58 -3.08 7.85 6.37
CA THR A 58 -2.67 7.72 7.77
C THR A 58 -2.64 6.25 8.19
N LYS A 59 -3.65 5.50 7.77
CA LYS A 59 -3.75 4.08 8.11
C LYS A 59 -4.15 3.26 6.88
N ILE A 60 -3.46 2.14 6.69
CA ILE A 60 -3.74 1.26 5.55
C ILE A 60 -3.71 -0.20 5.98
N LYS A 61 -4.42 -1.04 5.22
CA LYS A 61 -4.47 -2.47 5.52
C LYS A 61 -3.92 -3.29 4.35
N TYR A 62 -2.96 -4.16 4.65
CA TYR A 62 -2.35 -5.00 3.61
C TYR A 62 -2.95 -6.40 3.63
N GLN A 63 -3.14 -6.97 2.44
CA GLN A 63 -3.70 -8.31 2.31
C GLN A 63 -2.74 -9.36 2.89
N ASP A 64 -3.29 -10.31 3.64
CA ASP A 64 -2.49 -11.36 4.25
C ASP A 64 -2.49 -12.61 3.38
N GLU A 65 -1.82 -13.66 3.85
CA GLU A 65 -1.75 -14.92 3.11
C GLU A 65 -3.11 -15.58 3.04
N ASP A 66 -3.97 -15.27 4.01
CA ASP A 66 -5.32 -15.84 4.06
C ASP A 66 -6.27 -15.07 3.16
N GLY A 67 -5.90 -13.82 2.85
CA GLY A 67 -6.73 -13.00 2.00
C GLY A 67 -7.55 -11.99 2.78
N ASP A 68 -7.07 -11.64 3.98
CA ASP A 68 -7.76 -10.68 4.83
C ASP A 68 -6.90 -9.47 5.10
N PHE A 69 -7.46 -8.29 4.88
CA PHE A 69 -6.74 -7.04 5.09
C PHE A 69 -6.46 -6.83 6.58
N VAL A 70 -5.17 -6.83 6.93
CA VAL A 70 -4.76 -6.65 8.31
C VAL A 70 -4.22 -5.24 8.54
N VAL A 71 -4.41 -4.73 9.76
CA VAL A 71 -3.95 -3.40 10.11
C VAL A 71 -2.43 -3.31 10.06
N LEU A 72 -1.93 -2.14 9.65
CA LEU A 72 -0.49 -1.92 9.55
C LEU A 72 -0.12 -0.54 10.10
N GLY A 73 0.29 -0.50 11.38
CA GLY A 73 0.66 0.75 12.00
C GLY A 73 1.91 0.63 12.85
N SER A 74 2.74 -0.35 12.55
CA SER A 74 3.97 -0.58 13.30
C SER A 74 5.10 -0.98 12.36
N ASP A 75 6.34 -0.73 12.79
CA ASP A 75 7.51 -1.07 11.99
C ASP A 75 7.63 -2.58 11.82
N GLU A 76 7.28 -3.33 12.86
CA GLU A 76 7.34 -4.78 12.83
C GLU A 76 6.33 -5.34 11.83
N ASP A 77 5.17 -4.72 11.76
CA ASP A 77 4.12 -5.15 10.84
C ASP A 77 4.63 -5.16 9.41
N TRP A 78 5.37 -4.12 9.04
CA TRP A 78 5.92 -4.01 7.70
C TRP A 78 6.97 -5.10 7.46
N ASN A 79 7.71 -5.42 8.51
CA ASN A 79 8.74 -6.45 8.44
C ASN A 79 8.12 -7.80 8.10
N VAL A 80 6.97 -8.08 8.70
CA VAL A 80 6.26 -9.33 8.47
C VAL A 80 5.72 -9.39 7.04
N ALA A 81 5.38 -8.23 6.49
CA ALA A 81 4.86 -8.14 5.14
C ALA A 81 5.89 -8.62 4.13
N LYS A 82 7.14 -8.21 4.33
CA LYS A 82 8.23 -8.60 3.44
C LYS A 82 8.49 -10.11 3.53
N GLU A 83 8.37 -10.65 4.74
CA GLU A 83 8.59 -12.07 4.96
C GLU A 83 7.40 -12.88 4.45
N MET A 84 6.24 -12.24 4.36
CA MET A 84 5.04 -12.91 3.88
C MET A 84 5.16 -13.23 2.40
N LEU A 85 5.57 -12.24 1.61
CA LEU A 85 5.75 -12.42 0.18
C LEU A 85 7.06 -13.12 -0.12
N ALA A 86 7.94 -13.16 0.87
CA ALA A 86 9.24 -13.81 0.72
C ALA A 86 9.09 -15.32 0.55
N GLU A 87 8.54 -15.97 1.57
CA GLU A 87 8.34 -17.42 1.54
C GLU A 87 7.28 -17.79 0.49
N ASN A 88 6.27 -16.94 0.36
CA ASN A 88 5.20 -17.19 -0.61
C ASN A 88 5.66 -16.90 -2.03
N ASN A 89 6.89 -16.38 -2.15
CA ASN A 89 7.46 -16.06 -3.46
C ASN A 89 6.56 -15.10 -4.23
N GLU A 90 5.77 -14.31 -3.50
CA GLU A 90 4.87 -13.34 -4.12
C GLU A 90 5.65 -12.21 -4.79
N LYS A 91 4.96 -11.12 -5.10
CA LYS A 91 5.58 -9.97 -5.73
C LYS A 91 4.66 -8.75 -5.68
N PHE A 92 3.36 -8.99 -5.63
CA PHE A 92 2.38 -7.92 -5.57
C PHE A 92 1.49 -8.06 -4.33
N LEU A 93 0.93 -6.93 -3.88
CA LEU A 93 0.06 -6.94 -2.71
C LEU A 93 -1.10 -5.97 -2.89
N ASN A 94 -2.26 -6.33 -2.32
CA ASN A 94 -3.45 -5.50 -2.42
C ASN A 94 -3.68 -4.73 -1.11
N ILE A 95 -3.74 -3.41 -1.21
CA ILE A 95 -3.95 -2.57 -0.03
C ILE A 95 -5.24 -1.77 -0.14
N ARG A 96 -5.91 -1.58 0.99
CA ARG A 96 -7.15 -0.82 1.03
C ARG A 96 -6.98 0.47 1.82
N LEU A 97 -7.58 1.55 1.31
CA LEU A 97 -7.49 2.84 1.97
C LEU A 97 -8.66 3.05 2.92
N TYR A 98 -8.41 3.75 4.03
CA TYR A 98 -9.43 4.01 5.02
C TYR A 98 -9.40 5.46 5.48
N GLY A 1 14.23 -1.33 -9.21
CA GLY A 1 14.21 -2.05 -10.51
C GLY A 1 13.87 -3.52 -10.35
N PRO A 2 14.36 -4.38 -11.26
CA PRO A 2 14.10 -5.82 -11.21
C PRO A 2 14.92 -6.53 -10.14
N LEU A 3 15.89 -5.80 -9.57
CA LEU A 3 16.74 -6.36 -8.53
C LEU A 3 15.97 -6.59 -7.24
N GLY A 4 15.14 -5.61 -6.87
CA GLY A 4 14.36 -5.73 -5.66
C GLY A 4 13.25 -4.68 -5.59
N SER A 5 12.02 -5.11 -5.82
CA SER A 5 10.87 -4.20 -5.78
C SER A 5 9.59 -4.96 -5.49
N ILE A 6 8.55 -4.23 -5.09
CA ILE A 6 7.26 -4.83 -4.77
C ILE A 6 6.12 -3.98 -5.30
N LEU A 7 5.28 -4.57 -6.16
CA LEU A 7 4.15 -3.86 -6.73
C LEU A 7 3.08 -3.62 -5.67
N PHE A 8 2.97 -2.38 -5.22
CA PHE A 8 2.01 -2.00 -4.20
C PHE A 8 0.77 -1.34 -4.83
N ARG A 9 -0.38 -1.99 -4.65
CA ARG A 9 -1.63 -1.47 -5.19
C ARG A 9 -2.35 -0.64 -4.15
N ILE A 10 -2.78 0.56 -4.53
CA ILE A 10 -3.48 1.45 -3.61
C ILE A 10 -4.83 1.87 -4.15
N SER A 11 -5.88 1.32 -3.56
CA SER A 11 -7.26 1.63 -4.00
C SER A 11 -7.77 2.89 -3.30
N TYR A 12 -8.46 3.74 -4.07
CA TYR A 12 -9.02 4.97 -3.54
C TYR A 12 -10.46 5.15 -4.00
N ASN A 13 -11.35 5.42 -3.04
CA ASN A 13 -12.76 5.60 -3.34
C ASN A 13 -13.23 6.98 -2.93
N ASN A 14 -14.40 7.37 -3.44
CA ASN A 14 -14.97 8.68 -3.13
C ASN A 14 -16.16 8.55 -2.21
N ASN A 15 -16.93 7.47 -2.39
CA ASN A 15 -18.11 7.23 -1.56
C ASN A 15 -18.26 5.73 -1.27
N SER A 16 -18.32 4.93 -2.34
CA SER A 16 -18.47 3.49 -2.22
C SER A 16 -17.93 2.78 -3.46
N ASN A 17 -18.43 1.57 -3.71
CA ASN A 17 -18.00 0.79 -4.86
C ASN A 17 -18.80 1.17 -6.11
N ASN A 18 -19.42 2.34 -6.08
CA ASN A 18 -20.22 2.82 -7.21
C ASN A 18 -19.32 3.37 -8.31
N THR A 19 -19.91 4.15 -9.21
CA THR A 19 -19.17 4.75 -10.32
C THR A 19 -18.40 3.70 -11.12
N SER A 20 -17.42 4.15 -11.88
CA SER A 20 -16.61 3.25 -12.70
C SER A 20 -15.38 2.76 -11.93
N SER A 21 -15.59 1.78 -11.06
CA SER A 21 -14.50 1.22 -10.25
C SER A 21 -13.79 2.30 -9.44
N SER A 22 -12.65 1.94 -8.87
CA SER A 22 -11.88 2.89 -8.06
C SER A 22 -10.52 3.17 -8.70
N GLU A 23 -9.67 3.91 -8.00
CA GLU A 23 -8.34 4.25 -8.49
C GLU A 23 -7.27 3.42 -7.79
N ILE A 24 -6.50 2.66 -8.57
CA ILE A 24 -5.44 1.84 -8.02
C ILE A 24 -4.08 2.29 -8.53
N PHE A 25 -3.17 2.57 -7.60
CA PHE A 25 -1.82 3.01 -7.95
C PHE A 25 -0.84 1.85 -7.90
N THR A 26 0.28 1.99 -8.59
CA THR A 26 1.31 0.96 -8.62
C THR A 26 2.68 1.53 -8.29
N LEU A 27 3.02 1.53 -7.00
CA LEU A 27 4.31 2.05 -6.55
C LEU A 27 5.27 0.90 -6.24
N LEU A 28 6.47 0.96 -6.81
CA LEU A 28 7.48 -0.07 -6.59
C LEU A 28 8.19 0.15 -5.26
N VAL A 29 7.62 -0.42 -4.20
CA VAL A 29 8.20 -0.29 -2.87
C VAL A 29 9.49 -1.10 -2.75
N GLU A 30 10.53 -0.46 -2.22
CA GLU A 30 11.82 -1.11 -2.05
C GLU A 30 11.95 -1.75 -0.67
N LYS A 31 12.75 -2.80 -0.57
CA LYS A 31 12.94 -3.50 0.70
C LYS A 31 13.76 -2.64 1.66
N VAL A 32 14.60 -1.78 1.11
CA VAL A 32 15.44 -0.91 1.93
C VAL A 32 14.61 0.17 2.62
N TRP A 33 13.35 0.30 2.18
CA TRP A 33 12.45 1.29 2.75
C TRP A 33 11.97 0.87 4.13
N ASN A 34 11.37 1.81 4.85
CA ASN A 34 10.85 1.55 6.18
C ASN A 34 9.35 1.80 6.24
N PHE A 35 8.79 1.83 7.45
CA PHE A 35 7.37 2.07 7.63
C PHE A 35 7.02 3.52 7.28
N ASP A 36 7.82 4.44 7.79
CA ASP A 36 7.60 5.86 7.53
C ASP A 36 7.84 6.20 6.06
N ASP A 37 8.89 5.62 5.49
CA ASP A 37 9.24 5.85 4.10
C ASP A 37 8.16 5.30 3.17
N LEU A 38 7.52 4.20 3.58
CA LEU A 38 6.48 3.58 2.80
C LEU A 38 5.23 4.45 2.76
N ILE A 39 4.72 4.80 3.94
CA ILE A 39 3.53 5.63 4.05
C ILE A 39 3.73 6.98 3.36
N MET A 40 4.98 7.44 3.32
CA MET A 40 5.30 8.71 2.70
C MET A 40 5.19 8.61 1.18
N ALA A 41 5.58 7.46 0.64
CA ALA A 41 5.52 7.23 -0.80
C ALA A 41 4.08 7.23 -1.30
N ILE A 42 3.18 6.72 -0.47
CA ILE A 42 1.76 6.66 -0.82
C ILE A 42 1.16 8.06 -0.83
N ASN A 43 1.38 8.80 0.24
CA ASN A 43 0.85 10.16 0.36
C ASN A 43 1.34 11.03 -0.79
N SER A 44 2.55 10.74 -1.26
CA SER A 44 3.14 11.49 -2.37
C SER A 44 2.42 11.17 -3.68
N LYS A 45 2.02 9.90 -3.83
CA LYS A 45 1.32 9.46 -5.02
C LYS A 45 -0.04 10.17 -5.15
N ILE A 46 -0.67 10.42 -4.00
CA ILE A 46 -1.97 11.08 -3.97
C ILE A 46 -1.82 12.58 -4.24
N SER A 47 -0.74 13.16 -3.76
CA SER A 47 -0.48 14.58 -3.94
C SER A 47 -0.08 14.89 -5.38
N ASN A 48 0.03 13.85 -6.20
CA ASN A 48 0.40 14.01 -7.60
C ASN A 48 -0.77 13.67 -8.52
N THR A 49 -1.54 12.66 -8.15
CA THR A 49 -2.69 12.25 -8.94
C THR A 49 -3.99 12.79 -8.37
N HIS A 50 -5.02 12.88 -9.21
CA HIS A 50 -6.32 13.39 -8.80
C HIS A 50 -6.20 14.79 -8.19
N ASN A 51 -6.20 14.86 -6.86
CA ASN A 51 -6.10 16.14 -6.16
C ASN A 51 -5.31 15.98 -4.86
N ASN A 52 -4.64 17.05 -4.44
CA ASN A 52 -3.85 17.03 -3.21
C ASN A 52 -4.63 17.66 -2.06
N ASN A 53 -5.95 17.57 -2.12
CA ASN A 53 -6.81 18.13 -1.08
C ASN A 53 -7.77 17.08 -0.53
N ILE A 54 -7.23 15.94 -0.13
CA ILE A 54 -8.04 14.85 0.40
C ILE A 54 -7.62 14.52 1.84
N SER A 55 -8.35 13.59 2.45
CA SER A 55 -8.06 13.18 3.82
C SER A 55 -6.71 12.46 3.90
N PRO A 56 -5.97 12.63 5.01
CA PRO A 56 -4.66 11.99 5.19
C PRO A 56 -4.77 10.48 5.30
N ILE A 57 -3.63 9.80 5.31
CA ILE A 57 -3.60 8.35 5.42
C ILE A 57 -3.01 7.90 6.75
N THR A 58 -1.69 7.75 6.79
CA THR A 58 -0.99 7.32 8.00
C THR A 58 -1.53 5.98 8.49
N LYS A 59 -2.24 5.27 7.62
CA LYS A 59 -2.81 3.97 7.96
C LYS A 59 -3.29 3.26 6.70
N ILE A 60 -2.80 2.04 6.50
CA ILE A 60 -3.17 1.25 5.33
C ILE A 60 -3.38 -0.22 5.69
N LYS A 61 -4.24 -0.88 4.94
CA LYS A 61 -4.53 -2.29 5.17
C LYS A 61 -3.89 -3.17 4.10
N TYR A 62 -2.98 -4.04 4.52
CA TYR A 62 -2.29 -4.93 3.59
C TYR A 62 -2.89 -6.34 3.63
N GLN A 63 -3.02 -6.95 2.45
CA GLN A 63 -3.58 -8.30 2.36
C GLN A 63 -2.62 -9.34 2.93
N ASP A 64 -3.08 -10.07 3.94
CA ASP A 64 -2.26 -11.09 4.58
C ASP A 64 -2.20 -12.34 3.71
N GLU A 65 -1.54 -13.38 4.22
CA GLU A 65 -1.40 -14.64 3.48
C GLU A 65 -2.73 -15.38 3.42
N ASP A 66 -3.65 -15.02 4.31
CA ASP A 66 -4.96 -15.65 4.35
C ASP A 66 -5.97 -14.87 3.54
N GLY A 67 -5.49 -13.86 2.81
CA GLY A 67 -6.37 -13.03 2.00
C GLY A 67 -7.28 -12.17 2.84
N ASP A 68 -6.81 -11.76 4.01
CA ASP A 68 -7.59 -10.92 4.91
C ASP A 68 -6.87 -9.60 5.19
N PHE A 69 -7.51 -8.50 4.83
CA PHE A 69 -6.94 -7.16 5.02
C PHE A 69 -6.65 -6.92 6.50
N VAL A 70 -5.39 -6.72 6.84
CA VAL A 70 -4.98 -6.47 8.22
C VAL A 70 -4.43 -5.07 8.38
N VAL A 71 -4.48 -4.55 9.61
CA VAL A 71 -3.98 -3.21 9.91
C VAL A 71 -2.47 -3.18 9.94
N LEU A 72 -1.89 -2.04 9.57
CA LEU A 72 -0.44 -1.88 9.56
C LEU A 72 -0.04 -0.48 10.03
N GLY A 73 0.46 -0.39 11.25
CA GLY A 73 0.88 0.89 11.79
C GLY A 73 2.13 0.79 12.63
N SER A 74 2.80 -0.36 12.56
CA SER A 74 4.02 -0.59 13.33
C SER A 74 5.12 -1.15 12.43
N ASP A 75 6.38 -0.95 12.85
CA ASP A 75 7.53 -1.42 12.10
C ASP A 75 7.53 -2.95 12.02
N GLU A 76 7.00 -3.58 13.07
CA GLU A 76 6.95 -5.04 13.13
C GLU A 76 5.97 -5.58 12.09
N ASP A 77 4.89 -4.85 11.86
CA ASP A 77 3.88 -5.26 10.90
C ASP A 77 4.47 -5.33 9.49
N TRP A 78 5.16 -4.26 9.09
CA TRP A 78 5.78 -4.20 7.78
C TRP A 78 6.82 -5.31 7.61
N ASN A 79 7.47 -5.65 8.73
CA ASN A 79 8.49 -6.69 8.73
C ASN A 79 7.88 -8.04 8.36
N VAL A 80 6.77 -8.37 9.01
CA VAL A 80 6.09 -9.64 8.75
C VAL A 80 5.51 -9.65 7.34
N ALA A 81 5.13 -8.48 6.85
CA ALA A 81 4.56 -8.36 5.51
C ALA A 81 5.53 -8.90 4.46
N LYS A 82 6.80 -8.50 4.58
CA LYS A 82 7.83 -8.95 3.64
C LYS A 82 8.08 -10.45 3.79
N GLU A 83 8.00 -10.92 5.03
CA GLU A 83 8.21 -12.34 5.32
C GLU A 83 7.05 -13.17 4.79
N MET A 84 5.90 -12.53 4.63
CA MET A 84 4.71 -13.19 4.13
C MET A 84 4.81 -13.43 2.63
N LEU A 85 5.32 -12.42 1.91
CA LEU A 85 5.48 -12.52 0.46
C LEU A 85 6.77 -13.23 0.12
N ALA A 86 7.63 -13.43 1.12
CA ALA A 86 8.91 -14.10 0.92
C ALA A 86 8.71 -15.61 0.76
N GLU A 87 7.95 -16.20 1.69
CA GLU A 87 7.69 -17.63 1.65
C GLU A 87 6.47 -17.95 0.79
N ASN A 88 6.01 -16.95 0.04
CA ASN A 88 4.85 -17.11 -0.83
C ASN A 88 5.18 -16.71 -2.27
N ASN A 89 6.45 -16.32 -2.49
CA ASN A 89 6.90 -15.91 -3.81
C ASN A 89 6.05 -14.76 -4.35
N GLU A 90 5.45 -14.00 -3.44
CA GLU A 90 4.61 -12.87 -3.82
C GLU A 90 5.45 -11.62 -4.04
N LYS A 91 5.20 -10.94 -5.16
CA LYS A 91 5.95 -9.74 -5.50
C LYS A 91 5.05 -8.50 -5.45
N PHE A 92 3.74 -8.73 -5.32
CA PHE A 92 2.78 -7.64 -5.25
C PHE A 92 1.92 -7.75 -4.00
N LEU A 93 1.04 -6.77 -3.80
CA LEU A 93 0.16 -6.76 -2.64
C LEU A 93 -0.97 -5.75 -2.81
N ASN A 94 -2.14 -6.08 -2.28
CA ASN A 94 -3.30 -5.20 -2.38
C ASN A 94 -3.50 -4.43 -1.08
N ILE A 95 -3.72 -3.12 -1.20
CA ILE A 95 -3.93 -2.27 -0.04
C ILE A 95 -5.26 -1.53 -0.11
N ARG A 96 -5.93 -1.42 1.03
CA ARG A 96 -7.21 -0.74 1.12
C ARG A 96 -7.11 0.49 2.02
N LEU A 97 -7.85 1.54 1.66
CA LEU A 97 -7.85 2.78 2.43
C LEU A 97 -8.78 2.68 3.63
N TYR A 98 -8.61 3.59 4.58
CA TYR A 98 -9.45 3.61 5.78
C TYR A 98 -10.49 4.71 5.70
N GLY A 1 14.22 1.04 -9.22
CA GLY A 1 14.83 -0.10 -9.95
C GLY A 1 14.00 -1.36 -9.85
N PRO A 2 13.66 -1.99 -10.99
CA PRO A 2 12.85 -3.22 -11.02
C PRO A 2 13.65 -4.44 -10.57
N LEU A 3 14.92 -4.23 -10.25
CA LEU A 3 15.78 -5.31 -9.80
C LEU A 3 15.24 -5.96 -8.54
N GLY A 4 14.63 -5.15 -7.68
CA GLY A 4 14.07 -5.65 -6.44
C GLY A 4 13.02 -4.72 -5.85
N SER A 5 11.78 -4.87 -6.30
CA SER A 5 10.69 -4.04 -5.81
C SER A 5 9.40 -4.85 -5.69
N ILE A 6 8.40 -4.27 -5.04
CA ILE A 6 7.12 -4.94 -4.85
C ILE A 6 5.97 -4.08 -5.39
N LEU A 7 5.14 -4.68 -6.23
CA LEU A 7 4.01 -3.98 -6.81
C LEU A 7 2.94 -3.71 -5.76
N PHE A 8 2.98 -2.53 -5.15
CA PHE A 8 2.02 -2.16 -4.12
C PHE A 8 0.80 -1.47 -4.73
N ARG A 9 -0.36 -2.10 -4.62
CA ARG A 9 -1.59 -1.55 -5.15
C ARG A 9 -2.28 -0.65 -4.12
N ILE A 10 -2.65 0.55 -4.54
CA ILE A 10 -3.32 1.50 -3.65
C ILE A 10 -4.65 1.94 -4.22
N SER A 11 -5.72 1.25 -3.82
CA SER A 11 -7.06 1.57 -4.29
C SER A 11 -7.66 2.70 -3.47
N TYR A 12 -7.80 3.88 -4.10
CA TYR A 12 -8.37 5.04 -3.43
C TYR A 12 -9.70 5.44 -4.06
N ASN A 13 -10.65 5.85 -3.21
CA ASN A 13 -11.96 6.26 -3.68
C ASN A 13 -12.20 7.74 -3.42
N ASN A 14 -12.65 8.45 -4.44
CA ASN A 14 -12.92 9.88 -4.33
C ASN A 14 -14.30 10.13 -3.71
N ASN A 15 -15.22 9.21 -3.94
CA ASN A 15 -16.57 9.32 -3.39
C ASN A 15 -17.04 7.99 -2.80
N SER A 16 -16.48 6.90 -3.31
CA SER A 16 -16.84 5.56 -2.85
C SER A 16 -18.32 5.27 -3.07
N ASN A 17 -18.71 4.01 -2.86
CA ASN A 17 -20.10 3.60 -3.04
C ASN A 17 -20.62 3.99 -4.42
N ASN A 18 -19.78 3.80 -5.43
CA ASN A 18 -20.15 4.14 -6.80
C ASN A 18 -20.57 2.89 -7.57
N THR A 19 -19.62 1.98 -7.75
CA THR A 19 -19.89 0.73 -8.46
C THR A 19 -18.89 -0.35 -8.06
N SER A 20 -17.65 -0.21 -8.53
CA SER A 20 -16.60 -1.18 -8.21
C SER A 20 -15.24 -0.64 -8.61
N SER A 21 -15.21 0.13 -9.71
CA SER A 21 -13.97 0.71 -10.20
C SER A 21 -13.40 1.71 -9.21
N SER A 22 -12.10 1.60 -8.96
CA SER A 22 -11.42 2.50 -8.02
C SER A 22 -10.15 3.08 -8.65
N GLU A 23 -9.36 3.76 -7.83
CA GLU A 23 -8.11 4.36 -8.30
C GLU A 23 -6.90 3.63 -7.72
N ILE A 24 -6.67 2.41 -8.21
CA ILE A 24 -5.56 1.60 -7.75
C ILE A 24 -4.24 2.06 -8.37
N PHE A 25 -3.30 2.47 -7.53
CA PHE A 25 -2.00 2.93 -8.00
C PHE A 25 -0.98 1.80 -7.95
N THR A 26 0.21 2.05 -8.50
CA THR A 26 1.26 1.04 -8.52
C THR A 26 2.61 1.65 -8.15
N LEU A 27 2.97 1.56 -6.87
CA LEU A 27 4.24 2.10 -6.39
C LEU A 27 5.23 0.98 -6.10
N LEU A 28 6.36 1.00 -6.79
CA LEU A 28 7.40 -0.01 -6.61
C LEU A 28 8.13 0.19 -5.29
N VAL A 29 7.64 -0.46 -4.23
CA VAL A 29 8.25 -0.35 -2.92
C VAL A 29 9.52 -1.20 -2.83
N GLU A 30 10.58 -0.61 -2.30
CA GLU A 30 11.85 -1.31 -2.17
C GLU A 30 11.96 -1.99 -0.80
N LYS A 31 12.92 -2.91 -0.67
CA LYS A 31 13.13 -3.62 0.58
C LYS A 31 13.96 -2.79 1.54
N VAL A 32 14.67 -1.80 0.99
CA VAL A 32 15.51 -0.94 1.81
C VAL A 32 14.71 0.24 2.37
N TRP A 33 13.40 0.04 2.49
CA TRP A 33 12.51 1.08 3.01
C TRP A 33 12.06 0.75 4.43
N ASN A 34 11.17 1.58 4.96
CA ASN A 34 10.64 1.38 6.30
C ASN A 34 9.15 1.67 6.33
N PHE A 35 8.56 1.64 7.52
CA PHE A 35 7.14 1.90 7.68
C PHE A 35 6.81 3.36 7.38
N ASP A 36 7.64 4.27 7.92
CA ASP A 36 7.42 5.70 7.71
C ASP A 36 7.68 6.07 6.26
N ASP A 37 8.67 5.43 5.64
CA ASP A 37 9.01 5.70 4.26
C ASP A 37 7.93 5.16 3.32
N LEU A 38 7.31 4.06 3.73
CA LEU A 38 6.26 3.43 2.94
C LEU A 38 5.01 4.30 2.91
N ILE A 39 4.55 4.72 4.10
CA ILE A 39 3.36 5.56 4.21
C ILE A 39 3.58 6.92 3.54
N MET A 40 4.85 7.31 3.43
CA MET A 40 5.21 8.58 2.81
C MET A 40 5.04 8.52 1.29
N ALA A 41 5.36 7.36 0.72
CA ALA A 41 5.24 7.18 -0.73
C ALA A 41 3.79 7.21 -1.19
N ILE A 42 2.93 6.48 -0.48
CA ILE A 42 1.52 6.43 -0.82
C ILE A 42 0.89 7.83 -0.80
N ASN A 43 1.13 8.55 0.29
CA ASN A 43 0.59 9.90 0.44
C ASN A 43 1.10 10.81 -0.66
N SER A 44 2.30 10.51 -1.17
CA SER A 44 2.89 11.31 -2.23
C SER A 44 2.15 11.11 -3.54
N LYS A 45 1.71 9.88 -3.78
CA LYS A 45 0.97 9.54 -4.99
C LYS A 45 -0.38 10.23 -5.01
N ILE A 46 -0.97 10.39 -3.82
CA ILE A 46 -2.28 11.03 -3.70
C ILE A 46 -2.17 12.54 -3.84
N SER A 47 -1.04 13.09 -3.40
CA SER A 47 -0.81 14.53 -3.48
C SER A 47 -0.41 14.93 -4.89
N ASN A 48 -0.32 13.95 -5.79
CA ASN A 48 0.06 14.21 -7.17
C ASN A 48 -1.16 14.55 -8.01
N THR A 49 -2.30 13.97 -7.64
CA THR A 49 -3.55 14.22 -8.36
C THR A 49 -4.33 15.36 -7.72
N HIS A 50 -4.68 15.20 -6.45
CA HIS A 50 -5.42 16.22 -5.71
C HIS A 50 -6.66 16.65 -6.48
N ASN A 51 -7.73 15.87 -6.35
CA ASN A 51 -8.98 16.18 -7.04
C ASN A 51 -10.10 16.44 -6.03
N ASN A 52 -9.83 17.35 -5.09
CA ASN A 52 -10.81 17.69 -4.05
C ASN A 52 -11.12 16.50 -3.17
N ASN A 53 -11.73 16.76 -2.01
CA ASN A 53 -12.10 15.71 -1.08
C ASN A 53 -10.89 14.87 -0.70
N ILE A 54 -9.71 15.49 -0.70
CA ILE A 54 -8.47 14.79 -0.36
C ILE A 54 -8.04 15.11 1.07
N SER A 55 -7.74 14.08 1.83
CA SER A 55 -7.31 14.25 3.22
C SER A 55 -6.09 13.39 3.52
N PRO A 56 -5.22 13.84 4.45
CA PRO A 56 -4.02 13.10 4.83
C PRO A 56 -4.33 11.84 5.62
N ILE A 57 -3.85 10.70 5.13
CA ILE A 57 -4.09 9.42 5.79
C ILE A 57 -2.79 8.83 6.35
N THR A 58 -2.89 8.21 7.51
CA THR A 58 -1.72 7.60 8.15
C THR A 58 -2.03 6.18 8.60
N LYS A 59 -2.93 5.51 7.88
CA LYS A 59 -3.31 4.15 8.20
C LYS A 59 -3.75 3.39 6.95
N ILE A 60 -3.09 2.26 6.69
CA ILE A 60 -3.42 1.44 5.53
C ILE A 60 -3.44 -0.04 5.89
N LYS A 61 -4.27 -0.82 5.20
CA LYS A 61 -4.38 -2.25 5.47
C LYS A 61 -3.85 -3.07 4.29
N TYR A 62 -3.04 -4.07 4.60
CA TYR A 62 -2.47 -4.93 3.56
C TYR A 62 -3.09 -6.33 3.61
N GLN A 63 -3.17 -6.97 2.45
CA GLN A 63 -3.72 -8.31 2.35
C GLN A 63 -2.73 -9.36 2.84
N ASP A 64 -3.21 -10.31 3.64
CA ASP A 64 -2.36 -11.35 4.18
C ASP A 64 -2.62 -12.68 3.48
N GLU A 65 -2.15 -13.77 4.07
CA GLU A 65 -2.32 -15.10 3.51
C GLU A 65 -3.78 -15.54 3.59
N ASP A 66 -4.54 -14.89 4.46
CA ASP A 66 -5.95 -15.21 4.63
C ASP A 66 -6.82 -14.48 3.60
N GLY A 67 -6.20 -13.58 2.86
CA GLY A 67 -6.91 -12.82 1.85
C GLY A 67 -7.64 -11.62 2.42
N ASP A 68 -7.45 -11.38 3.72
CA ASP A 68 -8.08 -10.25 4.39
C ASP A 68 -7.11 -9.11 4.57
N PHE A 69 -7.65 -7.90 4.79
CA PHE A 69 -6.81 -6.72 4.98
C PHE A 69 -6.55 -6.48 6.46
N VAL A 70 -5.31 -6.73 6.89
CA VAL A 70 -4.93 -6.53 8.28
C VAL A 70 -4.38 -5.13 8.52
N VAL A 71 -4.45 -4.68 9.76
CA VAL A 71 -3.96 -3.34 10.12
C VAL A 71 -2.44 -3.30 10.09
N LEU A 72 -1.89 -2.13 9.76
CA LEU A 72 -0.45 -1.95 9.69
C LEU A 72 -0.05 -0.57 10.21
N GLY A 73 0.34 -0.52 11.49
CA GLY A 73 0.73 0.75 12.08
C GLY A 73 1.95 0.60 12.97
N SER A 74 2.81 -0.35 12.64
CA SER A 74 4.03 -0.58 13.41
C SER A 74 5.18 -1.00 12.50
N ASP A 75 6.41 -0.77 12.95
CA ASP A 75 7.59 -1.13 12.17
C ASP A 75 7.69 -2.64 12.00
N GLU A 76 7.27 -3.38 13.02
CA GLU A 76 7.31 -4.83 12.97
C GLU A 76 6.31 -5.37 11.95
N ASP A 77 5.15 -4.75 11.89
CA ASP A 77 4.10 -5.16 10.96
C ASP A 77 4.64 -5.18 9.54
N TRP A 78 5.44 -4.18 9.20
CA TRP A 78 6.03 -4.09 7.86
C TRP A 78 7.07 -5.19 7.67
N ASN A 79 7.80 -5.50 8.74
CA ASN A 79 8.82 -6.53 8.68
C ASN A 79 8.20 -7.88 8.35
N VAL A 80 7.08 -8.18 8.97
CA VAL A 80 6.37 -9.44 8.73
C VAL A 80 5.76 -9.45 7.33
N ALA A 81 5.44 -8.27 6.82
CA ALA A 81 4.85 -8.15 5.49
C ALA A 81 5.82 -8.64 4.42
N LYS A 82 7.08 -8.23 4.54
CA LYS A 82 8.11 -8.64 3.59
C LYS A 82 8.33 -10.14 3.66
N GLU A 83 8.37 -10.67 4.88
CA GLU A 83 8.57 -12.10 5.07
C GLU A 83 7.38 -12.89 4.53
N MET A 84 6.25 -12.21 4.38
CA MET A 84 5.04 -12.84 3.85
C MET A 84 5.22 -13.14 2.36
N LEU A 85 5.58 -12.12 1.59
CA LEU A 85 5.77 -12.28 0.16
C LEU A 85 7.06 -13.05 -0.12
N ALA A 86 7.89 -13.19 0.90
CA ALA A 86 9.16 -13.90 0.77
C ALA A 86 8.93 -15.40 0.68
N GLU A 87 8.37 -15.98 1.74
CA GLU A 87 8.10 -17.41 1.79
C GLU A 87 7.05 -17.80 0.74
N ASN A 88 6.08 -16.92 0.54
CA ASN A 88 5.01 -17.17 -0.43
C ASN A 88 5.52 -16.94 -1.85
N ASN A 89 6.74 -16.44 -1.97
CA ASN A 89 7.35 -16.17 -3.28
C ASN A 89 6.47 -15.20 -4.07
N GLU A 90 5.68 -14.40 -3.36
CA GLU A 90 4.81 -13.43 -3.99
C GLU A 90 5.61 -12.34 -4.70
N LYS A 91 4.91 -11.34 -5.23
CA LYS A 91 5.56 -10.24 -5.92
C LYS A 91 4.80 -8.93 -5.73
N PHE A 92 3.48 -9.04 -5.56
CA PHE A 92 2.63 -7.86 -5.38
C PHE A 92 1.75 -8.02 -4.15
N LEU A 93 1.09 -6.94 -3.75
CA LEU A 93 0.21 -6.96 -2.59
C LEU A 93 -0.90 -5.92 -2.72
N ASN A 94 -2.12 -6.32 -2.40
CA ASN A 94 -3.27 -5.42 -2.48
C ASN A 94 -3.42 -4.61 -1.20
N ILE A 95 -3.51 -3.30 -1.34
CA ILE A 95 -3.66 -2.41 -0.19
C ILE A 95 -4.90 -1.53 -0.32
N ARG A 96 -5.54 -1.24 0.80
CA ARG A 96 -6.74 -0.41 0.81
C ARG A 96 -6.51 0.85 1.62
N LEU A 97 -7.08 1.96 1.16
CA LEU A 97 -6.95 3.24 1.85
C LEU A 97 -8.14 3.48 2.79
N TYR A 98 -7.88 4.19 3.88
CA TYR A 98 -8.92 4.48 4.86
C TYR A 98 -8.84 5.92 5.34
#